data_7UWN
#
_entry.id   7UWN
#
_cell.length_a   1.00
_cell.length_b   1.00
_cell.length_c   1.00
_cell.angle_alpha   90.00
_cell.angle_beta   90.00
_cell.angle_gamma   90.00
#
_symmetry.space_group_name_H-M   'P 1'
#
loop_
_entity.id
_entity.type
_entity.pdbx_description
1 polymer Interleukin-17A
2 polymer 'Interleukin-17 receptor A'
3 polymer 'Isoform 5 of Interleukin-17 receptor C'
4 branched 2-acetamido-2-deoxy-beta-D-glucopyranose-(1-4)-2-acetamido-2-deoxy-beta-D-glucopyranose
5 non-polymer 2-acetamido-2-deoxy-beta-D-glucopyranose
#
loop_
_entity_poly.entity_id
_entity_poly.type
_entity_poly.pdbx_seq_one_letter_code
_entity_poly.pdbx_strand_id
1 'polypeptide(L)'
;GITIPRNPGCPNSEDKNFPRTVMVNLNIHNRNTNTNPKRSSDYYNRSTSPWNLHRNEDPERYPSVIWEAKCRHLGCINAD
GNVDYHMNSVPIQQEILVLRREPPHCPNSFRLEKILVSVGCTCVTPIVHHVAGAPGSALEVLFQGPGAAGLNDIFEAQKI
EWHEHHHHHH
;
A,B,D,E
2 'polypeptide(L)'
;LRLLDHRALVCSQPGLNCTVKNSTCLDDSWIHPRNLTPSSPKDLQIQLHFAHTQQGDLFPVAHIEWTLQTDASILYLEGA
ELSVLQLNTNERLCVRFEFLSKLRHHHRRWRFTFSHFVVDPDQEYEVTVHHLPKPIPDGDPNHQSKNFLVPDCEHARMKV
TTPCMSSGSLWDPNITVETLEAHQLRVSFTLWNESTHYQILLTSFPHMENHSCFEHMHHIPAPRPEEFHQRSNVTLTLRN
LKGCCRHQVQIQPFFSSCLNDCLRHSATVSCPEMPDTPEPIPDYMSAALEVLFQGPGAAEDQVDPRLIDGKHHHHHHHH
;
C,F
3 'polypeptide(L)'
;LERLVGPQDATHCSPGLSCRLWDSDILCLPGDIVPAPGPVLAPTHLQTELVLRCQKETDCDLCLRVAVHLAVHGHWEEPE
DEEKFGGAADLGVEEPRNASLQAQVVLSFQAYPTARCVLLEVQVPAALVQFGQSVGSVVYDCFEAALGSEVRIWSYTQPR
YEKELNHTQQLPDCRGLEVWNSIPSCWALPWLNVSADGDNVHLVLNVSEEQHFGLSLYWNQVQGPPKPRWHKNLTGPQII
TLNHTDLVPCLCIQVWPLEPDSVRTNICPFREDPRAHQNLWQAARLRLLTLQSWLLDAPCSLPAEAALCWRAPGGDPCQP
LVPPLSWENVTVDKVLEFPLLKGHPNLCVQVNSSEKLQLQECLWADSLGPLKDDVLLLETRGPQDNRSLCALEPSGCTSL
PSKASTRAARLGEYLLQDLQSGQCLQLWDDDLGALWACPMDKYIHAAALEVLFQGPGAAEDQVDPRLIDGKHHHHHHHH
;
G
#
# COMPACT_ATOMS: atom_id res chain seq x y z
N PRO A 11 -17.43 -8.04 -43.46
CA PRO A 11 -17.14 -9.47 -43.40
C PRO A 11 -15.65 -9.78 -43.61
N ASN A 12 -15.05 -10.47 -42.64
CA ASN A 12 -13.64 -10.81 -42.69
C ASN A 12 -13.46 -12.27 -42.28
N SER A 13 -12.39 -12.88 -42.77
CA SER A 13 -12.13 -14.28 -42.47
C SER A 13 -10.74 -14.54 -41.91
N GLU A 14 -9.72 -13.83 -42.40
CA GLU A 14 -8.34 -14.05 -41.99
C GLU A 14 -7.68 -12.71 -41.70
N ASP A 15 -6.42 -12.77 -41.26
CA ASP A 15 -5.65 -11.59 -40.91
C ASP A 15 -4.65 -11.29 -42.02
N LYS A 16 -4.85 -10.17 -42.70
CA LYS A 16 -3.97 -9.77 -43.80
C LYS A 16 -4.20 -8.30 -44.12
N ASN A 17 -3.11 -7.60 -44.45
CA ASN A 17 -3.14 -6.19 -44.86
C ASN A 17 -3.81 -5.30 -43.81
N PHE A 18 -3.65 -5.64 -42.54
CA PHE A 18 -4.24 -4.89 -41.44
C PHE A 18 -3.37 -5.05 -40.22
N PRO A 19 -2.62 -4.01 -39.85
CA PRO A 19 -1.68 -4.14 -38.71
C PRO A 19 -2.36 -4.30 -37.36
N ARG A 20 -3.67 -4.06 -37.27
CA ARG A 20 -4.34 -4.09 -35.97
C ARG A 20 -5.65 -4.88 -36.02
N THR A 21 -5.79 -5.80 -36.96
CA THR A 21 -6.92 -6.74 -37.00
C THR A 21 -6.41 -8.07 -36.45
N VAL A 22 -6.85 -8.41 -35.24
CA VAL A 22 -6.34 -9.56 -34.52
C VAL A 22 -7.46 -10.57 -34.30
N MET A 23 -7.07 -11.79 -33.96
CA MET A 23 -7.99 -12.88 -33.68
C MET A 23 -7.95 -13.21 -32.20
N VAL A 24 -9.11 -13.51 -31.63
CA VAL A 24 -9.27 -13.66 -30.19
C VAL A 24 -9.82 -15.06 -29.89
N ASN A 25 -9.60 -15.52 -28.65
CA ASN A 25 -9.98 -16.87 -28.26
C ASN A 25 -10.80 -16.92 -26.97
N LEU A 26 -10.99 -18.11 -26.42
CA LEU A 26 -11.91 -18.36 -25.30
C LEU A 26 -11.16 -18.72 -24.02
N ASN A 27 -10.80 -17.71 -23.24
CA ASN A 27 -10.53 -17.87 -21.81
C ASN A 27 -11.12 -16.67 -21.09
N ILE A 28 -12.37 -16.33 -21.45
CA ILE A 28 -12.96 -15.06 -21.03
C ILE A 28 -13.03 -14.95 -19.52
N HIS A 29 -13.15 -16.08 -18.81
CA HIS A 29 -13.18 -16.11 -17.35
C HIS A 29 -14.29 -15.20 -16.80
N LYS A 38 -21.51 -15.95 -6.20
CA LYS A 38 -22.86 -15.42 -6.21
C LYS A 38 -23.09 -14.50 -5.01
N ARG A 39 -22.36 -13.39 -4.98
CA ARG A 39 -22.46 -12.43 -3.89
C ARG A 39 -22.21 -11.03 -4.47
N SER A 40 -22.11 -10.04 -3.58
CA SER A 40 -21.86 -8.66 -3.95
C SER A 40 -22.92 -8.16 -4.93
N SER A 41 -24.18 -8.29 -4.53
CA SER A 41 -25.31 -7.91 -5.37
C SER A 41 -26.40 -7.17 -4.62
N ASP A 42 -26.12 -6.68 -3.42
CA ASP A 42 -27.12 -5.96 -2.64
C ASP A 42 -26.66 -4.58 -2.18
N TYR A 43 -25.46 -4.14 -2.58
CA TYR A 43 -25.00 -2.82 -2.19
C TYR A 43 -25.80 -1.70 -2.86
N TYR A 44 -26.58 -2.03 -3.90
CA TYR A 44 -27.41 -1.02 -4.55
C TYR A 44 -28.36 -0.35 -3.57
N ASN A 45 -28.70 -1.03 -2.48
CA ASN A 45 -29.47 -0.46 -1.40
C ASN A 45 -28.71 -0.45 -0.08
N ARG A 46 -27.87 -1.46 0.17
CA ARG A 46 -27.20 -1.58 1.45
C ARG A 46 -26.12 -0.52 1.65
N SER A 47 -25.65 0.12 0.59
CA SER A 47 -24.64 1.15 0.72
C SER A 47 -25.24 2.43 1.29
N THR A 48 -24.37 3.28 1.83
CA THR A 48 -24.79 4.58 2.31
C THR A 48 -25.06 5.56 1.16
N SER A 49 -24.59 5.24 -0.04
CA SER A 49 -24.84 6.04 -1.23
C SER A 49 -25.41 5.13 -2.31
N PRO A 50 -26.70 4.81 -2.22
CA PRO A 50 -27.29 3.86 -3.16
C PRO A 50 -27.36 4.40 -4.57
N TRP A 51 -27.34 3.49 -5.53
CA TRP A 51 -27.50 3.84 -6.93
C TRP A 51 -28.52 2.91 -7.58
N ASN A 52 -29.26 3.46 -8.53
CA ASN A 52 -30.25 2.71 -9.30
C ASN A 52 -29.60 2.28 -10.61
N LEU A 53 -29.57 0.98 -10.85
CA LEU A 53 -29.00 0.47 -12.08
C LEU A 53 -29.86 0.90 -13.27
N HIS A 54 -29.21 1.34 -14.34
CA HIS A 54 -29.88 1.73 -15.56
C HIS A 54 -29.52 0.75 -16.66
N ARG A 55 -30.53 0.19 -17.31
CA ARG A 55 -30.29 -0.81 -18.36
C ARG A 55 -29.86 -0.08 -19.63
N ASN A 56 -28.55 0.17 -19.72
CA ASN A 56 -27.97 0.75 -20.93
C ASN A 56 -27.71 -0.40 -21.90
N GLU A 57 -28.77 -0.82 -22.57
CA GLU A 57 -28.73 -1.97 -23.46
C GLU A 57 -28.44 -1.52 -24.88
N ASP A 58 -27.36 -2.04 -25.46
CA ASP A 58 -27.03 -1.80 -26.85
C ASP A 58 -27.10 -3.12 -27.60
N PRO A 59 -27.83 -3.19 -28.72
CA PRO A 59 -27.96 -4.45 -29.45
C PRO A 59 -26.70 -4.87 -30.22
N GLU A 60 -25.59 -4.14 -30.08
CA GLU A 60 -24.37 -4.49 -30.80
C GLU A 60 -23.13 -4.35 -29.93
N ARG A 61 -23.28 -4.27 -28.61
CA ARG A 61 -22.17 -4.01 -27.70
C ARG A 61 -22.14 -5.06 -26.62
N TYR A 62 -20.95 -5.70 -26.43
CA TYR A 62 -20.74 -6.63 -25.32
C TYR A 62 -19.97 -5.92 -24.22
N PRO A 63 -20.46 -5.92 -22.96
CA PRO A 63 -21.67 -6.58 -22.47
C PRO A 63 -22.94 -5.93 -22.99
N SER A 64 -23.97 -6.75 -23.25
CA SER A 64 -25.22 -6.21 -23.80
C SER A 64 -25.90 -5.29 -22.81
N VAL A 65 -25.64 -5.47 -21.51
CA VAL A 65 -26.21 -4.63 -20.47
C VAL A 65 -25.10 -4.17 -19.55
N ILE A 66 -25.05 -2.86 -19.31
CA ILE A 66 -24.14 -2.27 -18.33
C ILE A 66 -24.99 -1.53 -17.30
N TRP A 67 -24.71 -1.77 -16.03
CA TRP A 67 -25.49 -1.20 -14.94
C TRP A 67 -24.79 0.07 -14.48
N GLU A 68 -25.13 1.19 -15.10
CA GLU A 68 -24.58 2.47 -14.70
C GLU A 68 -25.16 2.90 -13.36
N ALA A 69 -24.32 3.49 -12.52
CA ALA A 69 -24.71 3.92 -11.19
C ALA A 69 -25.16 5.37 -11.24
N LYS A 70 -26.45 5.60 -11.02
CA LYS A 70 -27.01 6.94 -10.89
C LYS A 70 -27.33 7.13 -9.41
N CYS A 71 -26.39 7.74 -8.68
CA CYS A 71 -26.54 7.93 -7.25
C CYS A 71 -27.91 8.52 -6.94
N ARG A 72 -28.74 7.72 -6.27
CA ARG A 72 -30.15 8.04 -6.10
C ARG A 72 -30.37 9.26 -5.21
N HIS A 73 -29.56 9.44 -4.18
CA HIS A 73 -29.68 10.59 -3.29
C HIS A 73 -28.35 11.33 -3.25
N LEU A 74 -28.43 12.66 -3.29
CA LEU A 74 -27.22 13.48 -3.33
C LEU A 74 -26.42 13.38 -2.04
N GLY A 75 -27.09 13.10 -0.92
CA GLY A 75 -26.43 12.93 0.36
C GLY A 75 -26.14 11.48 0.68
N CYS A 76 -25.86 11.22 1.95
CA CYS A 76 -25.66 9.87 2.44
C CYS A 76 -26.65 9.58 3.57
N ILE A 77 -27.28 8.41 3.53
CA ILE A 77 -28.27 8.05 4.54
C ILE A 77 -27.55 7.54 5.77
N ASN A 78 -27.80 8.18 6.91
CA ASN A 78 -27.17 7.75 8.17
C ASN A 78 -27.96 6.56 8.74
N ALA A 79 -27.65 6.21 9.99
CA ALA A 79 -28.28 5.05 10.61
C ALA A 79 -29.79 5.23 10.77
N ASP A 80 -30.21 6.46 11.10
CA ASP A 80 -31.62 6.73 11.36
C ASP A 80 -32.50 6.61 10.11
N GLY A 81 -31.91 6.55 8.92
CA GLY A 81 -32.67 6.45 7.69
C GLY A 81 -33.04 7.77 7.06
N ASN A 82 -32.78 8.90 7.72
CA ASN A 82 -33.08 10.21 7.17
C ASN A 82 -31.86 10.72 6.40
N VAL A 83 -32.09 11.17 5.17
CA VAL A 83 -30.98 11.55 4.31
C VAL A 83 -30.34 12.82 4.84
N ASP A 84 -29.02 12.78 5.03
CA ASP A 84 -28.28 13.88 5.62
C ASP A 84 -27.55 14.65 4.53
N TYR A 85 -27.59 15.97 4.63
CA TYR A 85 -26.95 16.87 3.68
C TYR A 85 -25.56 17.31 4.11
N HIS A 86 -25.07 16.81 5.25
CA HIS A 86 -23.72 17.14 5.70
C HIS A 86 -22.63 16.40 4.95
N MET A 87 -22.95 15.50 4.01
CA MET A 87 -21.89 14.71 3.45
C MET A 87 -22.40 14.03 2.18
N ASN A 88 -21.70 14.25 1.07
CA ASN A 88 -22.21 14.05 -0.28
C ASN A 88 -21.67 12.77 -0.90
N SER A 89 -22.24 12.42 -2.05
CA SER A 89 -21.92 11.20 -2.77
C SER A 89 -21.59 11.50 -4.22
N VAL A 90 -20.55 10.84 -4.74
CA VAL A 90 -20.07 11.09 -6.10
C VAL A 90 -19.87 9.75 -6.80
N PRO A 91 -20.33 9.62 -8.04
CA PRO A 91 -20.15 8.35 -8.75
C PRO A 91 -18.69 8.03 -9.04
N ILE A 92 -18.38 6.74 -9.03
CA ILE A 92 -17.09 6.24 -9.48
C ILE A 92 -17.29 5.72 -10.89
N GLN A 93 -16.91 6.52 -11.88
CA GLN A 93 -16.88 6.07 -13.26
C GLN A 93 -15.55 5.37 -13.53
N GLN A 94 -15.51 4.63 -14.63
CA GLN A 94 -14.29 3.98 -15.05
C GLN A 94 -14.34 3.70 -16.54
N GLU A 95 -13.24 3.99 -17.22
CA GLU A 95 -13.10 3.63 -18.62
C GLU A 95 -13.03 2.11 -18.76
N ILE A 96 -13.83 1.58 -19.68
CA ILE A 96 -13.84 0.15 -19.97
C ILE A 96 -13.76 -0.03 -21.48
N LEU A 97 -13.35 -1.21 -21.89
CA LEU A 97 -13.25 -1.57 -23.29
C LEU A 97 -14.44 -2.46 -23.66
N VAL A 98 -15.16 -2.07 -24.70
CA VAL A 98 -16.32 -2.82 -25.17
C VAL A 98 -16.17 -3.08 -26.65
N LEU A 99 -16.86 -4.11 -27.12
CA LEU A 99 -16.72 -4.61 -28.47
C LEU A 99 -18.00 -4.29 -29.24
N ARG A 100 -18.01 -3.15 -29.91
CA ARG A 100 -19.11 -2.77 -30.78
C ARG A 100 -18.90 -3.36 -32.16
N ARG A 101 -19.95 -3.91 -32.74
CA ARG A 101 -19.84 -4.60 -34.01
C ARG A 101 -19.53 -3.63 -35.14
N GLU A 102 -18.61 -4.02 -36.01
CA GLU A 102 -18.31 -3.29 -37.24
C GLU A 102 -17.52 -4.19 -38.18
N PRO A 103 -17.88 -4.24 -39.47
CA PRO A 103 -19.06 -3.61 -40.09
C PRO A 103 -20.31 -4.44 -39.81
N PRO A 104 -21.44 -3.80 -39.48
CA PRO A 104 -22.69 -4.53 -39.22
C PRO A 104 -23.35 -5.00 -40.50
N PRO A 107 -21.23 -12.67 -39.57
CA PRO A 107 -19.89 -12.92 -39.06
C PRO A 107 -19.69 -12.40 -37.64
N ASN A 108 -18.48 -12.55 -37.10
CA ASN A 108 -18.15 -12.10 -35.76
C ASN A 108 -16.95 -11.16 -35.85
N SER A 109 -17.21 -9.86 -35.87
CA SER A 109 -16.17 -8.85 -35.85
C SER A 109 -16.52 -7.78 -34.82
N PHE A 110 -15.50 -7.14 -34.28
CA PHE A 110 -15.69 -6.18 -33.20
C PHE A 110 -14.59 -5.12 -33.25
N ARG A 111 -14.84 -4.01 -32.56
CA ARG A 111 -13.89 -2.93 -32.43
C ARG A 111 -14.00 -2.35 -31.02
N LEU A 112 -12.85 -2.05 -30.42
CA LEU A 112 -12.84 -1.63 -29.04
C LEU A 112 -13.42 -0.24 -28.88
N GLU A 113 -13.69 0.12 -27.63
CA GLU A 113 -14.10 1.47 -27.26
C GLU A 113 -13.54 1.77 -25.88
N LYS A 114 -13.56 3.05 -25.53
CA LYS A 114 -13.18 3.51 -24.19
C LYS A 114 -14.35 4.35 -23.69
N ILE A 115 -15.32 3.70 -23.09
CA ILE A 115 -16.54 4.35 -22.65
C ILE A 115 -16.50 4.51 -21.13
N LEU A 116 -16.98 5.65 -20.65
CA LEU A 116 -16.88 6.00 -19.24
C LEU A 116 -18.20 5.67 -18.52
N VAL A 117 -18.44 4.37 -18.36
CA VAL A 117 -19.58 3.96 -17.55
C VAL A 117 -19.27 4.17 -16.08
N SER A 118 -20.33 4.17 -15.27
CA SER A 118 -20.23 4.33 -13.83
C SER A 118 -20.52 3.01 -13.17
N VAL A 119 -19.63 2.57 -12.29
CA VAL A 119 -19.72 1.27 -11.65
C VAL A 119 -20.40 1.37 -10.29
N GLY A 120 -19.94 2.27 -9.44
CA GLY A 120 -20.48 2.37 -8.10
C GLY A 120 -20.81 3.77 -7.67
N CYS A 121 -20.93 3.99 -6.36
CA CYS A 121 -21.22 5.33 -5.85
C CYS A 121 -20.68 5.40 -4.43
N THR A 122 -19.51 6.03 -4.27
CA THR A 122 -18.88 6.20 -2.97
C THR A 122 -19.21 7.57 -2.44
N CYS A 123 -19.56 7.65 -1.17
CA CYS A 123 -20.04 8.90 -0.59
C CYS A 123 -18.95 9.50 0.29
N VAL A 124 -18.74 10.82 0.13
CA VAL A 124 -17.54 11.51 0.59
C VAL A 124 -17.91 12.65 1.53
N THR A 125 -17.00 12.94 2.46
CA THR A 125 -17.14 14.13 3.29
C THR A 125 -16.90 15.38 2.44
N PRO A 126 -17.73 16.42 2.58
CA PRO A 126 -17.56 17.62 1.73
C PRO A 126 -16.32 18.40 2.11
N ILE A 127 -15.84 19.18 1.15
CA ILE A 127 -14.70 20.06 1.36
C ILE A 127 -15.21 21.32 2.06
N VAL A 128 -14.67 21.59 3.25
CA VAL A 128 -15.14 22.68 4.10
C VAL A 128 -14.05 23.75 4.15
N HIS A 129 -14.43 24.98 3.85
CA HIS A 129 -13.57 26.14 3.99
C HIS A 129 -14.15 27.02 5.09
N HIS A 130 -13.34 27.26 6.12
CA HIS A 130 -13.78 28.08 7.24
C HIS A 130 -13.55 29.55 6.92
N VAL A 131 -13.77 30.42 7.91
CA VAL A 131 -13.60 31.85 7.72
C VAL A 131 -13.38 32.54 9.05
N PRO B 19 -17.71 -15.69 -29.25
CA PRO B 19 -17.52 -17.14 -29.36
C PRO B 19 -16.06 -17.55 -29.30
N ARG B 20 -15.71 -18.59 -30.07
CA ARG B 20 -14.35 -19.12 -30.03
C ARG B 20 -13.38 -18.19 -30.73
N THR B 21 -13.56 -17.99 -32.03
CA THR B 21 -12.69 -17.14 -32.83
C THR B 21 -13.47 -15.92 -33.32
N VAL B 22 -13.04 -14.74 -32.89
CA VAL B 22 -13.62 -13.49 -33.34
C VAL B 22 -12.47 -12.58 -33.80
N MET B 23 -12.80 -11.66 -34.71
CA MET B 23 -11.82 -10.75 -35.29
C MET B 23 -12.06 -9.36 -34.72
N VAL B 24 -11.15 -8.90 -33.87
CA VAL B 24 -11.29 -7.63 -33.18
C VAL B 24 -10.26 -6.66 -33.76
N ASN B 25 -10.74 -5.55 -34.32
CA ASN B 25 -9.88 -4.52 -34.89
C ASN B 25 -9.44 -3.58 -33.78
N LEU B 26 -8.15 -3.61 -33.45
CA LEU B 26 -7.63 -2.89 -32.28
C LEU B 26 -7.53 -1.39 -32.49
N ASN B 27 -8.09 -0.85 -33.57
CA ASN B 27 -8.14 0.60 -33.74
C ASN B 27 -9.18 1.17 -32.80
N ILE B 28 -8.77 1.46 -31.56
CA ILE B 28 -9.73 1.81 -30.52
C ILE B 28 -10.45 3.09 -30.89
N HIS B 29 -11.78 3.07 -30.82
CA HIS B 29 -12.62 4.22 -31.08
C HIS B 29 -13.01 4.80 -29.73
N ASN B 30 -12.45 5.96 -29.39
CA ASN B 30 -12.64 6.55 -28.08
C ASN B 30 -13.98 7.25 -28.02
N ARG B 31 -14.92 6.69 -27.25
CA ARG B 31 -16.22 7.31 -27.00
C ARG B 31 -16.29 7.90 -25.60
N ASN B 32 -15.14 8.24 -25.02
CA ASN B 32 -15.10 9.05 -23.81
C ASN B 32 -14.93 10.52 -24.13
N THR B 33 -15.38 10.94 -25.31
CA THR B 33 -15.21 12.32 -25.79
C THR B 33 -16.29 13.19 -25.16
N ASN B 34 -16.12 13.45 -23.86
CA ASN B 34 -17.02 14.31 -23.13
C ASN B 34 -16.33 14.70 -21.83
N THR B 35 -16.93 15.67 -21.12
CA THR B 35 -16.42 16.15 -19.84
C THR B 35 -14.95 16.56 -19.93
N ASN B 36 -14.60 17.27 -21.00
CA ASN B 36 -13.24 17.81 -21.12
C ASN B 36 -12.97 18.89 -20.06
N PRO B 37 -13.98 19.60 -19.54
CA PRO B 37 -13.73 20.39 -18.32
C PRO B 37 -13.63 19.47 -17.10
N LYS B 38 -13.35 20.08 -15.96
CA LYS B 38 -13.10 19.34 -14.73
C LYS B 38 -14.42 18.93 -14.09
N ARG B 39 -14.67 17.62 -14.03
CA ARG B 39 -15.85 17.08 -13.37
C ARG B 39 -15.48 15.87 -12.54
N SER B 40 -14.33 15.94 -11.85
CA SER B 40 -13.84 14.80 -11.08
C SER B 40 -12.92 15.32 -9.99
N SER B 41 -12.67 14.45 -9.00
CA SER B 41 -11.75 14.75 -7.91
C SER B 41 -11.21 13.44 -7.37
N ASP B 42 -10.43 13.52 -6.30
CA ASP B 42 -9.83 12.35 -5.67
C ASP B 42 -10.34 12.24 -4.24
N TYR B 43 -11.23 11.27 -4.02
CA TYR B 43 -11.83 11.05 -2.70
C TYR B 43 -11.42 9.71 -2.10
N TYR B 44 -10.26 9.18 -2.49
CA TYR B 44 -9.74 7.97 -1.86
C TYR B 44 -9.56 8.18 -0.36
N ASN B 45 -9.25 9.40 0.05
CA ASN B 45 -8.91 9.71 1.44
C ASN B 45 -10.07 10.31 2.22
N ARG B 46 -10.88 11.15 1.59
CA ARG B 46 -11.98 11.81 2.28
C ARG B 46 -13.17 10.89 2.53
N SER B 47 -13.30 9.82 1.76
CA SER B 47 -14.46 8.94 1.86
C SER B 47 -14.47 8.22 3.21
N THR B 48 -15.68 7.91 3.69
CA THR B 48 -15.82 7.16 4.93
C THR B 48 -15.45 5.69 4.77
N SER B 49 -15.26 5.21 3.55
CA SER B 49 -14.72 3.87 3.31
C SER B 49 -13.51 4.01 2.40
N PRO B 50 -12.40 4.52 2.93
CA PRO B 50 -11.25 4.81 2.08
C PRO B 50 -10.68 3.56 1.45
N TRP B 51 -10.18 3.72 0.21
CA TRP B 51 -9.51 2.64 -0.49
C TRP B 51 -8.13 3.10 -0.93
N ASN B 52 -7.13 2.29 -0.64
CA ASN B 52 -5.77 2.55 -1.06
C ASN B 52 -5.54 1.89 -2.42
N LEU B 53 -5.14 2.69 -3.40
CA LEU B 53 -5.02 2.20 -4.76
C LEU B 53 -3.90 1.16 -4.86
N HIS B 54 -4.09 0.22 -5.77
CA HIS B 54 -3.15 -0.86 -6.00
C HIS B 54 -2.77 -0.89 -7.47
N ARG B 55 -1.50 -1.19 -7.74
CA ARG B 55 -0.95 -1.14 -9.08
C ARG B 55 -0.95 -2.54 -9.69
N ASN B 56 -1.66 -2.72 -10.78
CA ASN B 56 -1.72 -3.99 -11.50
C ASN B 56 -0.84 -3.85 -12.74
N GLU B 57 0.26 -4.60 -12.77
CA GLU B 57 1.23 -4.52 -13.86
C GLU B 57 1.26 -5.83 -14.62
N ASP B 58 1.17 -5.74 -15.94
CA ASP B 58 1.18 -6.93 -16.77
C ASP B 58 1.61 -6.59 -18.19
N PRO B 59 2.90 -6.73 -18.52
CA PRO B 59 3.36 -6.44 -19.88
C PRO B 59 2.84 -7.39 -20.94
N GLU B 60 1.99 -8.36 -20.60
CA GLU B 60 1.43 -9.27 -21.58
C GLU B 60 -0.02 -8.96 -21.92
N ARG B 61 -0.57 -7.90 -21.34
CA ARG B 61 -2.00 -7.63 -21.39
C ARG B 61 -2.25 -6.16 -21.74
N TYR B 62 -3.31 -5.91 -22.51
CA TYR B 62 -3.79 -4.55 -22.71
C TYR B 62 -5.10 -4.37 -21.96
N PRO B 63 -5.19 -3.47 -20.99
CA PRO B 63 -4.15 -2.53 -20.53
C PRO B 63 -3.03 -3.20 -19.74
N SER B 64 -1.81 -2.68 -19.86
CA SER B 64 -0.69 -3.22 -19.11
C SER B 64 -0.71 -2.78 -17.65
N VAL B 65 -1.30 -1.62 -17.35
CA VAL B 65 -1.38 -1.11 -15.99
C VAL B 65 -2.82 -0.75 -15.68
N ILE B 66 -3.34 -1.27 -14.57
CA ILE B 66 -4.65 -0.89 -14.03
C ILE B 66 -4.46 -0.55 -12.56
N TRP B 67 -4.98 0.59 -12.14
CA TRP B 67 -4.84 1.03 -10.76
C TRP B 67 -6.13 0.67 -10.02
N GLU B 68 -6.22 -0.60 -9.62
CA GLU B 68 -7.33 -1.07 -8.82
C GLU B 68 -7.13 -0.60 -7.38
N ALA B 69 -7.99 -1.05 -6.47
CA ALA B 69 -8.01 -0.52 -5.11
C ALA B 69 -8.06 -1.66 -4.09
N LYS B 70 -8.01 -1.26 -2.82
CA LYS B 70 -8.19 -2.15 -1.69
C LYS B 70 -8.64 -1.30 -0.51
N CYS B 71 -9.63 -1.78 0.24
CA CYS B 71 -10.18 -0.97 1.30
C CYS B 71 -9.17 -0.78 2.43
N ARG B 72 -9.46 0.20 3.29
CA ARG B 72 -8.58 0.53 4.40
C ARG B 72 -9.08 -0.03 5.72
N HIS B 73 -10.37 -0.31 5.85
CA HIS B 73 -10.92 -0.79 7.10
C HIS B 73 -12.02 -1.81 6.80
N LEU B 74 -12.72 -2.23 7.85
CA LEU B 74 -13.83 -3.16 7.72
C LEU B 74 -15.18 -2.47 7.91
N GLY B 75 -15.20 -1.13 7.87
CA GLY B 75 -16.44 -0.40 8.01
C GLY B 75 -16.25 1.05 7.61
N CYS B 76 -17.25 1.86 7.91
CA CYS B 76 -17.16 3.29 7.66
C CYS B 76 -16.47 3.95 8.87
N ILE B 77 -16.47 5.27 8.90
CA ILE B 77 -15.90 6.04 10.00
C ILE B 77 -16.96 7.02 10.49
N ASN B 78 -17.09 7.12 11.81
CA ASN B 78 -18.08 8.01 12.40
C ASN B 78 -17.60 9.46 12.31
N ALA B 79 -18.46 10.39 12.71
CA ALA B 79 -18.13 11.80 12.66
C ALA B 79 -16.95 12.15 13.56
N ASP B 80 -16.66 11.32 14.56
CA ASP B 80 -15.53 11.56 15.45
C ASP B 80 -14.19 11.25 14.80
N GLY B 81 -14.19 10.59 13.63
CA GLY B 81 -12.97 10.24 12.95
C GLY B 81 -12.38 8.89 13.32
N ASN B 82 -12.97 8.19 14.28
CA ASN B 82 -12.51 6.87 14.66
C ASN B 82 -13.20 5.80 13.82
N VAL B 83 -12.51 4.67 13.65
CA VAL B 83 -13.05 3.59 12.83
C VAL B 83 -14.30 3.02 13.50
N ASP B 84 -15.35 2.83 12.71
CA ASP B 84 -16.62 2.30 13.20
C ASP B 84 -16.87 0.92 12.60
N TYR B 85 -17.35 0.00 13.43
CA TYR B 85 -17.61 -1.38 13.03
C TYR B 85 -19.08 -1.64 12.73
N HIS B 86 -19.92 -0.60 12.73
CA HIS B 86 -21.35 -0.79 12.56
C HIS B 86 -21.73 -1.20 11.15
N MET B 87 -20.88 -0.91 10.17
CA MET B 87 -21.17 -1.23 8.77
C MET B 87 -19.94 -1.90 8.15
N ASN B 88 -20.06 -2.26 6.87
CA ASN B 88 -19.05 -3.05 6.18
C ASN B 88 -18.53 -2.28 4.97
N SER B 89 -17.24 -1.97 4.97
CA SER B 89 -16.58 -1.44 3.77
C SER B 89 -16.33 -2.58 2.81
N VAL B 90 -16.93 -2.54 1.64
CA VAL B 90 -16.79 -3.61 0.67
C VAL B 90 -16.31 -3.03 -0.65
N PRO B 91 -15.48 -3.76 -1.41
CA PRO B 91 -14.93 -3.18 -2.64
C PRO B 91 -15.85 -3.31 -3.84
N ILE B 92 -16.25 -2.18 -4.41
CA ILE B 92 -16.97 -2.19 -5.68
C ILE B 92 -16.06 -2.79 -6.74
N GLN B 93 -16.58 -3.75 -7.49
CA GLN B 93 -15.78 -4.47 -8.46
C GLN B 93 -16.53 -4.56 -9.79
N GLN B 94 -15.78 -4.59 -10.87
CA GLN B 94 -16.34 -4.63 -12.22
C GLN B 94 -15.79 -5.82 -12.98
N GLU B 95 -16.33 -6.01 -14.18
CA GLU B 95 -16.00 -7.16 -15.02
C GLU B 95 -15.30 -6.69 -16.29
N ILE B 96 -14.31 -5.83 -16.14
CA ILE B 96 -13.64 -5.23 -17.29
C ILE B 96 -13.07 -6.32 -18.19
N LEU B 97 -13.29 -6.16 -19.49
CA LEU B 97 -12.65 -7.01 -20.48
C LEU B 97 -11.23 -6.52 -20.75
N VAL B 98 -10.27 -7.43 -20.67
CA VAL B 98 -8.89 -7.12 -21.01
C VAL B 98 -8.41 -8.14 -22.03
N LEU B 99 -7.50 -7.70 -22.90
CA LEU B 99 -6.89 -8.56 -23.90
C LEU B 99 -5.52 -9.02 -23.41
N ARG B 100 -5.16 -10.25 -23.75
CA ARG B 100 -3.87 -10.80 -23.35
C ARG B 100 -3.19 -11.45 -24.54
N ARG B 101 -1.85 -11.37 -24.55
CA ARG B 101 -1.04 -11.87 -25.64
C ARG B 101 -0.68 -13.32 -25.37
N GLU B 102 -1.08 -14.21 -26.27
CA GLU B 102 -0.85 -15.63 -26.07
C GLU B 102 0.61 -15.98 -26.33
N PRO B 103 1.15 -16.97 -25.62
CA PRO B 103 2.46 -17.51 -25.96
C PRO B 103 2.44 -18.16 -27.34
N PRO B 104 3.61 -18.33 -27.97
CA PRO B 104 3.62 -18.78 -29.37
C PRO B 104 3.00 -20.15 -29.58
N HIS B 105 3.01 -21.02 -28.57
CA HIS B 105 2.40 -22.35 -28.69
C HIS B 105 0.89 -22.27 -28.43
N CYS B 106 0.21 -21.53 -29.30
CA CYS B 106 -1.24 -21.37 -29.24
C CYS B 106 -1.73 -20.96 -30.62
N PRO B 107 -2.83 -21.54 -31.11
CA PRO B 107 -3.31 -21.18 -32.46
C PRO B 107 -3.65 -19.70 -32.61
N ASN B 108 -4.17 -19.08 -31.56
CA ASN B 108 -4.53 -17.67 -31.59
C ASN B 108 -3.50 -16.87 -30.80
N SER B 109 -3.00 -15.78 -31.40
CA SER B 109 -1.98 -14.98 -30.74
C SER B 109 -2.52 -14.09 -29.64
N PHE B 110 -3.83 -13.82 -29.64
CA PHE B 110 -4.43 -12.91 -28.69
C PHE B 110 -5.68 -13.55 -28.11
N ARG B 111 -6.07 -13.07 -26.92
CA ARG B 111 -7.15 -13.68 -26.17
C ARG B 111 -7.81 -12.62 -25.31
N LEU B 112 -9.12 -12.76 -25.11
CA LEU B 112 -9.91 -11.83 -24.31
C LEU B 112 -10.25 -12.48 -22.98
N GLU B 113 -9.93 -11.79 -21.90
CA GLU B 113 -10.20 -12.30 -20.56
C GLU B 113 -10.89 -11.21 -19.76
N LYS B 114 -11.96 -11.58 -19.07
CA LYS B 114 -12.59 -10.69 -18.11
C LYS B 114 -11.98 -10.94 -16.73
N ILE B 115 -11.81 -9.87 -15.97
CA ILE B 115 -11.28 -9.95 -14.62
C ILE B 115 -12.15 -9.11 -13.70
N LEU B 116 -12.05 -9.41 -12.40
CA LEU B 116 -12.76 -8.67 -11.36
C LEU B 116 -11.75 -7.82 -10.62
N VAL B 117 -11.85 -6.50 -10.77
CA VAL B 117 -10.91 -5.56 -10.19
C VAL B 117 -11.66 -4.58 -9.31
N SER B 118 -11.03 -4.17 -8.22
CA SER B 118 -11.64 -3.24 -7.28
C SER B 118 -11.55 -1.83 -7.87
N VAL B 119 -12.69 -1.32 -8.32
CA VAL B 119 -12.75 -0.01 -8.96
C VAL B 119 -13.10 1.05 -7.92
N GLY B 120 -13.22 0.63 -6.67
CA GLY B 120 -13.62 1.53 -5.61
C GLY B 120 -13.92 0.72 -4.37
N CYS B 121 -14.36 1.44 -3.33
CA CYS B 121 -14.66 0.74 -2.08
C CYS B 121 -15.65 1.58 -1.28
N THR B 122 -16.89 1.11 -1.21
CA THR B 122 -17.98 1.74 -0.47
C THR B 122 -18.19 1.05 0.85
N CYS B 123 -18.96 1.70 1.73
CA CYS B 123 -19.34 1.12 3.01
C CYS B 123 -20.85 0.88 3.02
N VAL B 124 -21.26 -0.33 3.42
CA VAL B 124 -22.63 -0.79 3.24
C VAL B 124 -23.19 -1.32 4.56
N THR B 125 -24.51 -1.32 4.64
CA THR B 125 -25.21 -1.84 5.80
C THR B 125 -25.04 -3.36 5.88
N PRO B 126 -24.82 -3.91 7.06
CA PRO B 126 -24.69 -5.37 7.18
C PRO B 126 -25.96 -6.10 6.78
N ILE B 127 -25.79 -7.33 6.29
CA ILE B 127 -26.94 -8.13 5.86
C ILE B 127 -27.86 -8.41 7.04
N VAL B 128 -27.29 -8.79 8.18
CA VAL B 128 -28.05 -9.09 9.38
C VAL B 128 -27.43 -8.34 10.55
N HIS B 129 -28.29 -7.76 11.38
CA HIS B 129 -27.83 -6.98 12.53
C HIS B 129 -27.16 -7.87 13.57
N LEU C 1 -8.54 14.79 -19.13
CA LEU C 1 -7.49 14.22 -19.95
C LEU C 1 -7.67 14.59 -21.42
N ARG C 2 -6.89 15.55 -21.89
CA ARG C 2 -7.01 16.03 -23.27
C ARG C 2 -5.74 16.77 -23.64
N LEU C 3 -5.59 17.02 -24.94
CA LEU C 3 -4.53 17.87 -25.45
C LEU C 3 -4.99 19.33 -25.44
N LEU C 4 -4.02 20.22 -25.27
CA LEU C 4 -4.35 21.63 -25.15
C LEU C 4 -4.78 22.23 -26.48
N ASP C 5 -4.31 21.67 -27.59
CA ASP C 5 -4.67 22.17 -28.91
C ASP C 5 -4.43 21.07 -29.94
N HIS C 6 -5.07 21.22 -31.10
CA HIS C 6 -4.89 20.32 -32.21
C HIS C 6 -4.02 20.94 -33.30
N ARG C 7 -3.16 21.87 -32.91
CA ARG C 7 -2.27 22.55 -33.84
C ARG C 7 -1.10 21.64 -34.20
N ALA C 8 -0.10 22.19 -34.87
CA ALA C 8 1.12 21.44 -35.14
C ALA C 8 1.85 21.19 -33.84
N LEU C 9 2.03 19.91 -33.49
CA LEU C 9 2.71 19.52 -32.26
C LEU C 9 4.12 19.02 -32.54
N VAL C 10 4.81 19.63 -33.50
CA VAL C 10 6.12 19.14 -33.92
C VAL C 10 7.10 19.26 -32.78
N CYS C 11 7.84 18.19 -32.52
CA CYS C 11 8.87 18.14 -31.49
C CYS C 11 10.27 18.41 -32.04
N SER C 12 10.35 19.13 -33.15
CA SER C 12 11.61 19.24 -33.89
C SER C 12 12.72 19.84 -33.03
N GLN C 13 13.87 19.19 -33.06
CA GLN C 13 15.10 19.63 -32.43
C GLN C 13 16.22 19.44 -33.43
N PRO C 14 17.36 20.13 -33.26
CA PRO C 14 18.44 20.03 -34.27
C PRO C 14 18.83 18.61 -34.63
N GLY C 15 18.57 18.23 -35.88
CA GLY C 15 18.93 16.92 -36.37
C GLY C 15 17.92 15.82 -36.15
N LEU C 16 16.66 16.16 -35.88
CA LEU C 16 15.62 15.17 -35.61
C LEU C 16 14.37 15.49 -36.42
N ASN C 17 13.83 14.47 -37.08
CA ASN C 17 12.64 14.59 -37.91
C ASN C 17 11.38 14.12 -37.19
N CYS C 18 11.33 14.23 -35.86
CA CYS C 18 10.23 13.67 -35.11
C CYS C 18 8.94 14.42 -35.34
N THR C 19 7.84 13.66 -35.46
CA THR C 19 6.50 14.21 -35.59
C THR C 19 5.61 13.56 -34.55
N VAL C 20 4.98 14.38 -33.71
CA VAL C 20 4.04 13.86 -32.72
C VAL C 20 2.81 13.34 -33.45
N LYS C 21 2.40 12.12 -33.12
CA LYS C 21 1.31 11.45 -33.79
C LYS C 21 0.16 11.18 -32.81
N ASN C 22 -1.06 11.23 -33.35
CA ASN C 22 -2.22 10.73 -32.62
C ASN C 22 -2.18 9.22 -32.60
N SER C 23 -2.63 8.64 -31.49
CA SER C 23 -2.59 7.19 -31.37
C SER C 23 -3.61 6.74 -30.32
N THR C 24 -4.26 5.62 -30.59
CA THR C 24 -4.76 4.80 -29.51
C THR C 24 -3.57 4.18 -28.77
N CYS C 25 -3.77 3.89 -27.49
CA CYS C 25 -2.62 3.73 -26.62
C CYS C 25 -2.13 2.28 -26.59
N LEU C 26 -2.42 1.54 -27.66
CA LEU C 26 -1.84 0.23 -27.93
C LEU C 26 -0.89 0.35 -29.12
N ASP C 27 0.27 -0.27 -29.03
CA ASP C 27 1.25 -0.16 -30.11
C ASP C 27 1.18 -1.34 -31.07
N ASP C 28 1.74 -1.12 -32.26
CA ASP C 28 1.94 -2.21 -33.21
C ASP C 28 3.06 -3.14 -32.77
N SER C 29 3.96 -2.66 -31.91
CA SER C 29 4.96 -3.54 -31.31
C SER C 29 4.32 -4.51 -30.32
N TRP C 30 3.29 -4.06 -29.61
CA TRP C 30 2.51 -4.94 -28.75
C TRP C 30 1.90 -6.08 -29.56
N ILE C 31 1.35 -5.76 -30.73
CA ILE C 31 0.73 -6.76 -31.57
C ILE C 31 1.78 -7.62 -32.26
N HIS C 32 2.77 -6.99 -32.89
CA HIS C 32 3.81 -7.70 -33.64
C HIS C 32 5.18 -7.21 -33.18
N PRO C 33 5.73 -7.81 -32.14
CA PRO C 33 7.03 -7.36 -31.63
C PRO C 33 8.17 -7.76 -32.54
N ARG C 34 9.28 -7.04 -32.40
CA ARG C 34 10.52 -7.33 -33.10
C ARG C 34 11.58 -7.74 -32.09
N ASN C 35 12.54 -8.55 -32.55
CA ASN C 35 13.52 -9.13 -31.64
C ASN C 35 14.36 -8.08 -30.94
N LEU C 36 14.80 -7.07 -31.69
CA LEU C 36 15.79 -6.13 -31.21
C LEU C 36 15.11 -4.91 -30.60
N THR C 37 15.55 -4.52 -29.40
CA THR C 37 14.82 -3.48 -28.68
C THR C 37 15.76 -2.39 -28.17
N PRO C 38 15.31 -1.14 -28.18
CA PRO C 38 16.07 -0.06 -27.54
C PRO C 38 15.99 -0.12 -26.02
N SER C 39 16.50 0.92 -25.36
CA SER C 39 16.59 0.95 -23.91
C SER C 39 15.50 1.84 -23.32
N SER C 40 15.51 1.94 -22.00
CA SER C 40 14.53 2.71 -21.26
C SER C 40 14.94 4.18 -21.18
N PRO C 41 13.99 5.08 -20.94
CA PRO C 41 14.34 6.49 -20.80
C PRO C 41 15.08 6.76 -19.49
N LYS C 42 15.70 7.93 -19.44
CA LYS C 42 16.47 8.37 -18.28
C LYS C 42 16.09 9.77 -17.90
N ASP C 43 16.10 10.05 -16.59
CA ASP C 43 15.86 11.38 -16.04
C ASP C 43 14.53 11.96 -16.52
N LEU C 44 13.48 11.13 -16.52
CA LEU C 44 12.15 11.58 -16.91
C LEU C 44 11.50 12.30 -15.74
N GLN C 45 11.13 13.56 -15.95
CA GLN C 45 10.49 14.36 -14.92
C GLN C 45 9.27 15.06 -15.48
N ILE C 46 8.30 15.32 -14.61
CA ILE C 46 7.09 16.04 -14.95
C ILE C 46 6.95 17.22 -14.00
N GLN C 47 6.64 18.39 -14.57
CA GLN C 47 6.52 19.62 -13.80
C GLN C 47 5.18 20.28 -14.10
N LEU C 48 4.75 21.13 -13.16
CA LEU C 48 3.49 21.85 -13.28
C LEU C 48 3.68 23.03 -14.23
N HIS C 49 3.06 22.97 -15.40
CA HIS C 49 3.16 24.02 -16.40
C HIS C 49 1.78 24.56 -16.75
N PHE C 50 1.70 25.87 -16.97
CA PHE C 50 0.49 26.54 -17.43
C PHE C 50 0.71 26.97 -18.87
N ALA C 51 -0.27 26.73 -19.73
CA ALA C 51 -0.18 27.13 -21.13
C ALA C 51 -1.49 27.76 -21.56
N HIS C 52 -1.39 28.93 -22.20
CA HIS C 52 -2.56 29.63 -22.69
C HIS C 52 -3.06 28.99 -23.98
N THR C 53 -4.09 29.59 -24.57
CA THR C 53 -4.64 29.14 -25.83
C THR C 53 -4.90 30.36 -26.70
N GLN C 54 -5.57 30.14 -27.83
CA GLN C 54 -5.95 31.23 -28.74
C GLN C 54 -7.21 31.95 -28.29
N GLN C 55 -7.84 31.50 -27.21
CA GLN C 55 -9.05 32.12 -26.71
C GLN C 55 -8.89 32.64 -25.28
N GLY C 56 -7.67 32.68 -24.76
CA GLY C 56 -7.43 33.18 -23.42
C GLY C 56 -7.63 32.19 -22.31
N ASP C 57 -7.78 30.90 -22.62
CA ASP C 57 -7.93 29.88 -21.59
C ASP C 57 -6.58 29.57 -20.95
N LEU C 58 -6.62 29.30 -19.65
CA LEU C 58 -5.43 28.97 -18.88
C LEU C 58 -5.55 27.53 -18.40
N PHE C 59 -4.75 26.64 -18.97
CA PHE C 59 -4.80 25.22 -18.68
C PHE C 59 -3.53 24.79 -17.96
N PRO C 60 -3.63 24.09 -16.83
CA PRO C 60 -2.45 23.40 -16.30
C PRO C 60 -2.06 22.24 -17.21
N VAL C 61 -0.75 22.16 -17.51
CA VAL C 61 -0.25 21.19 -18.47
C VAL C 61 0.90 20.42 -17.84
N ALA C 62 1.14 19.22 -18.38
CA ALA C 62 2.20 18.34 -17.91
C ALA C 62 3.39 18.45 -18.86
N HIS C 63 4.53 18.90 -18.33
CA HIS C 63 5.76 19.01 -19.11
C HIS C 63 6.61 17.78 -18.85
N ILE C 64 6.91 17.04 -19.92
CA ILE C 64 7.60 15.76 -19.86
C ILE C 64 9.01 15.96 -20.39
N GLU C 65 10.01 15.70 -19.55
CA GLU C 65 11.42 15.95 -19.87
C GLU C 65 12.20 14.66 -19.63
N TRP C 66 12.55 13.94 -20.69
CA TRP C 66 13.29 12.70 -20.55
C TRP C 66 14.47 12.68 -21.51
N THR C 67 15.50 11.94 -21.13
CA THR C 67 16.78 11.92 -21.84
C THR C 67 17.08 10.51 -22.34
N LEU C 68 17.51 10.42 -23.59
CA LEU C 68 17.91 9.14 -24.16
C LEU C 68 19.12 8.58 -23.45
N GLN C 69 19.26 7.26 -23.51
CA GLN C 69 20.40 6.59 -22.91
C GLN C 69 21.60 6.61 -23.86
N THR C 70 22.80 6.64 -23.26
CA THR C 70 24.04 6.73 -24.03
C THR C 70 24.37 5.44 -24.77
N ASP C 71 23.90 4.30 -24.27
CA ASP C 71 24.24 3.01 -24.84
C ASP C 71 23.87 2.94 -26.31
N ALA C 72 24.45 1.97 -27.01
CA ALA C 72 24.37 1.87 -28.45
C ALA C 72 23.10 1.21 -28.94
N SER C 73 22.07 1.13 -28.10
CA SER C 73 20.76 0.62 -28.50
C SER C 73 19.90 1.69 -29.15
N ILE C 74 20.38 2.93 -29.21
CA ILE C 74 19.65 4.01 -29.86
C ILE C 74 19.46 3.76 -31.34
N LEU C 75 20.35 2.96 -31.95
CA LEU C 75 20.27 2.70 -33.38
C LEU C 75 18.98 2.00 -33.78
N TYR C 76 18.28 1.37 -32.83
CA TYR C 76 17.01 0.70 -33.10
C TYR C 76 15.84 1.40 -32.41
N LEU C 77 15.99 2.66 -32.05
CA LEU C 77 14.96 3.41 -31.35
C LEU C 77 14.11 4.16 -32.36
N GLU C 78 12.82 3.81 -32.42
CA GLU C 78 11.89 4.41 -33.36
C GLU C 78 10.88 5.34 -32.70
N GLY C 79 11.08 5.68 -31.44
CA GLY C 79 10.22 6.67 -30.81
C GLY C 79 9.80 6.35 -29.39
N ALA C 80 9.00 7.23 -28.79
CA ALA C 80 8.46 7.00 -27.45
C ALA C 80 6.98 7.32 -27.45
N GLU C 81 6.18 6.44 -26.87
CA GLU C 81 4.77 6.69 -26.62
C GLU C 81 4.58 7.24 -25.21
N LEU C 82 3.79 8.29 -25.09
CA LEU C 82 3.52 8.88 -23.79
C LEU C 82 2.24 8.31 -23.21
N SER C 83 1.92 8.73 -21.99
CA SER C 83 0.71 8.29 -21.32
C SER C 83 0.50 9.15 -20.07
N VAL C 84 -0.75 9.47 -19.79
CA VAL C 84 -1.15 10.17 -18.57
C VAL C 84 -2.37 9.43 -18.04
N LEU C 85 -2.17 8.55 -17.07
CA LEU C 85 -3.21 7.65 -16.58
C LEU C 85 -3.85 8.24 -15.33
N GLN C 86 -5.18 8.29 -15.34
CA GLN C 86 -5.92 8.86 -14.21
C GLN C 86 -5.83 7.96 -12.99
N LEU C 87 -5.98 8.56 -11.80
CA LEU C 87 -5.89 7.80 -10.57
C LEU C 87 -7.20 7.09 -10.25
N ASN C 88 -8.27 7.86 -10.02
CA ASN C 88 -9.56 7.26 -9.68
C ASN C 88 -10.27 6.68 -10.89
N THR C 89 -9.75 6.90 -12.08
CA THR C 89 -10.32 6.36 -13.31
C THR C 89 -9.26 5.53 -14.02
N ASN C 90 -9.61 4.98 -15.16
CA ASN C 90 -8.70 4.22 -16.02
C ASN C 90 -8.69 4.81 -17.43
N GLU C 91 -8.70 6.13 -17.52
CA GLU C 91 -8.63 6.82 -18.80
C GLU C 91 -7.18 7.01 -19.20
N ARG C 92 -6.86 6.70 -20.45
CA ARG C 92 -5.51 6.83 -20.95
C ARG C 92 -5.51 7.61 -22.25
N LEU C 93 -4.68 8.64 -22.32
CA LEU C 93 -4.33 9.30 -23.57
C LEU C 93 -2.87 9.03 -23.84
N CYS C 94 -2.56 8.55 -25.05
CA CYS C 94 -1.22 8.11 -25.39
C CYS C 94 -0.90 8.60 -26.80
N VAL C 95 0.06 9.51 -26.91
CA VAL C 95 0.51 10.07 -28.18
C VAL C 95 1.85 9.47 -28.55
N ARG C 96 2.13 9.44 -29.85
CA ARG C 96 3.26 8.71 -30.40
C ARG C 96 4.27 9.66 -31.03
N PHE C 97 5.54 9.28 -30.95
CA PHE C 97 6.64 10.01 -31.56
C PHE C 97 7.22 9.14 -32.68
N GLU C 98 6.87 9.46 -33.91
CA GLU C 98 7.42 8.74 -35.07
C GLU C 98 8.68 9.46 -35.49
N PHE C 99 9.82 9.04 -34.93
CA PHE C 99 11.11 9.57 -35.33
C PHE C 99 11.38 9.16 -36.78
N LEU C 100 11.31 10.12 -37.70
CA LEU C 100 11.55 9.80 -39.11
C LEU C 100 13.04 9.60 -39.38
N SER C 101 13.89 10.34 -38.69
CA SER C 101 15.33 10.19 -38.86
C SER C 101 15.86 9.10 -37.94
N LYS C 102 16.89 8.40 -38.41
CA LYS C 102 17.51 7.31 -37.65
C LYS C 102 18.68 7.88 -36.86
N LEU C 103 18.50 8.01 -35.54
CA LEU C 103 19.58 8.47 -34.68
C LEU C 103 20.74 7.48 -34.74
N ARG C 104 21.95 8.01 -34.90
CA ARG C 104 23.14 7.16 -34.98
C ARG C 104 24.31 7.71 -34.19
N HIS C 105 24.15 8.80 -33.45
CA HIS C 105 25.26 9.40 -32.72
C HIS C 105 24.76 9.90 -31.38
N HIS C 106 25.70 10.13 -30.48
CA HIS C 106 25.43 10.61 -29.13
C HIS C 106 26.36 11.75 -28.77
N HIS C 107 26.51 12.71 -29.70
CA HIS C 107 27.44 13.81 -29.50
C HIS C 107 26.99 14.77 -28.40
N ARG C 108 25.70 14.77 -28.05
CA ARG C 108 25.20 15.68 -27.04
C ARG C 108 24.07 15.00 -26.27
N ARG C 109 23.81 15.51 -25.07
CA ARG C 109 22.73 14.99 -24.24
C ARG C 109 21.39 15.51 -24.76
N TRP C 110 20.48 14.59 -25.08
CA TRP C 110 19.18 14.95 -25.62
C TRP C 110 18.21 15.20 -24.47
N ARG C 111 17.60 16.38 -24.46
CA ARG C 111 16.52 16.69 -23.54
C ARG C 111 15.23 16.80 -24.35
N PHE C 112 14.29 15.90 -24.09
CA PHE C 112 13.09 15.75 -24.88
C PHE C 112 11.90 16.36 -24.14
N THR C 113 11.03 17.05 -24.88
CA THR C 113 9.94 17.80 -24.27
C THR C 113 8.60 17.42 -24.89
N PHE C 114 7.57 17.48 -24.06
CA PHE C 114 6.17 17.41 -24.51
C PHE C 114 5.33 18.06 -23.44
N SER C 115 4.63 19.13 -23.79
CA SER C 115 3.89 19.95 -22.83
C SER C 115 2.50 20.25 -23.35
N HIS C 116 1.78 19.22 -23.78
CA HIS C 116 0.43 19.38 -24.32
C HIS C 116 -0.55 18.40 -23.68
N PHE C 117 -0.37 18.08 -22.40
CA PHE C 117 -1.27 17.22 -21.65
C PHE C 117 -2.00 18.05 -20.62
N VAL C 118 -3.29 18.29 -20.85
CA VAL C 118 -4.09 19.07 -19.91
C VAL C 118 -4.42 18.22 -18.70
N VAL C 119 -4.22 18.79 -17.51
CA VAL C 119 -4.49 18.08 -16.26
C VAL C 119 -5.56 18.84 -15.49
N ASP C 120 -5.94 18.31 -14.32
CA ASP C 120 -7.02 18.85 -13.52
C ASP C 120 -6.55 19.11 -12.09
N PRO C 121 -7.12 20.09 -11.42
CA PRO C 121 -6.73 20.36 -10.03
C PRO C 121 -7.18 19.27 -9.08
N ASP C 122 -6.44 19.16 -7.97
CA ASP C 122 -6.75 18.20 -6.91
C ASP C 122 -6.85 16.77 -7.47
N GLN C 123 -5.99 16.49 -8.44
CA GLN C 123 -6.04 15.23 -9.18
C GLN C 123 -4.63 14.70 -9.34
N GLU C 124 -4.50 13.38 -9.34
CA GLU C 124 -3.22 12.71 -9.44
C GLU C 124 -3.22 11.76 -10.63
N TYR C 125 -2.13 11.76 -11.38
CA TYR C 125 -2.01 10.95 -12.59
C TYR C 125 -0.80 10.02 -12.47
N GLU C 126 -0.49 9.32 -13.56
CA GLU C 126 0.72 8.51 -13.63
C GLU C 126 1.24 8.60 -15.05
N VAL C 127 2.38 9.26 -15.23
CA VAL C 127 2.96 9.54 -16.54
C VAL C 127 4.07 8.53 -16.81
N THR C 128 4.06 7.95 -18.00
CA THR C 128 5.06 6.96 -18.37
C THR C 128 5.52 7.18 -19.81
N VAL C 129 6.81 6.97 -20.02
CA VAL C 129 7.42 7.05 -21.34
C VAL C 129 7.96 5.67 -21.69
N HIS C 130 7.64 5.20 -22.89
CA HIS C 130 7.92 3.83 -23.30
C HIS C 130 8.51 3.88 -24.71
N HIS C 131 9.81 3.63 -24.82
CA HIS C 131 10.49 3.68 -26.10
C HIS C 131 9.94 2.58 -27.02
N LEU C 132 10.22 2.72 -28.30
CA LEU C 132 9.68 1.78 -29.28
C LEU C 132 10.80 1.17 -30.10
N PRO C 133 10.65 -0.09 -30.54
CA PRO C 133 9.54 -1.02 -30.30
C PRO C 133 9.46 -1.57 -28.87
N LYS C 134 8.34 -2.23 -28.57
CA LYS C 134 8.14 -2.88 -27.30
C LYS C 134 9.02 -4.11 -27.18
N PRO C 135 9.33 -4.55 -25.96
CA PRO C 135 10.18 -5.72 -25.78
C PRO C 135 9.46 -7.00 -26.18
N ILE C 136 10.25 -8.06 -26.30
CA ILE C 136 9.71 -9.41 -26.52
C ILE C 136 9.07 -9.87 -25.23
N PRO C 137 8.18 -10.87 -25.26
CA PRO C 137 7.54 -11.31 -24.01
C PRO C 137 8.57 -11.75 -22.97
N ASP C 138 8.28 -11.44 -21.71
CA ASP C 138 9.17 -11.72 -20.59
C ASP C 138 10.52 -11.04 -20.78
N GLY C 139 10.49 -9.77 -21.22
CA GLY C 139 11.68 -8.99 -21.43
C GLY C 139 11.84 -7.88 -20.41
N ASP C 140 12.84 -7.04 -20.65
CA ASP C 140 13.12 -5.91 -19.78
C ASP C 140 12.03 -4.85 -19.93
N PRO C 141 11.83 -4.01 -18.91
CA PRO C 141 10.70 -3.06 -18.95
C PRO C 141 10.71 -2.12 -20.16
N ASN C 142 11.88 -1.60 -20.54
CA ASN C 142 12.02 -0.70 -21.70
C ASN C 142 11.15 0.55 -21.55
N HIS C 143 10.87 0.96 -20.32
CA HIS C 143 10.11 2.18 -20.12
C HIS C 143 10.30 2.66 -18.69
N GLN C 144 9.89 3.91 -18.45
CA GLN C 144 9.99 4.53 -17.14
C GLN C 144 8.64 5.15 -16.80
N SER C 145 8.26 5.07 -15.53
CA SER C 145 6.98 5.55 -15.05
C SER C 145 7.20 6.55 -13.92
N LYS C 146 6.28 7.48 -13.78
CA LYS C 146 6.30 8.41 -12.65
C LYS C 146 4.87 8.79 -12.30
N ASN C 147 4.69 9.22 -11.05
CA ASN C 147 3.41 9.65 -10.55
C ASN C 147 3.32 11.17 -10.64
N PHE C 148 2.27 11.68 -11.26
CA PHE C 148 2.08 13.12 -11.42
C PHE C 148 0.92 13.56 -10.53
N LEU C 149 1.24 14.33 -9.48
CA LEU C 149 0.24 14.94 -8.62
C LEU C 149 0.04 16.39 -9.03
N VAL C 150 -1.18 16.73 -9.40
CA VAL C 150 -1.56 18.10 -9.75
C VAL C 150 -2.22 18.73 -8.52
N PRO C 151 -1.72 19.85 -8.01
CA PRO C 151 -2.29 20.40 -6.77
C PRO C 151 -3.70 20.93 -6.94
N ASP C 152 -4.29 21.43 -5.86
CA ASP C 152 -5.67 21.86 -5.84
C ASP C 152 -5.77 23.38 -5.98
N CYS C 153 -7.01 23.87 -5.97
CA CYS C 153 -7.27 25.29 -6.20
C CYS C 153 -6.71 26.17 -5.08
N GLU C 154 -6.43 25.61 -3.91
CA GLU C 154 -5.85 26.40 -2.83
C GLU C 154 -4.46 26.92 -3.19
N HIS C 155 -3.79 26.27 -4.14
CA HIS C 155 -2.54 26.80 -4.65
C HIS C 155 -2.78 28.15 -5.33
N ALA C 156 -1.91 29.11 -5.05
CA ALA C 156 -2.08 30.45 -5.60
C ALA C 156 -2.00 30.47 -7.12
N ARG C 157 -1.34 29.48 -7.72
CA ARG C 157 -1.22 29.42 -9.17
C ARG C 157 -2.38 28.68 -9.82
N MET C 158 -2.86 27.61 -9.18
CA MET C 158 -3.99 26.86 -9.71
C MET C 158 -5.27 27.69 -9.70
N LYS C 159 -5.39 28.62 -8.76
CA LYS C 159 -6.66 29.29 -8.48
C LYS C 159 -7.20 30.06 -9.67
N VAL C 160 -6.36 30.39 -10.65
CA VAL C 160 -6.74 31.27 -11.74
C VAL C 160 -6.90 30.52 -13.06
N THR C 161 -6.68 29.22 -13.07
CA THR C 161 -6.95 28.44 -14.27
C THR C 161 -8.44 28.30 -14.48
N THR C 162 -8.84 28.05 -15.73
CA THR C 162 -10.25 27.92 -16.05
C THR C 162 -10.89 26.75 -15.28
N PRO C 163 -10.14 25.66 -14.98
CA PRO C 163 -10.62 24.72 -13.96
C PRO C 163 -11.11 25.37 -12.68
N CYS C 164 -10.23 26.14 -12.04
CA CYS C 164 -10.56 26.74 -10.75
C CYS C 164 -11.38 28.01 -10.87
N MET C 165 -11.57 28.55 -12.07
CA MET C 165 -12.51 29.66 -12.22
C MET C 165 -13.92 29.14 -12.44
N SER C 166 -14.06 28.03 -13.17
CA SER C 166 -15.39 27.43 -13.36
C SER C 166 -15.92 26.80 -12.08
N SER C 167 -15.05 26.54 -11.11
CA SER C 167 -15.45 25.96 -9.83
C SER C 167 -15.53 27.00 -8.72
N GLY C 168 -15.39 28.27 -9.06
CA GLY C 168 -15.56 29.32 -8.06
C GLY C 168 -14.53 29.30 -6.95
N SER C 169 -13.27 29.07 -7.29
CA SER C 169 -12.21 29.18 -6.29
C SER C 169 -12.01 30.62 -5.84
N LEU C 170 -12.07 31.55 -6.79
CA LEU C 170 -11.90 32.97 -6.49
C LEU C 170 -13.10 33.56 -5.76
N TRP C 171 -14.19 32.81 -5.64
CA TRP C 171 -15.38 33.29 -4.96
C TRP C 171 -15.05 33.72 -3.54
N ASP C 172 -15.59 34.87 -3.13
CA ASP C 172 -15.35 35.42 -1.81
C ASP C 172 -16.70 35.76 -1.16
N PRO C 173 -17.49 34.75 -0.83
CA PRO C 173 -18.79 34.98 -0.16
C PRO C 173 -18.64 35.04 1.36
N ASN C 174 -18.18 36.17 1.86
CA ASN C 174 -17.98 36.30 3.31
C ASN C 174 -19.36 36.31 3.98
N ILE C 175 -19.73 35.17 4.57
CA ILE C 175 -21.05 34.98 5.14
C ILE C 175 -21.02 35.43 6.60
N THR C 176 -22.05 36.17 7.01
CA THR C 176 -22.19 36.63 8.37
C THR C 176 -23.62 36.37 8.85
N VAL C 177 -23.78 36.31 10.17
CA VAL C 177 -25.07 36.13 10.79
C VAL C 177 -25.31 37.27 11.78
N GLU C 178 -26.58 37.53 12.06
CA GLU C 178 -26.98 38.54 13.02
C GLU C 178 -28.00 37.95 13.97
N THR C 179 -27.87 38.29 15.25
CA THR C 179 -28.74 37.75 16.30
C THR C 179 -30.16 38.27 16.09
N LEU C 180 -31.05 37.41 15.62
CA LEU C 180 -32.46 37.71 15.45
C LEU C 180 -33.29 36.66 16.19
N GLU C 181 -34.61 36.75 16.02
CA GLU C 181 -35.52 35.84 16.71
C GLU C 181 -36.03 34.76 15.75
N LEU C 185 -32.50 34.14 13.42
CA LEU C 185 -31.27 34.67 12.83
C LEU C 185 -31.48 35.02 11.36
N ARG C 186 -30.54 35.78 10.80
CA ARG C 186 -30.56 36.12 9.38
C ARG C 186 -29.17 35.88 8.81
N VAL C 187 -29.11 35.20 7.67
CA VAL C 187 -27.86 34.83 7.04
C VAL C 187 -27.79 35.49 5.67
N SER C 188 -26.72 36.25 5.43
CA SER C 188 -26.53 36.98 4.19
C SER C 188 -25.26 36.51 3.50
N PHE C 189 -25.36 36.20 2.21
CA PHE C 189 -24.21 35.78 1.43
C PHE C 189 -24.36 36.30 0.00
N THR C 190 -23.23 36.36 -0.70
CA THR C 190 -23.15 36.94 -2.03
C THR C 190 -23.00 35.83 -3.06
N LEU C 191 -23.81 35.89 -4.11
CA LEU C 191 -23.87 34.84 -5.12
C LEU C 191 -22.70 34.99 -6.09
N TRP C 192 -22.76 34.27 -7.20
CA TRP C 192 -21.65 34.16 -8.13
C TRP C 192 -22.19 34.13 -9.55
N ASN C 193 -21.28 34.23 -10.51
CA ASN C 193 -21.65 34.25 -11.92
C ASN C 193 -22.04 32.88 -12.44
N GLU C 194 -23.13 32.31 -11.91
CA GLU C 194 -23.59 31.02 -12.40
C GLU C 194 -25.08 30.87 -12.08
N SER C 195 -25.78 30.16 -12.96
CA SER C 195 -27.21 29.90 -12.79
C SER C 195 -27.43 28.51 -12.17
N THR C 196 -26.95 28.35 -10.95
CA THR C 196 -27.12 27.11 -10.19
C THR C 196 -27.65 27.44 -8.81
N HIS C 197 -28.55 26.61 -8.32
CA HIS C 197 -29.21 26.88 -7.04
C HIS C 197 -28.20 26.73 -5.90
N TYR C 198 -28.52 27.40 -4.79
CA TYR C 198 -27.66 27.41 -3.62
C TYR C 198 -28.36 26.73 -2.46
N GLN C 199 -27.56 26.09 -1.60
CA GLN C 199 -28.06 25.16 -0.58
C GLN C 199 -27.49 25.53 0.79
N ILE C 200 -28.26 26.29 1.56
CA ILE C 200 -27.85 26.67 2.90
C ILE C 200 -28.19 25.54 3.87
N LEU C 201 -27.22 25.14 4.67
CA LEU C 201 -27.42 24.12 5.70
C LEU C 201 -27.13 24.74 7.07
N LEU C 202 -28.10 24.65 7.98
CA LEU C 202 -27.99 25.23 9.31
C LEU C 202 -28.21 24.17 10.37
N THR C 203 -27.27 24.06 11.30
CA THR C 203 -27.39 23.17 12.45
C THR C 203 -26.94 23.92 13.70
N SER C 204 -27.43 23.48 14.85
CA SER C 204 -27.14 24.12 16.12
C SER C 204 -26.41 23.16 17.04
N PHE C 205 -25.31 23.62 17.63
CA PHE C 205 -24.54 22.86 18.62
C PHE C 205 -24.57 23.63 19.94
N PRO C 206 -25.36 23.19 20.93
CA PRO C 206 -25.40 23.92 22.21
C PRO C 206 -24.06 23.98 22.91
N HIS C 207 -23.21 22.98 22.74
CA HIS C 207 -21.97 22.86 23.48
C HIS C 207 -20.98 22.08 22.62
N MET C 208 -19.73 22.00 23.08
CA MET C 208 -18.73 21.22 22.37
C MET C 208 -18.86 19.72 22.62
N GLU C 209 -20.01 19.28 23.13
CA GLU C 209 -20.31 17.86 23.24
C GLU C 209 -20.72 17.25 21.91
N ASN C 210 -20.80 18.05 20.85
CA ASN C 210 -21.13 17.60 19.50
C ASN C 210 -22.53 16.96 19.46
N HIS C 211 -23.52 17.79 19.77
CA HIS C 211 -24.93 17.40 19.73
C HIS C 211 -25.67 18.27 18.73
N SER C 212 -26.37 17.64 17.79
CA SER C 212 -27.15 18.35 16.78
C SER C 212 -28.57 18.52 17.31
N CYS C 213 -28.72 19.51 18.20
CA CYS C 213 -30.02 19.75 18.82
C CYS C 213 -31.06 20.18 17.81
N PHE C 214 -30.70 21.08 16.89
CA PHE C 214 -31.63 21.60 15.90
C PHE C 214 -30.95 21.67 14.55
N GLU C 215 -31.68 21.30 13.51
CA GLU C 215 -31.17 21.34 12.14
C GLU C 215 -32.24 21.96 11.24
N HIS C 216 -31.79 22.77 10.29
CA HIS C 216 -32.71 23.44 9.38
C HIS C 216 -32.05 23.54 8.01
N MET C 217 -32.86 23.34 6.97
CA MET C 217 -32.41 23.41 5.58
C MET C 217 -33.26 24.43 4.83
N HIS C 218 -32.60 25.26 4.02
CA HIS C 218 -33.27 26.21 3.15
C HIS C 218 -32.63 26.18 1.78
N HIS C 219 -33.42 26.51 0.77
CA HIS C 219 -32.98 26.42 -0.63
C HIS C 219 -33.12 27.78 -1.29
N ILE C 220 -32.03 28.29 -1.84
CA ILE C 220 -32.02 29.55 -2.58
C ILE C 220 -32.01 29.20 -4.07
N PRO C 221 -32.99 29.65 -4.85
CA PRO C 221 -33.10 29.21 -6.25
C PRO C 221 -31.99 29.73 -7.14
N ALA C 222 -32.02 29.36 -8.41
CA ALA C 222 -31.03 29.84 -9.36
C ALA C 222 -31.22 31.34 -9.56
N PRO C 223 -30.19 32.16 -9.30
CA PRO C 223 -30.39 33.61 -9.34
C PRO C 223 -30.56 34.13 -10.77
N ARG C 224 -31.37 35.18 -10.89
CA ARG C 224 -31.60 35.83 -12.17
C ARG C 224 -30.39 36.70 -12.54
N PRO C 225 -30.25 37.05 -13.82
CA PRO C 225 -29.07 37.82 -14.23
C PRO C 225 -28.88 39.12 -13.46
N GLU C 226 -29.96 39.75 -13.00
CA GLU C 226 -29.85 41.01 -12.29
C GLU C 226 -29.25 40.87 -10.90
N GLU C 227 -29.10 39.64 -10.37
CA GLU C 227 -28.61 39.43 -9.02
C GLU C 227 -27.44 38.44 -8.98
N PHE C 228 -26.68 38.34 -10.08
CA PHE C 228 -25.60 37.36 -10.13
C PHE C 228 -24.50 37.67 -9.11
N HIS C 229 -24.10 38.93 -8.99
CA HIS C 229 -23.04 39.30 -8.07
C HIS C 229 -23.56 40.07 -6.85
N GLN C 230 -24.87 40.13 -6.66
CA GLN C 230 -25.43 40.83 -5.53
C GLN C 230 -25.40 39.95 -4.28
N ARG C 231 -25.70 40.56 -3.13
CA ARG C 231 -25.80 39.84 -1.87
C ARG C 231 -27.27 39.59 -1.54
N SER C 232 -27.56 38.40 -1.03
CA SER C 232 -28.91 37.99 -0.67
C SER C 232 -28.94 37.56 0.78
N ASN C 233 -29.97 37.99 1.50
CA ASN C 233 -30.10 37.73 2.93
C ASN C 233 -31.35 36.90 3.19
N VAL C 234 -31.18 35.80 3.91
CA VAL C 234 -32.27 34.87 4.21
C VAL C 234 -32.29 34.62 5.71
N THR C 235 -33.47 34.78 6.32
CA THR C 235 -33.63 34.49 7.74
C THR C 235 -33.91 33.01 7.94
N LEU C 236 -33.46 32.50 9.09
CA LEU C 236 -33.60 31.08 9.42
C LEU C 236 -34.25 30.96 10.79
N THR C 237 -35.29 30.12 10.88
CA THR C 237 -35.94 29.87 12.16
C THR C 237 -35.02 29.09 13.07
N LEU C 238 -35.05 29.42 14.37
CA LEU C 238 -34.18 28.82 15.36
C LEU C 238 -35.00 28.09 16.42
N ARG C 239 -34.52 26.92 16.82
CA ARG C 239 -35.17 26.14 17.86
C ARG C 239 -34.37 26.17 19.15
N CYS C 245 -25.34 27.49 21.37
CA CYS C 245 -24.58 28.68 21.00
C CYS C 245 -24.01 28.56 19.60
N ARG C 246 -23.42 27.39 19.31
CA ARG C 246 -22.77 27.14 18.03
C ARG C 246 -23.83 26.73 17.01
N HIS C 247 -24.31 27.70 16.25
CA HIS C 247 -25.29 27.45 15.18
C HIS C 247 -24.54 27.52 13.85
N GLN C 248 -23.95 26.39 13.47
CA GLN C 248 -23.17 26.32 12.24
C GLN C 248 -24.05 26.57 11.03
N VAL C 249 -23.57 27.43 10.13
CA VAL C 249 -24.23 27.73 8.86
C VAL C 249 -23.25 27.39 7.75
N GLN C 250 -23.69 26.57 6.80
CA GLN C 250 -22.84 26.11 5.71
C GLN C 250 -23.54 26.35 4.39
N ILE C 251 -22.79 26.83 3.41
CA ILE C 251 -23.33 27.22 2.11
C ILE C 251 -22.59 26.43 1.03
N GLN C 252 -23.34 25.81 0.13
CA GLN C 252 -22.76 24.95 -0.87
C GLN C 252 -23.26 25.34 -2.26
N PRO C 253 -22.36 25.58 -3.21
CA PRO C 253 -22.79 25.89 -4.57
C PRO C 253 -22.85 24.67 -5.46
N PHE C 254 -23.85 24.65 -6.34
CA PHE C 254 -24.09 23.52 -7.24
C PHE C 254 -23.55 23.80 -8.63
N PHE C 255 -22.38 24.43 -8.72
CA PHE C 255 -21.80 24.79 -10.01
C PHE C 255 -21.64 23.56 -10.89
N SER C 256 -21.86 23.75 -12.18
CA SER C 256 -21.87 22.62 -13.11
C SER C 256 -20.57 21.82 -13.08
N SER C 257 -19.46 22.45 -12.69
CA SER C 257 -18.20 21.73 -12.52
C SER C 257 -18.23 20.84 -11.29
N CYS C 258 -18.98 21.23 -10.25
CA CYS C 258 -19.11 20.46 -9.02
C CYS C 258 -20.59 20.18 -8.78
N LEU C 259 -21.02 18.98 -9.17
CA LEU C 259 -22.45 18.66 -9.11
C LEU C 259 -23.00 18.88 -7.70
N ASN C 260 -22.33 18.32 -6.70
CA ASN C 260 -22.68 18.61 -5.31
C ASN C 260 -21.45 18.72 -4.41
N ASP C 261 -20.24 18.68 -4.95
CA ASP C 261 -19.01 18.67 -4.17
C ASP C 261 -18.16 19.88 -4.53
N CYS C 262 -18.44 21.01 -3.88
CA CYS C 262 -17.61 22.20 -3.95
C CYS C 262 -17.13 22.60 -2.57
N LEU C 263 -16.16 23.51 -2.57
CA LEU C 263 -15.76 24.16 -1.34
C LEU C 263 -16.97 24.86 -0.72
N ARG C 264 -17.41 24.36 0.42
CA ARG C 264 -18.56 24.90 1.11
C ARG C 264 -18.09 25.84 2.21
N HIS C 265 -18.41 27.12 2.05
CA HIS C 265 -17.91 28.17 2.91
C HIS C 265 -18.81 28.25 4.14
N SER C 266 -18.28 27.79 5.28
CA SER C 266 -19.06 27.60 6.49
C SER C 266 -19.09 28.89 7.30
N ALA C 267 -19.59 28.79 8.53
CA ALA C 267 -19.70 29.92 9.44
C ALA C 267 -19.95 29.38 10.84
N THR C 268 -19.76 30.26 11.82
CA THR C 268 -19.96 29.88 13.21
C THR C 268 -20.53 31.09 13.95
N VAL C 269 -21.16 30.81 15.09
CA VAL C 269 -21.82 31.84 15.89
C VAL C 269 -21.11 31.95 17.23
N SER C 270 -20.65 33.15 17.55
CA SER C 270 -20.04 33.41 18.85
C SER C 270 -21.11 33.51 19.93
N CYS C 271 -20.80 32.99 21.11
CA CYS C 271 -21.75 33.02 22.21
C CYS C 271 -22.15 34.43 22.61
N PRO C 272 -21.23 35.40 22.78
CA PRO C 272 -21.71 36.74 23.11
C PRO C 272 -22.36 37.44 21.91
N GLU D 14 55.12 8.84 -30.47
CA GLU D 14 55.55 8.05 -31.62
C GLU D 14 54.66 6.81 -31.76
N ASP D 15 53.41 7.03 -32.16
CA ASP D 15 52.48 5.93 -32.36
C ASP D 15 52.92 5.06 -33.53
N LYS D 16 52.77 3.75 -33.37
CA LYS D 16 53.19 2.79 -34.39
C LYS D 16 52.27 1.58 -34.30
N ASN D 17 52.70 0.45 -34.88
CA ASN D 17 51.95 -0.79 -34.85
C ASN D 17 51.87 -1.42 -33.45
N PHE D 18 52.40 -0.76 -32.42
CA PHE D 18 52.23 -1.19 -31.04
C PHE D 18 51.24 -0.24 -30.37
N PRO D 19 49.94 -0.50 -30.50
CA PRO D 19 48.94 0.51 -30.10
C PRO D 19 48.99 0.88 -28.63
N ARG D 20 49.31 -0.05 -27.75
CA ARG D 20 49.28 0.25 -26.32
C ARG D 20 50.42 1.15 -25.89
N THR D 21 51.40 1.39 -26.75
CA THR D 21 52.46 2.37 -26.48
C THR D 21 51.94 3.76 -26.84
N VAL D 22 51.77 4.61 -25.84
CA VAL D 22 51.19 5.93 -26.03
C VAL D 22 52.16 6.98 -25.52
N MET D 23 51.93 8.22 -25.95
CA MET D 23 52.75 9.36 -25.58
C MET D 23 52.01 10.20 -24.55
N VAL D 24 52.71 10.58 -23.48
CA VAL D 24 52.12 11.33 -22.39
C VAL D 24 52.96 12.58 -22.15
N ASN D 25 52.33 13.58 -21.54
CA ASN D 25 53.01 14.78 -21.08
C ASN D 25 53.12 14.75 -19.57
N LEU D 26 54.32 14.99 -19.06
CA LEU D 26 54.57 14.88 -17.62
C LEU D 26 54.18 16.16 -16.90
N ASN D 27 53.54 16.00 -15.74
CA ASN D 27 53.15 17.15 -14.92
C ASN D 27 54.31 17.63 -14.06
N ILE D 28 54.79 16.78 -13.16
CA ILE D 28 55.85 17.16 -12.23
C ILE D 28 56.80 15.99 -12.01
N SER D 41 55.10 16.02 8.16
CA SER D 41 56.14 15.06 7.81
C SER D 41 56.96 14.69 9.04
N ASP D 42 56.50 15.11 10.21
CA ASP D 42 57.17 14.82 11.48
C ASP D 42 56.51 13.68 12.23
N TYR D 43 55.61 12.93 11.58
CA TYR D 43 54.93 11.83 12.27
C TYR D 43 55.90 10.73 12.65
N TYR D 44 56.89 10.46 11.81
CA TYR D 44 57.81 9.35 12.06
C TYR D 44 58.56 9.53 13.38
N ASN D 45 58.69 10.76 13.86
CA ASN D 45 59.28 11.04 15.16
C ASN D 45 58.24 11.46 16.20
N ARG D 46 56.96 11.35 15.87
CA ARG D 46 55.91 11.78 16.80
C ARG D 46 54.73 10.82 16.85
N SER D 47 54.83 9.62 16.27
CA SER D 47 53.72 8.70 16.19
C SER D 47 53.83 7.62 17.26
N THR D 48 52.66 7.10 17.67
CA THR D 48 52.62 5.98 18.59
C THR D 48 53.07 4.67 17.93
N SER D 49 53.21 4.65 16.62
CA SER D 49 53.74 3.50 15.88
C SER D 49 54.84 4.02 14.98
N PRO D 50 56.02 4.32 15.53
CA PRO D 50 57.09 4.93 14.73
C PRO D 50 57.53 4.02 13.60
N TRP D 51 57.96 4.64 12.51
CA TRP D 51 58.45 3.94 11.34
C TRP D 51 59.75 4.57 10.87
N ASN D 52 60.58 3.75 10.23
CA ASN D 52 61.87 4.20 9.70
C ASN D 52 61.84 4.05 8.17
N LEU D 53 61.91 5.18 7.47
CA LEU D 53 61.81 5.16 6.02
C LEU D 53 63.05 4.51 5.41
N HIS D 54 62.83 3.74 4.36
CA HIS D 54 63.90 3.05 3.64
C HIS D 54 63.94 3.54 2.20
N ARG D 55 65.12 3.94 1.76
CA ARG D 55 65.29 4.54 0.44
C ARG D 55 65.49 3.45 -0.61
N ASN D 56 64.57 3.37 -1.55
CA ASN D 56 64.69 2.45 -2.68
C ASN D 56 65.22 3.18 -3.91
N GLU D 57 66.45 3.66 -3.80
CA GLU D 57 67.05 4.42 -4.90
C GLU D 57 67.24 3.51 -6.11
N ASP D 58 66.75 3.96 -7.26
CA ASP D 58 66.85 3.17 -8.48
C ASP D 58 66.82 4.16 -9.64
N PRO D 59 67.94 4.32 -10.36
CA PRO D 59 67.97 5.32 -11.45
C PRO D 59 67.15 4.94 -12.67
N GLU D 60 66.69 3.71 -12.79
CA GLU D 60 66.02 3.24 -13.99
C GLU D 60 64.52 3.52 -14.01
N ARG D 61 63.93 3.96 -12.90
CA ARG D 61 62.48 4.10 -12.81
C ARG D 61 62.10 5.43 -12.19
N TYR D 62 60.90 5.88 -12.52
CA TYR D 62 60.36 7.15 -12.07
C TYR D 62 59.26 6.91 -11.05
N PRO D 63 59.39 7.41 -9.81
CA PRO D 63 60.49 8.21 -9.25
C PRO D 63 61.74 7.38 -9.01
N SER D 64 62.92 8.01 -8.99
CA SER D 64 64.15 7.30 -8.70
C SER D 64 64.32 6.99 -7.23
N VAL D 65 63.55 7.64 -6.36
CA VAL D 65 63.60 7.40 -4.92
C VAL D 65 62.19 7.11 -4.43
N ILE D 66 62.02 6.00 -3.72
CA ILE D 66 60.78 5.68 -3.02
C ILE D 66 61.09 5.52 -1.54
N TRP D 67 60.22 6.03 -0.70
CA TRP D 67 60.40 5.99 0.75
C TRP D 67 59.43 4.97 1.34
N GLU D 68 59.97 3.95 1.99
CA GLU D 68 59.18 2.84 2.54
C GLU D 68 59.32 2.82 4.05
N ALA D 69 58.19 2.86 4.75
CA ALA D 69 58.17 2.90 6.21
C ALA D 69 58.03 1.50 6.76
N LYS D 70 59.09 1.02 7.41
CA LYS D 70 59.07 -0.28 8.08
C LYS D 70 59.08 -0.04 9.59
N CYS D 71 58.23 -0.76 10.30
CA CYS D 71 57.98 -0.48 11.70
C CYS D 71 59.27 -0.59 12.51
N ARG D 72 59.51 0.41 13.36
CA ARG D 72 60.67 0.36 14.24
C ARG D 72 60.52 -0.74 15.27
N HIS D 73 59.31 -0.95 15.79
CA HIS D 73 59.03 -1.97 16.78
C HIS D 73 57.81 -2.77 16.36
N LEU D 74 57.83 -4.06 16.69
CA LEU D 74 56.70 -4.92 16.37
C LEU D 74 55.47 -4.63 17.23
N GLY D 75 55.62 -3.85 18.29
CA GLY D 75 54.52 -3.36 19.07
C GLY D 75 54.46 -1.84 19.05
N CYS D 76 53.41 -1.32 19.69
CA CYS D 76 53.19 0.11 19.74
C CYS D 76 53.85 0.71 20.98
N ILE D 77 54.05 2.03 20.95
CA ILE D 77 54.62 2.76 22.06
C ILE D 77 53.53 3.59 22.72
N ASN D 78 53.55 3.63 24.04
CA ASN D 78 52.54 4.35 24.81
C ASN D 78 53.00 5.80 25.00
N ALA D 79 52.33 6.53 25.90
CA ALA D 79 52.78 7.87 26.24
C ALA D 79 54.18 7.86 26.82
N ASP D 80 54.51 6.82 27.59
CA ASP D 80 55.90 6.62 28.02
C ASP D 80 56.80 6.36 26.82
N GLY D 81 56.30 5.60 25.84
CA GLY D 81 57.07 5.25 24.67
C GLY D 81 57.67 3.86 24.67
N ASN D 82 57.43 3.08 25.72
CA ASN D 82 57.91 1.71 25.76
C ASN D 82 57.06 0.82 24.85
N VAL D 83 57.71 -0.19 24.27
CA VAL D 83 57.01 -1.09 23.37
C VAL D 83 56.12 -2.04 24.18
N ASP D 84 54.85 -2.08 23.83
CA ASP D 84 53.87 -2.93 24.50
C ASP D 84 53.37 -3.99 23.53
N TYR D 85 53.44 -5.26 23.94
CA TYR D 85 52.98 -6.34 23.08
C TYR D 85 51.46 -6.38 22.98
N HIS D 86 50.74 -5.70 23.87
CA HIS D 86 49.29 -5.64 23.75
C HIS D 86 48.87 -4.97 22.46
N MET D 87 49.52 -3.86 22.11
CA MET D 87 49.20 -3.10 20.91
C MET D 87 50.21 -3.46 19.83
N ASN D 88 49.71 -3.76 18.62
CA ASN D 88 50.54 -4.25 17.54
C ASN D 88 50.76 -3.17 16.49
N SER D 89 51.99 -3.12 15.95
CA SER D 89 52.33 -2.25 14.83
C SER D 89 52.41 -3.10 13.58
N VAL D 90 51.68 -2.70 12.54
CA VAL D 90 51.52 -3.50 11.33
C VAL D 90 51.69 -2.59 10.12
N PRO D 91 52.47 -2.98 9.08
CA PRO D 91 52.76 -2.08 7.95
C PRO D 91 51.61 -1.82 6.97
N ILE D 92 50.91 -0.70 7.11
CA ILE D 92 49.87 -0.31 6.17
C ILE D 92 50.52 -0.02 4.82
N GLN D 93 50.11 -0.74 3.79
CA GLN D 93 50.71 -0.60 2.48
C GLN D 93 49.65 -0.27 1.44
N GLN D 94 50.13 0.07 0.25
CA GLN D 94 49.27 0.28 -0.91
C GLN D 94 50.07 -0.05 -2.16
N GLU D 95 49.36 -0.30 -3.24
CA GLU D 95 50.00 -0.53 -4.53
C GLU D 95 50.05 0.78 -5.30
N ILE D 96 51.26 1.28 -5.55
CA ILE D 96 51.45 2.53 -6.26
C ILE D 96 52.11 2.25 -7.61
N LEU D 97 52.29 3.29 -8.42
CA LEU D 97 52.78 3.15 -9.79
C LEU D 97 54.16 3.79 -9.92
N VAL D 98 55.00 3.15 -10.73
CA VAL D 98 56.31 3.68 -11.09
C VAL D 98 56.53 3.45 -12.58
N LEU D 99 57.31 4.33 -13.20
CA LEU D 99 57.64 4.24 -14.62
C LEU D 99 59.13 3.95 -14.76
N ARG D 100 59.47 2.75 -15.20
CA ARG D 100 60.85 2.32 -15.37
C ARG D 100 61.23 2.39 -16.84
N ARG D 101 62.45 2.87 -17.10
CA ARG D 101 62.92 3.03 -18.47
C ARG D 101 62.99 1.70 -19.19
N GLU D 102 62.52 1.68 -20.43
CA GLU D 102 62.60 0.47 -21.25
C GLU D 102 62.70 0.84 -22.73
N PRO D 103 63.83 0.55 -23.39
CA PRO D 103 65.05 -0.12 -22.90
C PRO D 103 65.80 0.72 -21.87
N PRO D 104 66.68 0.09 -21.08
CA PRO D 104 67.29 0.80 -19.95
C PRO D 104 68.06 2.05 -20.38
N HIS D 105 68.01 3.07 -19.50
CA HIS D 105 68.73 4.32 -19.70
C HIS D 105 68.30 5.03 -20.99
N CYS D 106 67.02 4.97 -21.30
CA CYS D 106 66.45 5.72 -22.41
C CYS D 106 65.62 6.88 -21.87
N PRO D 107 66.05 8.13 -22.04
CA PRO D 107 65.31 9.26 -21.45
C PRO D 107 64.00 9.58 -22.15
N ASN D 108 63.71 8.96 -23.29
CA ASN D 108 62.47 9.20 -24.01
C ASN D 108 61.60 7.94 -24.10
N SER D 109 61.80 6.99 -23.20
CA SER D 109 60.97 5.80 -23.14
C SER D 109 60.74 5.43 -21.67
N PHE D 110 59.62 4.76 -21.42
CA PHE D 110 59.24 4.38 -20.07
C PHE D 110 58.38 3.13 -20.14
N ARG D 111 58.24 2.47 -18.99
CA ARG D 111 57.38 1.31 -18.84
C ARG D 111 56.53 1.49 -17.58
N LEU D 112 55.23 1.27 -17.71
CA LEU D 112 54.32 1.47 -16.59
C LEU D 112 54.30 0.21 -15.72
N GLU D 113 54.63 0.38 -14.43
CA GLU D 113 54.86 -0.75 -13.54
C GLU D 113 54.00 -0.59 -12.29
N LYS D 114 53.60 -1.73 -11.73
CA LYS D 114 52.86 -1.79 -10.48
C LYS D 114 53.74 -2.45 -9.42
N ILE D 115 54.05 -1.70 -8.37
CA ILE D 115 54.80 -2.24 -7.24
C ILE D 115 54.01 -1.93 -5.96
N LEU D 116 54.38 -2.64 -4.89
CA LEU D 116 53.75 -2.47 -3.59
C LEU D 116 54.73 -1.77 -2.67
N VAL D 117 54.24 -0.75 -1.97
CA VAL D 117 55.08 0.07 -1.09
C VAL D 117 54.45 0.09 0.30
N SER D 118 55.29 -0.12 1.32
CA SER D 118 54.82 -0.11 2.70
C SER D 118 54.84 1.33 3.18
N VAL D 119 53.66 1.95 3.21
CA VAL D 119 53.61 3.40 3.36
C VAL D 119 53.78 3.81 4.82
N GLY D 120 53.16 3.08 5.73
CA GLY D 120 53.25 3.47 7.13
C GLY D 120 52.86 2.35 8.07
N CYS D 121 53.11 2.60 9.35
CA CYS D 121 52.81 1.65 10.41
C CYS D 121 51.74 2.22 11.32
N THR D 122 50.68 1.45 11.55
CA THR D 122 49.57 1.87 12.39
C THR D 122 49.50 0.98 13.63
N CYS D 123 48.62 1.36 14.54
CA CYS D 123 48.42 0.64 15.80
C CYS D 123 47.02 0.01 15.78
N VAL D 124 46.97 -1.31 15.95
CA VAL D 124 45.72 -2.05 15.92
C VAL D 124 45.68 -3.03 17.09
N THR D 125 44.48 -3.30 17.58
CA THR D 125 44.31 -4.30 18.65
C THR D 125 44.08 -5.68 18.04
N PRO D 126 44.69 -6.71 18.60
CA PRO D 126 44.53 -8.07 18.05
C PRO D 126 43.16 -8.65 18.40
N ILE D 127 42.78 -9.66 17.63
CA ILE D 127 41.54 -10.40 17.89
C ILE D 127 41.84 -11.42 18.98
N VAL D 128 41.24 -11.23 20.15
CA VAL D 128 41.51 -12.03 21.33
C VAL D 128 40.24 -12.76 21.74
N HIS D 129 40.35 -14.08 21.92
CA HIS D 129 39.24 -14.87 22.42
C HIS D 129 39.80 -16.04 23.21
N HIS D 130 38.96 -16.60 24.07
CA HIS D 130 39.36 -17.71 24.94
C HIS D 130 38.08 -18.30 25.54
N VAL D 131 38.25 -19.19 26.50
CA VAL D 131 37.13 -19.80 27.20
C VAL D 131 36.44 -18.77 28.08
N PRO E 19 60.60 16.45 -19.66
CA PRO E 19 60.13 15.35 -20.52
C PRO E 19 58.71 15.57 -21.02
N ARG E 20 58.55 16.47 -22.00
CA ARG E 20 57.22 16.78 -22.51
C ARG E 20 56.60 15.60 -23.24
N THR E 21 57.38 14.94 -24.10
CA THR E 21 56.88 13.83 -24.91
C THR E 21 57.76 12.61 -24.68
N VAL E 22 57.23 11.63 -23.95
CA VAL E 22 57.92 10.37 -23.68
C VAL E 22 56.98 9.22 -23.99
N MET E 23 57.50 8.20 -24.66
CA MET E 23 56.72 7.01 -24.95
C MET E 23 56.62 6.13 -23.70
N VAL E 24 55.39 5.75 -23.36
CA VAL E 24 55.13 4.88 -22.22
C VAL E 24 54.33 3.68 -22.70
N ASN E 25 54.80 2.48 -22.36
CA ASN E 25 54.13 1.25 -22.75
C ASN E 25 53.10 0.88 -21.70
N LEU E 26 51.88 0.59 -22.15
CA LEU E 26 50.75 0.35 -21.25
C LEU E 26 50.52 -1.12 -20.95
N ASN E 27 51.38 -2.02 -21.45
CA ASN E 27 51.33 -3.42 -21.05
C ASN E 27 51.91 -3.51 -19.65
N ILE E 28 51.08 -3.16 -18.68
CA ILE E 28 51.54 -3.03 -17.30
C ILE E 28 51.92 -4.40 -16.76
N HIS E 29 53.16 -4.52 -16.28
CA HIS E 29 53.62 -5.72 -15.62
C HIS E 29 53.45 -5.57 -14.12
N ASN E 30 53.21 -6.69 -13.44
CA ASN E 30 52.96 -6.70 -12.00
C ASN E 30 54.26 -7.04 -11.28
N ARG E 31 54.84 -6.05 -10.61
CA ARG E 31 56.00 -6.28 -9.76
C ARG E 31 55.59 -6.63 -8.34
N ASN E 32 54.32 -6.96 -8.11
CA ASN E 32 53.80 -7.29 -6.79
C ASN E 32 53.64 -8.80 -6.60
N THR E 33 54.51 -9.60 -7.21
CA THR E 33 54.52 -11.04 -6.99
C THR E 33 55.17 -11.32 -5.64
N ASN E 34 54.47 -10.89 -4.59
CA ASN E 34 54.98 -10.98 -3.23
C ASN E 34 54.89 -12.42 -2.73
N THR E 35 55.34 -12.61 -1.49
CA THR E 35 55.23 -13.91 -0.84
C THR E 35 53.76 -14.21 -0.59
N ASN E 36 53.24 -15.21 -1.31
CA ASN E 36 51.82 -15.57 -1.20
C ASN E 36 51.36 -15.86 0.22
N PRO E 37 52.11 -16.57 1.07
CA PRO E 37 51.63 -16.79 2.45
C PRO E 37 51.40 -15.51 3.24
N LYS E 38 52.03 -14.40 2.86
CA LYS E 38 51.82 -13.13 3.56
C LYS E 38 50.44 -12.60 3.20
N ARG E 39 49.45 -12.87 4.05
CA ARG E 39 48.09 -12.45 3.82
C ARG E 39 47.95 -10.97 4.17
N SER E 40 46.71 -10.48 4.20
CA SER E 40 46.44 -9.11 4.56
C SER E 40 45.23 -9.04 5.46
N SER E 41 45.14 -7.98 6.24
CA SER E 41 44.03 -7.75 7.15
C SER E 41 43.43 -6.38 6.87
N ASP E 42 42.19 -6.19 7.33
CA ASP E 42 41.51 -4.90 7.25
C ASP E 42 41.51 -4.29 8.64
N TYR E 43 42.22 -3.17 8.80
CA TYR E 43 42.39 -2.52 10.09
C TYR E 43 41.50 -1.29 10.24
N TYR E 44 40.51 -1.12 9.37
CA TYR E 44 39.65 0.05 9.41
C TYR E 44 38.73 0.07 10.62
N ASN E 45 38.67 -1.00 11.39
CA ASN E 45 37.90 -1.03 12.63
C ASN E 45 38.73 -1.34 13.87
N ARG E 46 39.85 -2.06 13.72
CA ARG E 46 40.69 -2.42 14.85
C ARG E 46 41.72 -1.35 15.21
N SER E 47 41.91 -0.35 14.36
CA SER E 47 42.97 0.61 14.59
C SER E 47 42.64 1.55 15.74
N THR E 48 43.70 2.10 16.35
CA THR E 48 43.51 3.18 17.31
C THR E 48 42.91 4.40 16.63
N SER E 49 43.18 4.56 15.33
CA SER E 49 42.62 5.64 14.51
C SER E 49 41.98 4.98 13.30
N PRO E 50 40.79 4.43 13.47
CA PRO E 50 40.15 3.73 12.34
C PRO E 50 39.88 4.68 11.19
N TRP E 51 40.13 4.21 9.97
CA TRP E 51 39.96 5.01 8.76
C TRP E 51 38.83 4.44 7.92
N ASN E 52 37.87 5.29 7.58
CA ASN E 52 36.75 4.87 6.75
C ASN E 52 37.16 4.85 5.28
N LEU E 53 36.33 4.21 4.47
CA LEU E 53 36.66 3.94 3.08
C LEU E 53 35.71 4.70 2.16
N HIS E 54 36.28 5.40 1.18
CA HIS E 54 35.52 6.18 0.22
C HIS E 54 36.11 5.96 -1.17
N ARG E 55 35.23 5.82 -2.16
CA ARG E 55 35.66 5.52 -3.52
C ARG E 55 35.76 6.80 -4.35
N ASN E 56 36.84 6.89 -5.12
CA ASN E 56 37.12 8.03 -5.98
C ASN E 56 37.06 7.52 -7.41
N GLU E 57 36.07 7.98 -8.18
CA GLU E 57 35.82 7.45 -9.51
C GLU E 57 35.92 8.57 -10.53
N ASP E 58 36.91 8.47 -11.41
CA ASP E 58 37.01 9.30 -12.60
C ASP E 58 37.16 8.38 -13.80
N PRO E 59 36.19 8.32 -14.69
CA PRO E 59 36.26 7.35 -15.80
C PRO E 59 37.25 7.75 -16.88
N GLU E 60 38.08 8.75 -16.60
CA GLU E 60 39.14 9.19 -17.49
C GLU E 60 40.51 8.98 -16.85
N ARG E 61 40.62 7.96 -16.01
CA ARG E 61 41.78 7.81 -15.14
C ARG E 61 42.08 6.34 -14.91
N TYR E 62 43.38 6.02 -14.81
CA TYR E 62 43.83 4.75 -14.25
C TYR E 62 44.72 5.03 -13.05
N PRO E 63 44.42 4.51 -11.87
CA PRO E 63 43.27 3.65 -11.54
C PRO E 63 41.99 4.45 -11.42
N SER E 64 40.91 3.94 -12.02
CA SER E 64 39.66 4.69 -12.04
C SER E 64 39.05 4.80 -10.65
N VAL E 65 39.23 3.77 -9.82
CA VAL E 65 38.70 3.76 -8.46
C VAL E 65 39.89 3.71 -7.50
N ILE E 66 40.00 4.71 -6.64
CA ILE E 66 40.99 4.75 -5.58
C ILE E 66 40.26 4.87 -4.26
N TRP E 67 40.48 3.92 -3.37
CA TRP E 67 39.74 3.85 -2.11
C TRP E 67 40.54 4.61 -1.08
N GLU E 68 40.30 5.92 -1.01
CA GLU E 68 41.03 6.78 -0.09
C GLU E 68 40.54 6.54 1.34
N ALA E 69 41.08 7.32 2.26
CA ALA E 69 40.79 7.18 3.68
C ALA E 69 40.28 8.48 4.24
N LYS E 70 39.19 8.41 5.00
CA LYS E 70 38.63 9.54 5.74
C LYS E 70 38.37 9.08 7.16
N CYS E 71 39.39 9.16 8.01
CA CYS E 71 39.23 8.64 9.37
C CYS E 71 38.34 9.56 10.20
N ARG E 72 37.59 8.94 11.10
CA ARG E 72 36.65 9.61 11.98
C ARG E 72 37.34 10.66 12.85
N HIS E 86 44.88 13.96 23.12
CA HIS E 86 45.99 13.78 22.18
C HIS E 86 45.58 12.88 21.02
N MET E 87 44.28 12.89 20.71
CA MET E 87 43.73 12.08 19.62
C MET E 87 44.03 12.72 18.26
N ASN E 88 45.32 12.89 17.99
CA ASN E 88 45.78 13.52 16.75
C ASN E 88 45.94 12.44 15.68
N SER E 89 44.79 12.01 15.14
CA SER E 89 44.75 10.96 14.13
C SER E 89 44.93 11.61 12.75
N VAL E 90 46.19 11.87 12.41
CA VAL E 90 46.49 12.53 11.13
C VAL E 90 46.37 11.53 10.00
N PRO E 91 45.75 11.91 8.85
CA PRO E 91 45.61 11.02 7.70
C PRO E 91 46.94 10.66 7.03
N ILE E 92 47.20 9.36 6.87
CA ILE E 92 48.42 8.89 6.21
C ILE E 92 48.30 9.22 4.73
N GLN E 93 49.05 10.22 4.29
CA GLN E 93 48.81 10.84 2.98
C GLN E 93 50.07 10.70 2.13
N GLN E 94 49.95 9.97 1.03
CA GLN E 94 51.03 9.84 0.06
C GLN E 94 50.46 9.95 -1.33
N GLU E 95 51.25 10.52 -2.23
CA GLU E 95 50.84 10.78 -3.61
C GLU E 95 51.41 9.73 -4.55
N ILE E 96 50.63 9.38 -5.57
CA ILE E 96 51.01 8.40 -6.57
C ILE E 96 51.00 9.07 -7.93
N LEU E 97 51.29 8.30 -8.95
CA LEU E 97 51.20 8.74 -10.33
C LEU E 97 49.90 8.24 -10.94
N VAL E 98 49.19 9.12 -11.63
CA VAL E 98 47.91 8.82 -12.25
C VAL E 98 47.99 9.14 -13.73
N LEU E 99 47.60 8.19 -14.58
CA LEU E 99 47.57 8.42 -16.02
C LEU E 99 46.17 8.94 -16.37
N ARG E 100 46.07 10.24 -16.60
CA ARG E 100 44.79 10.88 -16.83
C ARG E 100 44.44 10.88 -18.33
N ARG E 101 43.37 11.56 -18.67
CA ARG E 101 42.88 11.64 -20.03
C ARG E 101 42.55 13.08 -20.36
N GLU E 102 42.92 13.51 -21.54
CA GLU E 102 42.76 14.90 -21.91
C GLU E 102 41.62 15.08 -22.90
N PRO E 103 40.99 16.25 -22.92
CA PRO E 103 39.92 16.49 -23.88
C PRO E 103 40.45 16.41 -25.30
N PRO E 104 39.60 16.04 -26.25
CA PRO E 104 40.08 15.81 -27.63
C PRO E 104 40.67 17.04 -28.30
N HIS E 105 40.36 18.25 -27.83
CA HIS E 105 40.89 19.44 -28.46
C HIS E 105 42.40 19.57 -28.30
N CYS E 106 42.98 18.93 -27.30
CA CYS E 106 44.43 18.98 -27.08
C CYS E 106 45.17 18.15 -28.11
N SER E 109 46.14 12.22 -25.97
CA SER E 109 45.36 12.91 -24.95
C SER E 109 45.54 12.27 -23.59
N PHE E 110 46.80 12.14 -23.16
CA PHE E 110 47.14 11.54 -21.89
C PHE E 110 48.02 12.49 -21.10
N ARG E 111 47.75 12.61 -19.80
CA ARG E 111 48.40 13.60 -18.95
C ARG E 111 48.73 12.94 -17.62
N LEU E 112 49.98 12.52 -17.46
CA LEU E 112 50.40 11.85 -16.23
C LEU E 112 50.52 12.87 -15.11
N GLU E 113 49.78 12.64 -14.02
CA GLU E 113 49.82 13.59 -12.92
C GLU E 113 50.07 12.92 -11.58
N LYS E 114 49.94 13.68 -10.52
CA LYS E 114 50.06 13.19 -9.16
C LYS E 114 48.90 13.73 -8.34
N ILE E 115 48.30 12.86 -7.53
CA ILE E 115 47.26 13.26 -6.59
C ILE E 115 47.68 12.82 -5.20
N LEU E 116 47.63 13.75 -4.25
CA LEU E 116 48.08 13.48 -2.89
C LEU E 116 46.88 12.91 -2.13
N VAL E 117 46.80 11.58 -2.12
CA VAL E 117 45.67 10.87 -1.54
C VAL E 117 46.09 10.32 -0.18
N SER E 118 45.09 9.87 0.59
CA SER E 118 45.33 9.33 1.92
C SER E 118 45.22 7.81 1.90
N VAL E 119 46.18 7.15 2.54
CA VAL E 119 46.22 5.70 2.61
C VAL E 119 45.42 5.22 3.80
N GLY E 120 45.85 5.61 4.98
CA GLY E 120 45.16 5.26 6.22
C GLY E 120 45.26 6.40 7.19
N CYS E 121 45.24 6.08 8.48
CA CYS E 121 45.31 7.11 9.51
C CYS E 121 46.01 6.54 10.73
N THR E 122 47.09 7.19 11.15
CA THR E 122 47.82 6.81 12.34
C THR E 122 47.76 7.93 13.36
N CYS E 123 47.78 7.56 14.64
CA CYS E 123 47.74 8.53 15.73
C CYS E 123 49.15 9.01 16.05
N VAL E 124 49.30 10.32 16.23
CA VAL E 124 50.58 10.94 16.53
C VAL E 124 50.41 11.85 17.75
N THR E 125 51.54 12.17 18.37
CA THR E 125 51.55 13.09 19.50
C THR E 125 51.50 14.53 18.97
N PRO E 126 50.54 15.35 19.41
CA PRO E 126 50.42 16.75 18.98
C PRO E 126 51.65 17.58 19.34
N LEU F 1 46.47 -10.54 -4.15
CA LEU F 1 45.52 -11.20 -5.03
C LEU F 1 46.20 -12.30 -5.81
N ARG F 2 45.42 -13.32 -6.19
CA ARG F 2 45.96 -14.37 -7.03
C ARG F 2 44.82 -15.13 -7.69
N LEU F 3 45.07 -15.62 -8.89
CA LEU F 3 44.18 -16.59 -9.51
C LEU F 3 44.30 -17.94 -8.80
N LEU F 4 43.23 -18.73 -8.88
CA LEU F 4 43.24 -20.04 -8.24
C LEU F 4 44.30 -20.95 -8.86
N ASP F 5 44.13 -21.28 -10.14
CA ASP F 5 45.05 -22.14 -10.84
C ASP F 5 45.09 -21.75 -12.30
N HIS F 6 46.30 -21.71 -12.86
CA HIS F 6 46.46 -21.28 -14.25
C HIS F 6 46.15 -22.41 -15.21
N ARG F 7 44.97 -23.00 -15.06
CA ARG F 7 44.53 -24.11 -15.89
C ARG F 7 43.80 -23.57 -17.11
N ALA F 8 43.04 -24.44 -17.79
CA ALA F 8 42.26 -24.01 -18.94
C ALA F 8 41.07 -23.17 -18.49
N LEU F 9 41.32 -21.88 -18.28
CA LEU F 9 40.31 -20.93 -17.81
C LEU F 9 39.32 -20.66 -18.94
N VAL F 10 38.21 -21.38 -18.90
CA VAL F 10 37.12 -21.15 -19.83
C VAL F 10 35.94 -20.51 -19.10
N CYS F 11 35.28 -19.56 -19.76
CA CYS F 11 33.99 -19.08 -19.28
C CYS F 11 32.88 -19.33 -20.29
N SER F 12 33.16 -20.04 -21.39
CA SER F 12 32.19 -20.20 -22.44
C SER F 12 30.98 -20.99 -21.96
N GLN F 13 29.83 -20.60 -22.48
CA GLN F 13 28.56 -21.28 -22.27
C GLN F 13 28.00 -21.59 -23.65
N PRO F 14 27.09 -22.57 -23.73
CA PRO F 14 26.68 -23.06 -25.06
C PRO F 14 26.15 -21.93 -25.94
N GLY F 15 26.55 -21.98 -27.21
CA GLY F 15 26.22 -20.94 -28.16
C GLY F 15 27.18 -19.77 -28.19
N LEU F 16 28.26 -19.80 -27.40
CA LEU F 16 29.21 -18.71 -27.33
C LEU F 16 30.61 -19.27 -27.20
N ASN F 17 31.61 -18.46 -27.59
CA ASN F 17 32.99 -18.90 -27.62
C ASN F 17 33.90 -17.98 -26.80
N CYS F 18 33.54 -17.77 -25.53
CA CYS F 18 34.44 -17.11 -24.58
C CYS F 18 35.84 -17.71 -24.63
N THR F 19 36.84 -16.82 -24.70
CA THR F 19 38.23 -17.15 -24.43
C THR F 19 38.75 -16.18 -23.39
N VAL F 20 39.24 -16.71 -22.28
CA VAL F 20 39.65 -15.88 -21.15
C VAL F 20 41.13 -15.58 -21.28
N LYS F 21 41.47 -14.29 -21.20
CA LYS F 21 42.85 -13.83 -21.27
C LYS F 21 43.12 -12.87 -20.12
N ASN F 22 44.40 -12.65 -19.85
CA ASN F 22 44.80 -11.76 -18.78
C ASN F 22 44.54 -10.31 -19.17
N SER F 23 44.56 -9.44 -18.16
CA SER F 23 44.29 -8.02 -18.37
C SER F 23 44.89 -7.25 -17.20
N THR F 24 44.77 -5.92 -17.27
CA THR F 24 45.28 -5.05 -16.23
C THR F 24 44.30 -3.93 -15.89
N CYS F 25 43.03 -4.06 -16.29
CA CYS F 25 42.02 -3.03 -16.11
C CYS F 25 42.40 -1.73 -16.80
N LEU F 26 43.10 -1.83 -17.93
CA LEU F 26 43.28 -0.74 -18.88
C LEU F 26 43.03 -1.36 -20.25
N ASP F 27 41.77 -1.37 -20.67
CA ASP F 27 41.45 -1.97 -21.95
C ASP F 27 41.89 -1.05 -23.09
N ASP F 28 42.13 -1.66 -24.25
CA ASP F 28 42.42 -0.87 -25.44
C ASP F 28 41.27 0.06 -25.78
N SER F 29 40.05 -0.33 -25.42
CA SER F 29 38.89 0.53 -25.64
C SER F 29 38.87 1.73 -24.72
N TRP F 30 39.73 1.77 -23.71
CA TRP F 30 39.92 2.98 -22.92
C TRP F 30 41.02 3.87 -23.49
N ILE F 31 42.06 3.27 -24.07
CA ILE F 31 43.06 4.04 -24.79
C ILE F 31 42.49 4.60 -26.09
N HIS F 32 41.65 3.81 -26.78
CA HIS F 32 41.04 4.18 -28.05
C HIS F 32 39.53 4.04 -27.91
N PRO F 33 38.87 5.03 -27.31
CA PRO F 33 37.42 4.91 -27.10
C PRO F 33 36.65 4.74 -28.41
N ARG F 34 35.61 3.92 -28.35
CA ARG F 34 34.70 3.68 -29.46
C ARG F 34 33.32 4.19 -29.09
N ASN F 35 32.62 4.80 -30.06
CA ASN F 35 31.40 5.52 -29.77
C ASN F 35 30.31 4.61 -29.21
N LEU F 36 30.17 3.40 -29.75
CA LEU F 36 29.10 2.50 -29.38
C LEU F 36 29.49 1.71 -28.14
N THR F 37 28.94 2.08 -26.99
CA THR F 37 29.24 1.42 -25.74
C THR F 37 28.08 0.54 -25.32
N PRO F 38 28.28 -0.76 -25.11
CA PRO F 38 27.18 -1.63 -24.73
C PRO F 38 26.72 -1.36 -23.30
N SER F 39 25.48 -1.76 -23.03
CA SER F 39 24.86 -1.43 -21.76
C SER F 39 25.51 -2.19 -20.61
N SER F 40 25.16 -1.79 -19.40
CA SER F 40 25.69 -2.42 -18.20
C SER F 40 25.16 -3.85 -18.07
N PRO F 41 25.89 -4.72 -17.36
CA PRO F 41 25.31 -6.02 -16.98
C PRO F 41 24.26 -5.83 -15.90
N LYS F 42 23.49 -6.89 -15.67
CA LYS F 42 22.37 -6.84 -14.74
C LYS F 42 22.49 -7.92 -13.68
N ASP F 43 22.07 -7.58 -12.46
CA ASP F 43 21.97 -8.51 -11.35
C ASP F 43 23.33 -9.14 -11.01
N LEU F 44 24.25 -8.28 -10.58
CA LEU F 44 25.56 -8.76 -10.13
C LEU F 44 25.46 -9.20 -8.67
N GLN F 45 25.93 -10.40 -8.39
CA GLN F 45 25.96 -10.92 -7.04
C GLN F 45 27.15 -11.86 -6.91
N ILE F 46 27.80 -11.83 -5.74
CA ILE F 46 29.01 -12.60 -5.48
C ILE F 46 28.75 -13.53 -4.31
N GLN F 47 29.16 -14.80 -4.47
CA GLN F 47 28.99 -15.80 -3.43
C GLN F 47 30.29 -16.52 -3.18
N LEU F 48 30.47 -17.01 -1.95
CA LEU F 48 31.69 -17.72 -1.60
C LEU F 48 31.73 -19.09 -2.26
N HIS F 49 32.94 -19.60 -2.45
CA HIS F 49 33.16 -20.90 -3.07
C HIS F 49 34.52 -21.40 -2.61
N PHE F 50 34.65 -22.72 -2.53
CA PHE F 50 35.89 -23.36 -2.15
C PHE F 50 36.23 -24.41 -3.19
N ALA F 51 37.39 -24.25 -3.84
CA ALA F 51 37.83 -25.16 -4.88
C ALA F 51 39.08 -25.90 -4.42
N HIS F 52 39.29 -27.07 -5.01
CA HIS F 52 40.35 -27.98 -4.57
C HIS F 52 41.53 -27.87 -5.53
N THR F 53 42.66 -27.39 -5.00
CA THR F 53 43.90 -27.44 -5.75
C THR F 53 44.37 -28.88 -5.87
N GLN F 54 45.19 -29.15 -6.89
CA GLN F 54 45.76 -30.49 -7.05
C GLN F 54 46.57 -30.88 -5.82
N GLN F 55 47.17 -29.91 -5.13
CA GLN F 55 47.88 -30.15 -3.89
C GLN F 55 46.92 -30.34 -2.71
N GLY F 56 45.61 -30.30 -2.94
CA GLY F 56 44.66 -30.59 -1.89
C GLY F 56 44.40 -29.46 -0.92
N ASP F 57 44.78 -28.23 -1.25
CA ASP F 57 44.60 -27.13 -0.33
C ASP F 57 43.20 -26.54 -0.48
N LEU F 58 42.81 -25.74 0.52
CA LEU F 58 41.48 -25.14 0.57
C LEU F 58 41.62 -23.62 0.55
N PHE F 59 41.21 -23.01 -0.56
CA PHE F 59 41.30 -21.56 -0.72
C PHE F 59 39.91 -20.99 -0.94
N PRO F 60 39.45 -20.03 -0.12
CA PRO F 60 38.20 -19.35 -0.42
C PRO F 60 38.28 -18.65 -1.77
N VAL F 61 37.18 -18.66 -2.50
CA VAL F 61 37.15 -18.20 -3.89
C VAL F 61 35.89 -17.38 -4.11
N ALA F 62 36.04 -16.25 -4.79
CA ALA F 62 34.90 -15.42 -5.18
C ALA F 62 34.20 -16.03 -6.38
N HIS F 63 32.90 -16.29 -6.24
CA HIS F 63 32.07 -16.76 -7.34
C HIS F 63 31.14 -15.61 -7.73
N ILE F 64 31.35 -15.07 -8.92
CA ILE F 64 30.63 -13.88 -9.38
C ILE F 64 29.48 -14.32 -10.27
N GLU F 65 28.30 -13.76 -10.02
CA GLU F 65 27.09 -14.07 -10.79
C GLU F 65 26.51 -12.77 -11.33
N TRP F 66 26.51 -12.63 -12.66
CA TRP F 66 25.95 -11.45 -13.30
C TRP F 66 25.43 -11.85 -14.67
N THR F 67 24.40 -11.12 -15.13
CA THR F 67 23.75 -11.42 -16.40
C THR F 67 23.52 -10.15 -17.20
N LEU F 68 23.33 -10.32 -18.50
CA LEU F 68 23.22 -9.22 -19.44
C LEU F 68 21.83 -8.61 -19.39
N GLN F 69 21.53 -7.72 -20.34
CA GLN F 69 20.21 -7.16 -20.53
C GLN F 69 19.69 -7.51 -21.91
N THR F 70 18.38 -7.32 -22.09
CA THR F 70 17.70 -7.71 -23.33
C THR F 70 17.74 -6.63 -24.40
N ASP F 71 18.27 -5.46 -24.11
CA ASP F 71 18.26 -4.35 -25.06
C ASP F 71 19.18 -4.65 -26.24
N ALA F 72 19.26 -3.69 -27.17
CA ALA F 72 19.98 -3.88 -28.42
C ALA F 72 21.49 -3.78 -28.27
N SER F 73 21.98 -3.31 -27.11
CA SER F 73 23.41 -3.10 -26.95
C SER F 73 24.20 -4.40 -26.95
N ILE F 74 23.53 -5.55 -26.87
CA ILE F 74 24.22 -6.83 -26.84
C ILE F 74 25.00 -7.09 -28.12
N LEU F 75 24.61 -6.46 -29.24
CA LEU F 75 25.39 -6.62 -30.47
C LEU F 75 26.74 -5.93 -30.37
N TYR F 76 26.89 -4.97 -29.46
CA TYR F 76 28.14 -4.24 -29.27
C TYR F 76 28.84 -4.67 -27.98
N LEU F 77 28.58 -5.90 -27.55
CA LEU F 77 29.29 -6.50 -26.43
C LEU F 77 30.38 -7.41 -26.99
N GLU F 78 31.63 -7.08 -26.71
CA GLU F 78 32.78 -7.86 -27.16
C GLU F 78 33.53 -8.53 -26.02
N GLY F 79 33.13 -8.26 -24.78
CA GLY F 79 33.76 -8.85 -23.61
C GLY F 79 33.29 -8.15 -22.36
N ALA F 80 33.59 -8.71 -21.20
CA ALA F 80 33.24 -8.11 -19.93
C ALA F 80 34.36 -8.34 -18.93
N GLU F 81 35.28 -7.38 -18.84
CA GLU F 81 36.42 -7.47 -17.94
C GLU F 81 35.94 -7.57 -16.49
N LEU F 82 36.56 -8.49 -15.74
CA LEU F 82 36.24 -8.70 -14.33
C LEU F 82 37.38 -8.16 -13.48
N SER F 83 37.04 -7.34 -12.50
CA SER F 83 38.00 -6.62 -11.69
C SER F 83 37.79 -6.95 -10.22
N VAL F 84 38.86 -7.34 -9.54
CA VAL F 84 38.84 -7.66 -8.13
C VAL F 84 39.86 -6.77 -7.44
N LEU F 85 39.37 -5.84 -6.61
CA LEU F 85 40.19 -4.80 -6.03
C LEU F 85 40.13 -4.87 -4.52
N GLN F 86 41.28 -5.08 -3.89
CA GLN F 86 41.35 -5.01 -2.44
C GLN F 86 41.26 -3.57 -1.96
N LEU F 87 40.55 -3.37 -0.85
CA LEU F 87 40.22 -2.01 -0.43
C LEU F 87 41.34 -1.35 0.34
N ASN F 88 41.70 -1.91 1.51
CA ASN F 88 42.63 -1.22 2.40
C ASN F 88 44.00 -1.06 1.75
N THR F 89 44.45 -2.08 1.04
CA THR F 89 45.63 -2.01 0.19
C THR F 89 45.18 -2.31 -1.23
N ASN F 90 45.64 -1.50 -2.18
CA ASN F 90 44.97 -1.35 -3.47
C ASN F 90 45.42 -2.35 -4.52
N GLU F 91 45.85 -3.54 -4.12
CA GLU F 91 46.18 -4.57 -5.09
C GLU F 91 44.96 -4.85 -5.97
N ARG F 92 45.12 -4.70 -7.26
CA ARG F 92 44.06 -4.96 -8.23
C ARG F 92 44.49 -6.09 -9.16
N LEU F 93 43.61 -7.06 -9.33
CA LEU F 93 43.79 -8.13 -10.30
C LEU F 93 42.58 -8.15 -11.21
N CYS F 94 42.81 -8.18 -12.51
CA CYS F 94 41.74 -8.21 -13.48
C CYS F 94 41.97 -9.32 -14.47
N VAL F 95 40.87 -9.87 -14.98
CA VAL F 95 40.90 -10.91 -16.00
C VAL F 95 39.97 -10.47 -17.13
N ARG F 96 40.42 -10.69 -18.36
CA ARG F 96 39.71 -10.20 -19.54
C ARG F 96 38.80 -11.29 -20.07
N PHE F 97 37.50 -11.02 -20.09
CA PHE F 97 36.54 -11.85 -20.79
C PHE F 97 36.45 -11.36 -22.23
N GLU F 98 36.54 -12.29 -23.18
CA GLU F 98 36.56 -11.92 -24.60
C GLU F 98 35.61 -12.85 -25.35
N PHE F 99 34.59 -12.27 -25.96
CA PHE F 99 33.54 -13.04 -26.63
C PHE F 99 33.83 -13.03 -28.13
N LEU F 100 34.34 -14.16 -28.63
CA LEU F 100 34.67 -14.26 -30.05
C LEU F 100 33.44 -14.06 -30.93
N SER F 101 32.37 -14.78 -30.65
CA SER F 101 31.15 -14.69 -31.44
C SER F 101 30.21 -13.65 -30.83
N LYS F 102 29.54 -12.90 -31.70
CA LYS F 102 28.62 -11.87 -31.25
C LYS F 102 27.43 -12.49 -30.53
N LEU F 103 27.04 -11.86 -29.42
CA LEU F 103 25.88 -12.32 -28.64
C LEU F 103 24.60 -11.73 -29.24
N ARG F 104 24.32 -12.15 -30.47
CA ARG F 104 23.21 -11.62 -31.24
C ARG F 104 21.89 -12.33 -30.97
N HIS F 105 21.86 -13.28 -30.04
CA HIS F 105 20.66 -14.05 -29.74
C HIS F 105 20.19 -13.75 -28.33
N HIS F 106 18.91 -13.45 -28.19
CA HIS F 106 18.26 -13.30 -26.89
C HIS F 106 17.30 -14.44 -26.60
N HIS F 107 17.56 -15.62 -27.18
CA HIS F 107 16.67 -16.76 -26.97
C HIS F 107 16.63 -17.17 -25.51
N ARG F 108 17.79 -17.17 -24.85
CA ARG F 108 17.88 -17.53 -23.44
C ARG F 108 18.71 -16.49 -22.71
N ARG F 109 18.32 -16.18 -21.47
CA ARG F 109 19.05 -15.22 -20.66
C ARG F 109 20.47 -15.71 -20.39
N TRP F 110 21.46 -15.03 -20.96
CA TRP F 110 22.85 -15.41 -20.76
C TRP F 110 23.27 -15.11 -19.33
N ARG F 111 23.89 -16.09 -18.68
CA ARG F 111 24.41 -15.93 -17.33
C ARG F 111 25.85 -16.41 -17.32
N PHE F 112 26.74 -15.57 -16.79
CA PHE F 112 28.16 -15.85 -16.76
C PHE F 112 28.64 -15.94 -15.32
N THR F 113 29.58 -16.86 -15.08
CA THR F 113 30.14 -17.07 -13.75
C THR F 113 31.65 -17.16 -13.86
N PHE F 114 32.33 -16.75 -12.79
CA PHE F 114 33.78 -16.83 -12.71
C PHE F 114 34.17 -17.05 -11.27
N SER F 115 34.84 -18.17 -10.98
CA SER F 115 35.17 -18.57 -9.62
C SER F 115 36.60 -19.08 -9.52
N HIS F 116 37.56 -18.33 -10.06
CA HIS F 116 38.98 -18.61 -9.83
C HIS F 116 39.70 -17.40 -9.28
N PHE F 117 39.15 -16.78 -8.25
CA PHE F 117 39.75 -15.63 -7.58
C PHE F 117 39.99 -16.00 -6.12
N VAL F 118 41.23 -16.26 -5.75
CA VAL F 118 41.52 -16.67 -4.38
C VAL F 118 41.29 -15.49 -3.46
N VAL F 119 40.18 -15.52 -2.72
CA VAL F 119 39.81 -14.46 -1.81
C VAL F 119 40.41 -14.78 -0.45
N ASP F 120 41.15 -13.86 0.09
CA ASP F 120 41.70 -14.06 1.41
C ASP F 120 40.61 -13.88 2.46
N PRO F 121 40.76 -14.54 3.62
CA PRO F 121 39.83 -14.28 4.73
C PRO F 121 39.90 -12.84 5.20
N ASP F 122 38.74 -12.27 5.51
CA ASP F 122 38.55 -10.97 6.15
C ASP F 122 38.87 -9.78 5.24
N GLN F 123 39.11 -10.01 3.95
CA GLN F 123 39.53 -8.94 3.03
C GLN F 123 38.45 -8.74 1.97
N GLU F 124 37.83 -7.57 1.98
CA GLU F 124 36.81 -7.25 0.99
C GLU F 124 37.45 -7.03 -0.37
N TYR F 125 36.67 -7.33 -1.41
CA TYR F 125 37.14 -7.24 -2.79
C TYR F 125 35.99 -6.73 -3.66
N GLU F 126 36.00 -5.43 -3.94
CA GLU F 126 35.08 -4.87 -4.91
C GLU F 126 35.24 -5.60 -6.25
N VAL F 127 34.17 -6.24 -6.70
CA VAL F 127 34.18 -6.97 -7.96
C VAL F 127 33.37 -6.16 -8.96
N THR F 128 34.02 -5.77 -10.05
CA THR F 128 33.39 -4.96 -11.08
C THR F 128 33.46 -5.69 -12.41
N VAL F 129 32.38 -5.63 -13.17
CA VAL F 129 32.37 -6.17 -14.53
C VAL F 129 32.23 -5.04 -15.53
N HIS F 130 33.35 -4.55 -16.03
CA HIS F 130 33.36 -3.48 -17.05
C HIS F 130 33.11 -4.10 -18.41
N HIS F 131 31.99 -3.77 -19.03
CA HIS F 131 31.71 -4.28 -20.37
C HIS F 131 32.65 -3.64 -21.38
N LEU F 132 32.97 -4.40 -22.43
CA LEU F 132 33.85 -3.92 -23.48
C LEU F 132 33.09 -3.78 -24.78
N PRO F 133 33.17 -2.64 -25.47
CA PRO F 133 33.99 -1.44 -25.19
C PRO F 133 33.55 -0.61 -24.00
N LYS F 134 34.50 0.06 -23.37
CA LYS F 134 34.23 0.91 -22.23
C LYS F 134 33.63 2.24 -22.68
N PRO F 135 32.99 2.98 -21.78
CA PRO F 135 32.26 4.19 -22.19
C PRO F 135 33.18 5.27 -22.76
N ILE F 136 32.60 6.07 -23.65
CA ILE F 136 33.25 7.26 -24.21
C ILE F 136 33.32 8.32 -23.10
N PRO F 137 34.15 9.36 -23.23
CA PRO F 137 34.25 10.35 -22.16
C PRO F 137 32.90 10.97 -21.84
N ASP F 138 32.62 11.09 -20.54
CA ASP F 138 31.35 11.62 -20.04
C ASP F 138 30.15 10.86 -20.61
N GLY F 139 30.09 9.57 -20.28
CA GLY F 139 29.02 8.70 -20.73
C GLY F 139 28.46 7.87 -19.60
N ASP F 140 27.52 7.00 -19.95
CA ASP F 140 26.91 6.11 -18.97
C ASP F 140 27.95 5.14 -18.43
N PRO F 141 27.98 4.89 -17.12
CA PRO F 141 29.05 4.06 -16.55
C PRO F 141 29.09 2.66 -17.09
N ASN F 142 27.94 2.05 -17.39
CA ASN F 142 27.80 0.71 -17.98
C ASN F 142 28.62 -0.36 -17.23
N HIS F 143 28.99 -0.09 -15.98
CA HIS F 143 29.76 -1.03 -15.17
C HIS F 143 29.02 -1.31 -13.88
N GLN F 144 29.11 -2.56 -13.42
CA GLN F 144 28.48 -3.01 -12.19
C GLN F 144 29.55 -3.25 -11.12
N SER F 145 29.34 -2.70 -9.93
CA SER F 145 30.29 -2.84 -8.84
C SER F 145 29.54 -3.10 -7.54
N LYS F 146 30.13 -3.95 -6.69
CA LYS F 146 29.51 -4.28 -5.42
C LYS F 146 30.56 -4.79 -4.45
N ASN F 147 30.51 -4.30 -3.22
CA ASN F 147 31.42 -4.77 -2.19
C ASN F 147 31.16 -6.24 -1.88
N PHE F 148 32.24 -6.98 -1.63
CA PHE F 148 32.18 -8.42 -1.39
C PHE F 148 32.94 -8.71 -0.09
N LEU F 149 32.24 -8.58 1.03
CA LEU F 149 32.84 -8.80 2.34
C LEU F 149 32.97 -10.30 2.61
N VAL F 150 34.05 -10.67 3.28
CA VAL F 150 34.33 -12.07 3.62
C VAL F 150 34.63 -12.16 5.11
N PRO F 151 34.02 -13.10 5.83
CA PRO F 151 34.23 -13.18 7.27
C PRO F 151 35.59 -13.78 7.63
N ASP F 152 35.98 -13.57 8.87
CA ASP F 152 37.29 -13.98 9.35
C ASP F 152 37.29 -15.49 9.61
N CYS F 153 38.37 -15.98 10.23
CA CYS F 153 38.51 -17.40 10.51
C CYS F 153 37.53 -17.92 11.54
N GLU F 154 36.85 -17.03 12.27
CA GLU F 154 35.81 -17.46 13.21
C GLU F 154 34.63 -18.10 12.52
N HIS F 155 34.51 -17.94 11.21
CA HIS F 155 33.48 -18.64 10.44
C HIS F 155 33.72 -20.15 10.52
N ALA F 156 32.62 -20.90 10.58
CA ALA F 156 32.72 -22.34 10.79
C ALA F 156 33.39 -23.02 9.59
N ARG F 157 32.91 -22.75 8.38
CA ARG F 157 33.50 -23.38 7.21
C ARG F 157 34.86 -22.80 6.86
N MET F 158 35.09 -21.52 7.18
CA MET F 158 36.35 -20.88 6.85
C MET F 158 37.50 -21.31 7.73
N LYS F 159 37.22 -21.77 8.96
CA LYS F 159 38.29 -22.15 9.87
C LYS F 159 39.07 -23.36 9.43
N VAL F 160 38.59 -24.09 8.41
CA VAL F 160 39.27 -25.25 7.87
C VAL F 160 39.97 -24.94 6.54
N THR F 161 39.94 -23.67 6.12
CA THR F 161 40.59 -23.27 4.87
C THR F 161 42.07 -23.05 5.08
N THR F 162 42.85 -23.31 4.02
CA THR F 162 44.31 -23.26 4.13
C THR F 162 44.83 -21.93 4.67
N PRO F 163 44.40 -20.76 4.18
CA PRO F 163 44.88 -19.52 4.79
C PRO F 163 44.53 -19.41 6.27
N CYS F 164 43.37 -19.92 6.66
CA CYS F 164 42.98 -19.85 8.06
C CYS F 164 43.71 -20.89 8.91
N MET F 165 43.89 -22.11 8.38
CA MET F 165 44.66 -23.11 9.12
C MET F 165 46.10 -22.66 9.34
N SER F 166 46.73 -22.13 8.28
CA SER F 166 48.11 -21.70 8.39
C SER F 166 48.29 -20.52 9.34
N SER F 167 47.21 -19.86 9.73
CA SER F 167 47.29 -18.78 10.71
C SER F 167 47.15 -19.27 12.14
N GLY F 168 46.66 -20.50 12.33
CA GLY F 168 46.48 -21.03 13.67
C GLY F 168 45.04 -21.03 14.12
N SER F 169 44.11 -21.25 13.18
CA SER F 169 42.70 -21.29 13.52
C SER F 169 42.32 -22.55 14.30
N LEU F 170 43.15 -23.60 14.23
CA LEU F 170 42.88 -24.86 14.89
C LEU F 170 43.79 -25.08 16.09
N TRP F 171 44.52 -24.06 16.54
CA TRP F 171 45.44 -24.19 17.67
C TRP F 171 44.66 -24.04 18.97
N ASP F 172 44.84 -25.01 19.87
CA ASP F 172 44.17 -24.98 21.15
C ASP F 172 45.10 -24.42 22.20
N PRO F 173 44.78 -23.29 22.83
CA PRO F 173 45.66 -22.76 23.88
C PRO F 173 45.70 -23.65 25.10
N ASN F 174 44.53 -24.00 25.62
CA ASN F 174 44.40 -24.81 26.83
C ASN F 174 45.23 -24.23 27.97
N ILE F 175 45.04 -22.94 28.21
CA ILE F 175 45.80 -22.24 29.24
C ILE F 175 45.47 -22.81 30.61
N THR F 176 46.45 -22.75 31.50
CA THR F 176 46.32 -23.33 32.84
C THR F 176 47.09 -22.45 33.81
N VAL F 177 46.38 -21.61 34.56
CA VAL F 177 46.99 -20.73 35.56
C VAL F 177 46.66 -21.28 36.93
N GLU F 178 47.70 -21.52 37.74
CA GLU F 178 47.51 -22.05 39.08
C GLU F 178 48.20 -21.17 40.12
N GLN F 184 53.25 -18.50 44.64
CA GLN F 184 53.83 -18.47 43.30
C GLN F 184 52.83 -18.95 42.26
N LEU F 185 52.91 -18.40 41.06
CA LEU F 185 51.99 -18.71 39.98
C LEU F 185 52.72 -19.47 38.88
N ARG F 186 52.00 -20.41 38.24
CA ARG F 186 52.54 -21.20 37.16
C ARG F 186 51.53 -21.26 36.03
N VAL F 187 52.03 -21.17 34.79
CA VAL F 187 51.17 -21.23 33.61
C VAL F 187 51.75 -22.27 32.66
N SER F 188 50.87 -22.83 31.82
CA SER F 188 51.27 -23.79 30.82
C SER F 188 50.44 -23.57 29.55
N PHE F 189 51.05 -23.85 28.41
CA PHE F 189 50.42 -23.60 27.12
C PHE F 189 50.89 -24.64 26.11
N THR F 190 50.11 -24.78 25.03
CA THR F 190 50.34 -25.82 24.04
C THR F 190 51.32 -25.34 22.97
N LEU F 191 51.50 -26.16 21.93
CA LEU F 191 52.51 -25.95 20.91
C LEU F 191 52.02 -26.45 19.56
N TRP F 192 52.43 -25.75 18.50
CA TRP F 192 52.24 -26.19 17.13
C TRP F 192 53.59 -26.14 16.42
N ASN F 193 53.76 -27.02 15.44
CA ASN F 193 55.10 -27.35 14.91
C ASN F 193 55.70 -26.23 14.07
N GLU F 194 56.04 -25.12 14.71
CA GLU F 194 56.65 -23.99 14.03
C GLU F 194 57.87 -23.50 14.81
N SER F 195 58.91 -23.12 14.08
CA SER F 195 60.13 -22.58 14.67
C SER F 195 59.97 -21.09 14.96
N THR F 196 58.92 -20.77 15.72
CA THR F 196 58.60 -19.41 16.09
C THR F 196 58.57 -19.29 17.61
N HIS F 197 58.89 -18.10 18.10
CA HIS F 197 58.91 -17.85 19.54
C HIS F 197 57.56 -17.29 19.96
N TYR F 198 56.82 -18.06 20.74
CA TYR F 198 55.50 -17.67 21.22
C TYR F 198 55.64 -16.74 22.41
N GLN F 199 54.52 -16.13 22.81
CA GLN F 199 54.52 -15.11 23.84
C GLN F 199 53.44 -15.36 24.88
N ILE F 200 53.76 -15.04 26.13
CA ILE F 200 52.81 -15.05 27.23
C ILE F 200 52.91 -13.72 27.95
N LEU F 201 51.81 -12.97 27.97
CA LEU F 201 51.79 -11.62 28.50
C LEU F 201 50.77 -11.53 29.62
N LEU F 202 51.16 -10.93 30.74
CA LEU F 202 50.27 -10.78 31.89
C LEU F 202 50.45 -9.40 32.52
N GLU F 215 51.22 -7.50 35.61
CA GLU F 215 52.27 -6.74 34.96
C GLU F 215 53.56 -7.54 34.90
N HIS F 216 53.68 -8.39 33.88
CA HIS F 216 54.87 -9.23 33.71
C HIS F 216 55.03 -9.55 32.23
N MET F 217 56.24 -9.96 31.87
CA MET F 217 56.55 -10.32 30.49
C MET F 217 57.56 -11.45 30.48
N HIS F 218 57.28 -12.49 29.70
CA HIS F 218 58.17 -13.63 29.60
C HIS F 218 58.22 -14.10 28.14
N HIS F 219 59.34 -14.68 27.77
CA HIS F 219 59.60 -15.12 26.41
C HIS F 219 59.82 -16.63 26.39
N ILE F 220 59.37 -17.26 25.31
CA ILE F 220 59.55 -18.69 25.10
C ILE F 220 60.28 -18.87 23.77
N PRO F 221 61.36 -19.64 23.71
CA PRO F 221 62.08 -19.82 22.45
C PRO F 221 61.27 -20.61 21.43
N ALA F 222 61.89 -20.92 20.29
CA ALA F 222 61.18 -21.56 19.19
C ALA F 222 61.19 -23.08 19.36
N PRO F 223 60.03 -23.77 19.28
CA PRO F 223 59.97 -25.22 19.49
C PRO F 223 60.62 -26.02 18.36
N ARG F 224 61.58 -26.89 18.68
CA ARG F 224 62.20 -27.75 17.70
C ARG F 224 61.15 -28.67 17.08
N PRO F 225 61.42 -29.23 15.90
CA PRO F 225 60.42 -30.10 15.25
C PRO F 225 60.08 -31.36 16.03
N GLU F 226 60.76 -31.59 17.16
CA GLU F 226 60.52 -32.78 17.98
C GLU F 226 59.45 -32.57 19.04
N GLU F 227 58.97 -31.34 19.24
CA GLU F 227 57.90 -31.09 20.21
C GLU F 227 56.73 -30.41 19.53
N PHE F 228 56.27 -31.00 18.42
CA PHE F 228 55.23 -30.38 17.60
C PHE F 228 54.02 -29.97 18.43
N HIS F 229 53.55 -30.85 19.31
CA HIS F 229 52.40 -30.53 20.15
C HIS F 229 52.71 -30.73 21.63
N GLN F 230 53.99 -30.86 21.99
CA GLN F 230 54.34 -31.13 23.38
C GLN F 230 54.08 -29.91 24.25
N ARG F 231 53.41 -30.14 25.37
CA ARG F 231 53.07 -29.05 26.29
C ARG F 231 54.31 -28.50 26.97
N SER F 232 54.26 -27.21 27.30
CA SER F 232 55.31 -26.56 28.06
C SER F 232 54.66 -25.70 29.14
N ASN F 233 55.46 -25.25 30.10
CA ASN F 233 54.95 -24.48 31.22
C ASN F 233 55.94 -23.40 31.61
N VAL F 234 55.41 -22.35 32.24
CA VAL F 234 56.22 -21.22 32.70
C VAL F 234 55.76 -20.87 34.11
N THR F 235 56.72 -20.57 34.99
CA THR F 235 56.42 -20.16 36.36
C THR F 235 56.11 -18.66 36.39
N LEU F 236 56.02 -18.10 37.59
CA LEU F 236 55.77 -16.67 37.74
C LEU F 236 57.06 -15.88 37.58
N VAL F 249 47.30 -12.96 31.10
CA VAL F 249 47.58 -14.28 30.56
C VAL F 249 47.00 -14.41 29.15
N GLN F 250 47.83 -14.12 28.15
CA GLN F 250 47.41 -14.21 26.75
C GLN F 250 48.55 -14.80 25.93
N ILE F 251 48.18 -15.41 24.81
CA ILE F 251 49.13 -16.12 23.95
C ILE F 251 49.02 -15.54 22.54
N GLN F 252 50.16 -15.16 21.97
CA GLN F 252 50.23 -14.65 20.60
C GLN F 252 51.32 -15.40 19.84
N PRO F 253 50.98 -16.12 18.78
CA PRO F 253 52.00 -16.83 18.00
C PRO F 253 52.47 -16.00 16.80
N PHE F 254 53.66 -16.35 16.33
CA PHE F 254 54.20 -15.87 15.08
C PHE F 254 54.23 -17.02 14.09
N PHE F 255 54.33 -16.71 12.81
CA PHE F 255 54.04 -17.69 11.77
C PHE F 255 54.58 -17.18 10.45
N SER F 256 54.38 -17.99 9.41
CA SER F 256 54.58 -17.50 8.04
C SER F 256 53.39 -16.69 7.55
N SER F 257 52.17 -17.10 7.90
CA SER F 257 50.99 -16.32 7.57
C SER F 257 50.81 -15.14 8.49
N CYS F 258 51.63 -15.02 9.53
CA CYS F 258 51.56 -13.89 10.44
C CYS F 258 52.95 -13.61 10.98
N LEU F 259 53.42 -12.38 10.81
CA LEU F 259 54.58 -11.93 11.55
C LEU F 259 54.21 -11.16 12.81
N ASN F 260 53.04 -10.54 12.86
CA ASN F 260 52.66 -9.85 14.08
C ASN F 260 51.19 -9.97 14.48
N ASP F 261 50.30 -10.50 13.63
CA ASP F 261 48.85 -10.28 13.83
C ASP F 261 48.06 -11.50 13.36
N CYS F 262 47.55 -12.28 14.31
CA CYS F 262 46.38 -13.14 14.11
C CYS F 262 45.82 -13.47 15.49
N LEU F 263 45.00 -14.53 15.55
CA LEU F 263 44.30 -14.95 16.75
C LEU F 263 45.22 -14.98 17.97
N ARG F 264 44.91 -14.13 18.95
CA ARG F 264 45.64 -14.06 20.21
C ARG F 264 44.82 -14.77 21.29
N HIS F 265 45.24 -15.98 21.65
CA HIS F 265 44.55 -16.74 22.67
C HIS F 265 44.88 -16.21 24.06
N SER F 266 43.98 -16.46 25.00
CA SER F 266 44.18 -16.01 26.37
C SER F 266 43.42 -16.89 27.37
N GLU G 2 -32.98 -33.87 -11.38
CA GLU G 2 -32.59 -34.00 -9.98
C GLU G 2 -32.32 -32.63 -9.37
N ARG G 3 -32.43 -32.55 -8.04
CA ARG G 3 -32.27 -31.26 -7.36
C ARG G 3 -30.84 -30.97 -6.98
N LEU G 4 -30.03 -32.00 -6.72
CA LEU G 4 -28.67 -31.82 -6.25
C LEU G 4 -27.68 -32.15 -7.38
N VAL G 5 -26.78 -31.20 -7.65
CA VAL G 5 -25.75 -31.38 -8.66
C VAL G 5 -24.40 -30.95 -8.07
N GLY G 6 -23.34 -31.44 -8.69
CA GLY G 6 -21.99 -31.16 -8.21
C GLY G 6 -21.52 -29.79 -8.60
N PRO G 7 -20.34 -29.42 -8.10
CA PRO G 7 -19.78 -28.09 -8.40
C PRO G 7 -19.23 -27.99 -9.82
N GLN G 8 -20.08 -28.23 -10.81
CA GLN G 8 -19.70 -28.12 -12.21
C GLN G 8 -20.96 -27.89 -13.04
N ASP G 9 -20.76 -27.41 -14.27
CA ASP G 9 -21.85 -27.11 -15.18
C ASP G 9 -21.89 -28.15 -16.30
N ALA G 10 -23.09 -28.62 -16.61
CA ALA G 10 -23.29 -29.61 -17.65
C ALA G 10 -24.66 -29.36 -18.29
N THR G 11 -25.16 -30.33 -19.04
CA THR G 11 -26.45 -30.21 -19.68
C THR G 11 -27.28 -31.46 -19.44
N HIS G 12 -28.59 -31.27 -19.29
CA HIS G 12 -29.55 -32.37 -19.22
C HIS G 12 -30.25 -32.43 -20.57
N CYS G 13 -29.97 -33.47 -21.34
CA CYS G 13 -30.24 -33.50 -22.76
C CYS G 13 -31.40 -34.43 -23.08
N SER G 14 -32.26 -33.99 -23.98
CA SER G 14 -33.42 -34.77 -24.39
C SER G 14 -32.94 -36.07 -25.05
N PRO G 15 -33.66 -37.18 -24.88
CA PRO G 15 -33.22 -38.43 -25.50
C PRO G 15 -33.51 -38.47 -26.99
N GLY G 16 -32.63 -39.20 -27.71
CA GLY G 16 -32.63 -39.16 -29.15
C GLY G 16 -31.64 -38.18 -29.74
N LEU G 17 -31.69 -36.92 -29.31
CA LEU G 17 -30.82 -35.89 -29.86
C LEU G 17 -29.52 -35.82 -29.07
N SER G 18 -28.44 -35.46 -29.77
CA SER G 18 -27.16 -35.24 -29.10
C SER G 18 -27.12 -33.83 -28.51
N CYS G 19 -26.11 -33.59 -27.67
CA CYS G 19 -26.13 -32.41 -26.81
C CYS G 19 -24.76 -32.22 -26.17
N ARG G 20 -24.31 -30.97 -26.10
CA ARG G 20 -22.98 -30.64 -25.63
C ARG G 20 -22.97 -29.19 -25.17
N LEU G 21 -21.90 -28.83 -24.44
CA LEU G 21 -21.73 -27.48 -23.90
C LEU G 21 -20.40 -26.90 -24.35
N TRP G 22 -20.39 -25.58 -24.58
CA TRP G 22 -19.18 -24.84 -24.95
C TRP G 22 -19.07 -23.56 -24.14
N ASP G 23 -19.47 -23.61 -22.88
CA ASP G 23 -19.49 -22.41 -22.03
C ASP G 23 -18.07 -21.95 -21.74
N SER G 24 -17.77 -20.70 -22.09
CA SER G 24 -16.55 -20.05 -21.64
C SER G 24 -16.78 -18.58 -21.33
N ASP G 25 -17.99 -18.22 -20.88
CA ASP G 25 -18.41 -16.82 -20.76
C ASP G 25 -18.24 -16.10 -22.10
N ILE G 26 -18.75 -16.73 -23.15
CA ILE G 26 -18.43 -16.31 -24.51
C ILE G 26 -19.03 -14.93 -24.82
N LEU G 27 -18.51 -14.33 -25.89
CA LEU G 27 -19.03 -13.04 -26.35
C LEU G 27 -20.44 -13.23 -26.91
N CYS G 28 -21.40 -12.57 -26.27
CA CYS G 28 -22.82 -12.86 -26.48
C CYS G 28 -23.52 -11.61 -27.00
N LEU G 29 -23.88 -11.62 -28.29
CA LEU G 29 -24.63 -10.51 -28.87
C LEU G 29 -25.67 -11.05 -29.85
N PRO G 30 -26.86 -10.43 -29.89
CA PRO G 30 -27.93 -10.94 -30.76
C PRO G 30 -27.62 -10.81 -32.24
N GLY G 31 -27.26 -9.61 -32.67
CA GLY G 31 -27.06 -9.34 -34.08
C GLY G 31 -28.33 -8.85 -34.72
N ASP G 32 -28.68 -9.41 -35.88
CA ASP G 32 -29.92 -9.08 -36.56
C ASP G 32 -30.53 -10.35 -37.13
N ILE G 33 -31.86 -10.35 -37.21
CA ILE G 33 -32.58 -11.52 -37.70
C ILE G 33 -32.39 -11.65 -39.20
N VAL G 34 -32.04 -12.85 -39.66
CA VAL G 34 -31.81 -13.10 -41.08
C VAL G 34 -32.74 -14.22 -41.54
N PRO G 35 -33.37 -14.10 -42.71
CA PRO G 35 -34.25 -15.17 -43.19
C PRO G 35 -33.50 -16.42 -43.61
N ALA G 36 -34.21 -17.41 -44.12
CA ALA G 36 -33.60 -18.66 -44.55
C ALA G 36 -33.02 -18.54 -45.95
N PRO G 39 -36.97 -25.74 -42.87
CA PRO G 39 -36.77 -26.68 -41.77
C PRO G 39 -35.53 -26.37 -40.94
N VAL G 40 -35.68 -25.53 -39.92
CA VAL G 40 -34.58 -25.16 -39.04
C VAL G 40 -35.07 -25.23 -37.60
N LEU G 41 -34.25 -25.84 -36.73
CA LEU G 41 -34.58 -25.92 -35.33
C LEU G 41 -34.61 -24.53 -34.70
N ALA G 42 -35.51 -24.34 -33.74
CA ALA G 42 -35.68 -23.03 -33.13
C ALA G 42 -36.28 -23.21 -31.74
N PRO G 43 -35.93 -22.35 -30.79
CA PRO G 43 -36.56 -22.40 -29.47
C PRO G 43 -38.01 -21.94 -29.53
N THR G 44 -38.78 -22.38 -28.53
CA THR G 44 -40.19 -22.02 -28.45
C THR G 44 -40.59 -21.42 -27.11
N HIS G 45 -40.01 -21.89 -26.01
CA HIS G 45 -40.38 -21.39 -24.69
C HIS G 45 -39.25 -21.69 -23.72
N LEU G 46 -39.23 -20.94 -22.62
CA LEU G 46 -38.20 -21.07 -21.59
C LEU G 46 -38.84 -21.66 -20.34
N GLN G 47 -38.26 -22.76 -19.85
CA GLN G 47 -38.76 -23.48 -18.68
C GLN G 47 -37.68 -23.52 -17.62
N THR G 48 -38.03 -23.08 -16.41
CA THR G 48 -37.06 -22.94 -15.33
C THR G 48 -37.47 -23.76 -14.11
N GLU G 49 -36.48 -24.32 -13.43
CA GLU G 49 -36.66 -25.03 -12.17
C GLU G 49 -35.55 -24.62 -11.23
N LEU G 50 -35.92 -24.08 -10.07
CA LEU G 50 -34.93 -23.69 -9.07
C LEU G 50 -34.24 -24.95 -8.54
N VAL G 51 -32.93 -25.03 -8.74
CA VAL G 51 -32.16 -26.24 -8.47
C VAL G 51 -30.98 -25.88 -7.58
N LEU G 52 -30.52 -26.86 -6.81
CA LEU G 52 -29.45 -26.65 -5.84
C LEU G 52 -28.16 -27.23 -6.40
N ARG G 53 -27.08 -26.43 -6.34
CA ARG G 53 -25.78 -26.83 -6.84
C ARG G 53 -24.82 -26.99 -5.68
N CYS G 54 -24.21 -28.16 -5.57
CA CYS G 54 -23.25 -28.44 -4.52
C CYS G 54 -22.15 -29.38 -5.00
N CYS G 60 -21.63 -25.97 -2.29
CA CYS G 60 -23.06 -25.79 -2.09
C CYS G 60 -23.49 -24.35 -2.38
N ASP G 61 -24.34 -24.18 -3.39
CA ASP G 61 -24.83 -22.86 -3.76
C ASP G 61 -26.16 -22.99 -4.47
N LEU G 62 -27.04 -22.02 -4.25
CA LEU G 62 -28.30 -21.97 -4.98
C LEU G 62 -28.10 -21.36 -6.35
N CYS G 63 -28.72 -21.96 -7.35
CA CYS G 63 -28.57 -21.47 -8.72
C CYS G 63 -29.77 -21.92 -9.56
N LEU G 64 -30.33 -20.99 -10.32
CA LEU G 64 -31.47 -21.32 -11.16
C LEU G 64 -31.05 -22.23 -12.30
N ARG G 65 -31.85 -23.27 -12.55
CA ARG G 65 -31.65 -24.17 -13.67
C ARG G 65 -32.69 -23.85 -14.74
N VAL G 66 -32.23 -23.73 -15.99
CA VAL G 66 -33.07 -23.27 -17.10
C VAL G 66 -33.18 -24.40 -18.13
N ALA G 67 -34.26 -24.37 -18.89
CA ALA G 67 -34.49 -25.31 -19.98
C ALA G 67 -35.09 -24.57 -21.17
N VAL G 68 -34.74 -25.02 -22.37
CA VAL G 68 -35.17 -24.37 -23.60
C VAL G 68 -35.97 -25.38 -24.41
N HIS G 69 -37.26 -25.12 -24.57
CA HIS G 69 -38.08 -25.95 -25.44
C HIS G 69 -37.67 -25.76 -26.90
N LEU G 70 -37.77 -26.83 -27.68
CA LEU G 70 -37.31 -26.83 -29.06
C LEU G 70 -38.41 -27.31 -29.99
N ALA G 71 -38.37 -26.82 -31.22
CA ALA G 71 -39.32 -27.20 -32.26
C ALA G 71 -38.69 -26.90 -33.61
N VAL G 72 -39.48 -27.05 -34.67
CA VAL G 72 -39.04 -26.82 -36.05
C VAL G 72 -40.00 -25.83 -36.70
N HIS G 73 -39.48 -24.70 -37.15
CA HIS G 73 -40.27 -23.70 -37.85
C HIS G 73 -39.63 -23.44 -39.22
N GLY G 74 -40.16 -22.44 -39.93
CA GLY G 74 -39.61 -22.00 -41.20
C GLY G 74 -40.61 -22.19 -42.33
N HIS G 75 -40.09 -22.60 -43.49
CA HIS G 75 -40.93 -22.81 -44.66
C HIS G 75 -40.99 -24.28 -45.03
N ALA G 99 -29.50 -35.26 -44.54
CA ALA G 99 -29.89 -36.55 -43.97
C ALA G 99 -29.92 -36.48 -42.45
N SER G 100 -29.81 -35.26 -41.92
CA SER G 100 -29.83 -35.03 -40.48
C SER G 100 -30.23 -33.58 -40.23
N LEU G 101 -30.11 -33.15 -38.99
CA LEU G 101 -30.44 -31.78 -38.62
C LEU G 101 -29.54 -31.34 -37.48
N GLN G 102 -28.92 -30.17 -37.63
CA GLN G 102 -28.02 -29.62 -36.62
C GLN G 102 -28.39 -28.18 -36.34
N ALA G 103 -28.21 -27.76 -35.10
CA ALA G 103 -28.52 -26.39 -34.70
C ALA G 103 -27.75 -26.07 -33.43
N GLN G 104 -27.70 -24.79 -33.12
CA GLN G 104 -27.05 -24.30 -31.91
C GLN G 104 -27.95 -23.29 -31.22
N VAL G 105 -28.05 -23.40 -29.90
CA VAL G 105 -28.88 -22.53 -29.08
C VAL G 105 -27.98 -21.79 -28.10
N VAL G 106 -28.04 -20.47 -28.11
CA VAL G 106 -27.27 -19.65 -27.21
C VAL G 106 -28.16 -19.23 -26.05
N LEU G 107 -27.65 -19.40 -24.84
CA LEU G 107 -28.38 -19.11 -23.62
C LEU G 107 -27.78 -17.87 -22.98
N SER G 108 -28.56 -16.80 -22.93
CA SER G 108 -28.09 -15.54 -22.35
C SER G 108 -28.22 -15.59 -20.83
N PHE G 109 -27.95 -14.47 -20.18
CA PHE G 109 -27.98 -14.37 -18.74
C PHE G 109 -27.89 -12.91 -18.34
N GLN G 110 -28.51 -12.58 -17.22
CA GLN G 110 -28.41 -11.24 -16.67
C GLN G 110 -28.84 -11.27 -15.21
N ALA G 111 -28.07 -10.58 -14.37
CA ALA G 111 -28.36 -10.40 -12.95
C ALA G 111 -27.38 -9.39 -12.40
N TYR G 112 -27.86 -8.48 -11.58
CA TYR G 112 -26.96 -7.50 -10.97
C TYR G 112 -25.99 -8.21 -10.05
N PRO G 113 -24.68 -8.02 -10.22
CA PRO G 113 -24.01 -7.29 -11.29
C PRO G 113 -23.31 -8.22 -12.28
N THR G 114 -23.94 -9.34 -12.67
CA THR G 114 -23.28 -10.37 -13.45
C THR G 114 -23.92 -10.47 -14.83
N ALA G 115 -23.07 -10.51 -15.86
CA ALA G 115 -23.47 -10.82 -17.22
C ALA G 115 -22.63 -12.00 -17.69
N ARG G 116 -23.27 -12.94 -18.39
CA ARG G 116 -22.57 -14.14 -18.81
C ARG G 116 -23.32 -14.75 -19.99
N CYS G 117 -22.62 -15.61 -20.72
CA CYS G 117 -23.21 -16.30 -21.86
C CYS G 117 -22.78 -17.75 -21.83
N VAL G 118 -23.60 -18.58 -22.47
CA VAL G 118 -23.43 -20.03 -22.43
C VAL G 118 -23.83 -20.59 -23.78
N LEU G 119 -23.04 -21.53 -24.31
CA LEU G 119 -23.32 -22.18 -25.58
C LEU G 119 -23.87 -23.58 -25.34
N LEU G 120 -24.94 -23.91 -26.04
CA LEU G 120 -25.54 -25.24 -25.99
C LEU G 120 -25.85 -25.69 -27.41
N GLU G 121 -25.33 -26.85 -27.79
CA GLU G 121 -25.55 -27.41 -29.12
C GLU G 121 -26.54 -28.56 -29.03
N VAL G 122 -27.59 -28.50 -29.84
CA VAL G 122 -28.60 -29.55 -29.92
C VAL G 122 -28.65 -30.06 -31.35
N GLN G 123 -28.56 -31.38 -31.51
CA GLN G 123 -28.56 -32.03 -32.82
C GLN G 123 -29.57 -33.16 -32.79
N VAL G 124 -30.71 -32.94 -33.43
CA VAL G 124 -31.79 -33.94 -33.47
C VAL G 124 -31.56 -34.82 -34.70
N PRO G 125 -31.48 -36.14 -34.54
CA PRO G 125 -31.32 -37.01 -35.71
C PRO G 125 -32.57 -36.98 -36.58
N ALA G 126 -32.36 -37.20 -37.87
CA ALA G 126 -33.45 -37.21 -38.84
C ALA G 126 -34.35 -38.43 -38.63
N LEU G 128 -36.51 -38.17 -36.05
CA LEU G 128 -37.25 -37.56 -34.94
C LEU G 128 -37.57 -36.10 -35.24
N VAL G 129 -37.42 -35.71 -36.50
CA VAL G 129 -37.63 -34.33 -36.92
C VAL G 129 -38.97 -34.25 -37.65
N GLN G 130 -39.84 -33.36 -37.18
CA GLN G 130 -41.14 -33.13 -37.79
C GLN G 130 -41.43 -31.65 -37.82
N PHE G 131 -42.28 -31.24 -38.76
CA PHE G 131 -42.57 -29.84 -39.01
C PHE G 131 -43.82 -29.42 -38.25
N GLY G 132 -43.73 -28.28 -37.57
CA GLY G 132 -44.89 -27.70 -36.91
C GLY G 132 -45.19 -28.26 -35.54
N GLN G 133 -44.35 -29.15 -35.01
CA GLN G 133 -44.57 -29.75 -33.71
C GLN G 133 -43.27 -29.73 -32.91
N SER G 134 -43.41 -29.79 -31.59
CA SER G 134 -42.26 -29.77 -30.71
C SER G 134 -41.43 -31.05 -30.88
N VAL G 135 -40.12 -30.90 -30.68
CA VAL G 135 -39.20 -32.02 -30.76
C VAL G 135 -38.67 -32.45 -29.39
N GLY G 136 -38.34 -31.51 -28.52
CA GLY G 136 -37.79 -31.84 -27.22
C GLY G 136 -37.36 -30.57 -26.50
N SER G 137 -36.44 -30.75 -25.56
CA SER G 137 -35.92 -29.63 -24.80
C SER G 137 -34.54 -29.96 -24.26
N VAL G 138 -33.71 -28.94 -24.11
CA VAL G 138 -32.39 -29.07 -23.53
C VAL G 138 -32.34 -28.24 -22.25
N VAL G 139 -31.50 -28.65 -21.31
CA VAL G 139 -31.44 -28.05 -19.99
C VAL G 139 -30.00 -27.66 -19.69
N TYR G 140 -29.80 -26.45 -19.19
CA TYR G 140 -28.51 -26.02 -18.65
C TYR G 140 -28.48 -26.20 -17.14
N ASP G 141 -27.38 -26.80 -16.66
CA ASP G 141 -27.35 -27.34 -15.30
C ASP G 141 -27.51 -26.25 -14.24
N CYS G 142 -26.82 -25.13 -14.38
CA CYS G 142 -26.69 -24.23 -13.26
C CYS G 142 -26.42 -22.81 -13.74
N PHE G 143 -27.06 -21.84 -13.10
CA PHE G 143 -26.85 -20.41 -13.36
C PHE G 143 -26.81 -19.71 -12.02
N GLU G 144 -25.65 -19.21 -11.64
CA GLU G 144 -25.48 -18.61 -10.32
C GLU G 144 -26.39 -17.41 -10.16
N ALA G 145 -27.02 -17.29 -8.99
CA ALA G 145 -27.91 -16.19 -8.70
C ALA G 145 -27.92 -15.94 -7.21
N ALA G 146 -28.55 -14.85 -6.81
CA ALA G 146 -28.64 -14.49 -5.41
C ALA G 146 -29.85 -15.14 -4.75
N SER G 149 -34.17 -10.90 -5.28
CA SER G 149 -33.26 -10.95 -6.41
C SER G 149 -33.97 -11.41 -7.68
N GLU G 150 -33.76 -10.69 -8.78
CA GLU G 150 -34.42 -10.96 -10.04
C GLU G 150 -33.39 -11.32 -11.10
N VAL G 151 -33.69 -12.35 -11.88
CA VAL G 151 -32.81 -12.85 -12.94
C VAL G 151 -33.65 -13.05 -14.20
N ARG G 152 -33.09 -12.67 -15.34
CA ARG G 152 -33.77 -12.83 -16.63
C ARG G 152 -32.88 -13.62 -17.58
N ILE G 153 -33.51 -14.35 -18.49
CA ILE G 153 -32.83 -15.22 -19.44
C ILE G 153 -33.36 -14.94 -20.84
N TRP G 154 -32.51 -15.23 -21.84
CA TRP G 154 -32.89 -15.08 -23.24
C TRP G 154 -32.46 -16.33 -23.99
N SER G 155 -32.77 -16.38 -25.29
CA SER G 155 -32.38 -17.49 -26.13
C SER G 155 -32.25 -17.05 -27.58
N TYR G 156 -31.08 -17.29 -28.17
CA TYR G 156 -30.87 -16.99 -29.58
C TYR G 156 -30.33 -18.24 -30.26
N THR G 157 -30.86 -18.56 -31.44
CA THR G 157 -30.10 -19.39 -32.35
C THR G 157 -29.06 -18.54 -33.07
N GLN G 158 -28.02 -19.20 -33.57
CA GLN G 158 -26.99 -18.52 -34.34
C GLN G 158 -26.95 -19.10 -35.74
N PRO G 159 -27.44 -18.38 -36.77
CA PRO G 159 -27.98 -17.00 -36.74
C PRO G 159 -29.35 -16.91 -36.08
N ARG G 160 -29.74 -15.70 -35.66
CA ARG G 160 -31.00 -15.49 -34.96
C ARG G 160 -32.15 -15.64 -35.95
N TYR G 161 -32.72 -16.84 -36.00
CA TYR G 161 -33.77 -17.12 -36.97
C TYR G 161 -35.12 -16.53 -36.57
N GLU G 162 -35.37 -16.38 -35.26
CA GLU G 162 -36.63 -15.82 -34.78
C GLU G 162 -36.34 -14.94 -33.58
N LYS G 163 -37.39 -14.31 -33.07
CA LYS G 163 -37.25 -13.41 -31.93
C LYS G 163 -36.75 -14.17 -30.71
N GLU G 164 -35.92 -13.50 -29.92
CA GLU G 164 -35.40 -14.07 -28.69
C GLU G 164 -36.54 -14.34 -27.71
N LEU G 165 -36.42 -15.44 -26.96
CA LEU G 165 -37.37 -15.75 -25.91
C LEU G 165 -37.07 -14.91 -24.68
N ASN G 166 -38.01 -14.90 -23.75
CA ASN G 166 -37.95 -14.06 -22.57
C ASN G 166 -38.39 -14.87 -21.36
N HIS G 167 -37.71 -14.68 -20.24
CA HIS G 167 -38.10 -15.31 -18.99
C HIS G 167 -37.51 -14.51 -17.84
N THR G 168 -38.37 -13.86 -17.07
CA THR G 168 -37.96 -13.21 -15.84
C THR G 168 -38.27 -14.13 -14.65
N GLN G 169 -37.63 -13.85 -13.52
CA GLN G 169 -37.83 -14.70 -12.34
C GLN G 169 -37.37 -13.92 -11.12
N GLN G 170 -38.15 -13.96 -10.05
CA GLN G 170 -37.83 -13.28 -8.80
C GLN G 170 -37.51 -14.32 -7.74
N LEU G 171 -36.22 -14.50 -7.47
CA LEU G 171 -35.78 -15.52 -6.53
C LEU G 171 -36.28 -15.20 -5.11
N PRO G 172 -36.74 -16.20 -4.36
CA PRO G 172 -37.12 -15.96 -2.97
C PRO G 172 -35.92 -15.60 -2.12
N ASP G 173 -36.16 -14.79 -1.10
CA ASP G 173 -35.11 -14.36 -0.19
C ASP G 173 -34.63 -15.51 0.68
N ARG G 175 -36.85 -19.10 1.18
CA ARG G 175 -36.99 -19.53 2.56
C ARG G 175 -37.51 -20.96 2.64
N GLY G 176 -37.28 -21.73 1.59
CA GLY G 176 -37.69 -23.12 1.59
C GLY G 176 -36.93 -23.94 2.60
N LEU G 177 -37.51 -25.08 2.96
CA LEU G 177 -36.95 -25.91 4.03
C LEU G 177 -35.52 -26.35 3.74
N GLU G 178 -35.13 -26.42 2.48
CA GLU G 178 -33.76 -26.79 2.11
C GLU G 178 -32.79 -25.62 2.14
N VAL G 179 -33.28 -24.40 2.37
CA VAL G 179 -32.41 -23.23 2.33
C VAL G 179 -31.41 -23.24 3.48
N TRP G 180 -31.87 -23.63 4.68
CA TRP G 180 -31.01 -23.59 5.86
C TRP G 180 -29.74 -24.41 5.66
N ASN G 181 -29.89 -25.72 5.46
CA ASN G 181 -28.73 -26.60 5.43
C ASN G 181 -27.87 -26.38 4.19
N SER G 182 -28.50 -26.02 3.06
CA SER G 182 -27.76 -25.93 1.80
C SER G 182 -26.71 -24.82 1.85
N ILE G 183 -27.11 -23.61 2.22
CA ILE G 183 -26.22 -22.45 2.24
C ILE G 183 -25.80 -22.17 3.68
N PRO G 184 -24.51 -22.05 3.96
CA PRO G 184 -24.09 -21.73 5.34
C PRO G 184 -24.49 -20.34 5.79
N SER G 185 -24.85 -19.44 4.87
CA SER G 185 -25.16 -18.06 5.25
C SER G 185 -26.36 -17.97 6.18
N CYS G 186 -27.25 -18.96 6.18
CA CYS G 186 -28.41 -18.96 7.05
C CYS G 186 -28.30 -19.91 8.22
N TRP G 187 -27.54 -20.99 8.09
CA TRP G 187 -27.40 -21.99 9.15
C TRP G 187 -26.14 -21.83 9.98
N ALA G 188 -25.03 -21.45 9.36
CA ALA G 188 -23.78 -21.29 10.10
C ALA G 188 -23.73 -19.95 10.81
N LEU G 189 -24.77 -19.64 11.56
CA LEU G 189 -24.78 -18.43 12.38
C LEU G 189 -23.85 -18.62 13.56
N PRO G 190 -22.96 -17.67 13.84
CA PRO G 190 -22.02 -17.84 14.96
C PRO G 190 -22.77 -18.03 16.28
N TRP G 191 -22.24 -18.92 17.12
CA TRP G 191 -22.94 -19.36 18.32
C TRP G 191 -22.30 -18.78 19.57
N LEU G 192 -23.16 -18.34 20.51
CA LEU G 192 -22.70 -17.82 21.80
C LEU G 192 -23.72 -18.24 22.85
N ASN G 193 -23.42 -19.33 23.54
CA ASN G 193 -24.32 -19.85 24.55
C ASN G 193 -23.85 -19.42 25.94
N VAL G 194 -24.81 -19.22 26.85
CA VAL G 194 -24.58 -18.58 28.13
C VAL G 194 -25.04 -19.49 29.27
N SER G 195 -24.36 -19.36 30.41
CA SER G 195 -24.67 -20.13 31.61
C SER G 195 -24.71 -19.20 32.82
N ALA G 196 -25.62 -19.51 33.76
CA ALA G 196 -25.75 -18.71 34.97
C ALA G 196 -25.96 -19.60 36.19
N ASP G 197 -25.37 -20.79 36.19
CA ASP G 197 -25.56 -21.73 37.29
C ASP G 197 -24.96 -21.19 38.58
N GLY G 198 -23.81 -20.53 38.50
CA GLY G 198 -23.14 -20.01 39.67
C GLY G 198 -23.53 -18.60 40.02
N ASP G 199 -24.71 -18.18 39.55
CA ASP G 199 -25.29 -16.85 39.73
C ASP G 199 -24.51 -15.77 39.00
N ASN G 200 -23.44 -16.11 38.30
CA ASN G 200 -22.70 -15.17 37.46
C ASN G 200 -22.96 -15.52 36.00
N VAL G 201 -23.35 -14.53 35.22
CA VAL G 201 -23.72 -14.76 33.82
C VAL G 201 -22.45 -15.05 33.02
N HIS G 202 -22.23 -16.32 32.72
CA HIS G 202 -21.04 -16.77 31.99
C HIS G 202 -21.46 -17.17 30.59
N LEU G 203 -20.86 -16.52 29.58
CA LEU G 203 -21.16 -16.80 28.18
C LEU G 203 -19.97 -17.51 27.55
N VAL G 204 -20.22 -18.67 26.95
CA VAL G 204 -19.17 -19.48 26.34
C VAL G 204 -19.37 -19.48 24.83
N LEU G 205 -18.27 -19.33 24.10
CA LEU G 205 -18.29 -19.22 22.65
C LEU G 205 -18.11 -20.60 22.05
N ASN G 206 -19.12 -21.08 21.34
CA ASN G 206 -19.07 -22.39 20.70
C ASN G 206 -18.35 -22.34 19.35
N VAL G 207 -17.73 -21.22 19.00
CA VAL G 207 -17.03 -21.08 17.74
C VAL G 207 -15.75 -21.89 17.76
N SER G 208 -15.13 -22.05 16.59
CA SER G 208 -13.95 -22.88 16.45
C SER G 208 -12.75 -22.19 17.11
N GLU G 209 -11.57 -22.79 16.95
CA GLU G 209 -10.36 -22.31 17.61
C GLU G 209 -9.65 -21.22 16.81
N GLU G 210 -9.60 -21.36 15.49
CA GLU G 210 -8.88 -20.41 14.65
C GLU G 210 -9.72 -19.17 14.32
N GLN G 211 -10.96 -19.11 14.79
CA GLN G 211 -11.84 -18.00 14.45
C GLN G 211 -11.39 -16.72 15.15
N HIS G 212 -11.41 -15.62 14.41
CA HIS G 212 -11.18 -14.27 14.93
C HIS G 212 -12.44 -13.48 14.63
N PHE G 213 -13.40 -13.52 15.54
CA PHE G 213 -14.72 -12.96 15.32
C PHE G 213 -14.88 -11.64 16.07
N GLY G 214 -16.03 -11.00 15.87
CA GLY G 214 -16.36 -9.76 16.51
C GLY G 214 -17.50 -9.93 17.51
N LEU G 215 -17.46 -9.14 18.58
CA LEU G 215 -18.49 -9.14 19.60
C LEU G 215 -18.86 -7.70 19.93
N SER G 216 -20.15 -7.44 20.13
CA SER G 216 -20.62 -6.11 20.47
C SER G 216 -21.89 -6.21 21.30
N LEU G 217 -22.05 -5.27 22.22
CA LEU G 217 -23.20 -5.23 23.11
C LEU G 217 -23.89 -3.88 23.00
N TYR G 218 -25.22 -3.90 22.91
CA TYR G 218 -26.02 -2.69 22.75
C TYR G 218 -27.16 -2.69 23.77
N TRP G 219 -28.03 -1.69 23.63
CA TRP G 219 -29.24 -1.56 24.43
C TRP G 219 -30.40 -1.21 23.53
N ASN G 220 -31.61 -1.56 23.98
CA ASN G 220 -32.82 -1.29 23.23
C ASN G 220 -34.02 -1.11 24.15
N PRO G 226 -30.54 2.97 19.79
CA PRO G 226 -29.66 1.93 20.32
C PRO G 226 -28.31 2.49 20.78
N LYS G 227 -28.01 2.33 22.06
CA LYS G 227 -26.75 2.80 22.62
C LYS G 227 -25.82 1.62 22.85
N PRO G 228 -24.74 1.49 22.08
CA PRO G 228 -23.84 0.35 22.28
C PRO G 228 -23.17 0.41 23.64
N ARG G 229 -22.84 -0.78 24.17
CA ARG G 229 -22.24 -0.89 25.50
C ARG G 229 -20.75 -1.16 25.43
N TRP G 230 -20.36 -2.22 24.72
CA TRP G 230 -18.94 -2.55 24.59
C TRP G 230 -18.76 -3.42 23.36
N HIS G 231 -17.51 -3.47 22.88
CA HIS G 231 -17.14 -4.30 21.75
C HIS G 231 -15.72 -4.78 21.93
N LYS G 232 -15.42 -5.95 21.37
CA LYS G 232 -14.09 -6.52 21.53
C LYS G 232 -13.80 -7.48 20.39
N ASN G 233 -12.55 -7.45 19.93
CA ASN G 233 -12.02 -8.45 19.01
C ASN G 233 -11.23 -9.46 19.83
N LEU G 234 -11.62 -10.72 19.77
CA LEU G 234 -10.98 -11.73 20.59
C LEU G 234 -11.10 -13.09 19.91
N THR G 235 -10.22 -14.00 20.31
CA THR G 235 -10.14 -15.32 19.71
C THR G 235 -11.06 -16.28 20.44
N GLY G 236 -11.80 -17.08 19.66
CA GLY G 236 -12.68 -18.08 20.22
C GLY G 236 -12.05 -19.46 20.19
N PRO G 237 -12.53 -20.35 21.06
CA PRO G 237 -13.58 -20.14 22.08
C PRO G 237 -13.06 -19.34 23.27
N GLN G 238 -13.93 -18.67 24.02
CA GLN G 238 -13.50 -17.85 25.13
C GLN G 238 -14.69 -17.59 26.04
N ILE G 239 -14.42 -17.42 27.33
CA ILE G 239 -15.44 -17.25 28.35
C ILE G 239 -15.49 -15.78 28.76
N ILE G 240 -16.66 -15.16 28.60
CA ILE G 240 -16.88 -13.77 28.96
C ILE G 240 -17.83 -13.74 30.16
N THR G 241 -17.42 -13.03 31.22
CA THR G 241 -18.19 -12.97 32.45
C THR G 241 -19.09 -11.74 32.42
N LEU G 242 -20.38 -11.99 32.63
CA LEU G 242 -21.36 -10.88 32.69
C LEU G 242 -22.01 -10.95 34.08
N ASN G 243 -22.89 -10.01 34.38
CA ASN G 243 -23.54 -9.96 35.69
C ASN G 243 -25.04 -9.96 35.55
N HIS G 244 -25.71 -10.46 36.59
CA HIS G 244 -27.17 -10.57 36.56
C HIS G 244 -27.84 -9.22 36.38
N THR G 245 -27.34 -8.19 37.09
CA THR G 245 -27.89 -6.85 36.93
C THR G 245 -27.60 -6.30 35.54
N ASP G 246 -26.47 -6.68 34.95
CA ASP G 246 -26.12 -6.19 33.61
C ASP G 246 -27.11 -6.69 32.57
N LEU G 247 -27.56 -7.94 32.69
CA LEU G 247 -28.46 -8.54 31.72
C LEU G 247 -29.84 -7.91 31.87
N VAL G 248 -30.11 -6.89 31.05
CA VAL G 248 -31.38 -6.20 31.08
C VAL G 248 -32.36 -6.84 30.11
N LEU G 251 -30.18 -5.16 27.46
CA LEU G 251 -28.89 -5.62 26.99
C LEU G 251 -29.06 -6.67 25.89
N CYS G 252 -28.17 -6.63 24.90
CA CYS G 252 -28.21 -7.58 23.81
C CYS G 252 -26.80 -7.78 23.27
N ILE G 253 -26.60 -8.88 22.56
CA ILE G 253 -25.28 -9.30 22.11
C ILE G 253 -25.31 -9.53 20.60
N GLN G 254 -24.23 -9.13 19.93
CA GLN G 254 -24.03 -9.39 18.52
C GLN G 254 -22.66 -10.01 18.31
N VAL G 255 -22.61 -11.09 17.54
CA VAL G 255 -21.37 -11.80 17.23
C VAL G 255 -21.29 -12.02 15.73
N TRP G 256 -20.09 -11.85 15.16
CA TRP G 256 -19.92 -11.89 13.71
C TRP G 256 -18.45 -12.12 13.37
N PRO G 257 -18.16 -12.85 12.30
CA PRO G 257 -16.75 -13.05 11.91
C PRO G 257 -16.15 -11.77 11.36
N LEU G 258 -14.84 -11.63 11.54
CA LEU G 258 -14.11 -10.49 11.00
C LEU G 258 -13.65 -10.79 9.58
N GLU G 259 -14.63 -10.88 8.70
CA GLU G 259 -14.44 -11.08 7.27
C GLU G 259 -15.26 -10.05 6.51
N PRO G 260 -14.88 -9.72 5.28
CA PRO G 260 -15.65 -8.74 4.50
C PRO G 260 -17.09 -9.20 4.31
N ASP G 261 -18.02 -8.24 4.38
CA ASP G 261 -19.45 -8.49 4.30
C ASP G 261 -19.88 -9.51 5.37
N SER G 262 -19.56 -9.17 6.62
CA SER G 262 -19.85 -10.05 7.74
C SER G 262 -21.36 -10.17 7.98
N VAL G 263 -21.79 -11.38 8.31
CA VAL G 263 -23.17 -11.64 8.69
C VAL G 263 -23.21 -11.69 10.21
N ARG G 264 -23.91 -10.73 10.81
CA ARG G 264 -23.90 -10.54 12.25
C ARG G 264 -25.21 -11.01 12.85
N THR G 265 -25.12 -11.82 13.91
CA THR G 265 -26.28 -12.36 14.59
C THR G 265 -26.52 -11.57 15.87
N ASN G 266 -27.68 -10.96 15.98
CA ASN G 266 -28.09 -10.18 17.15
C ASN G 266 -29.21 -10.96 17.84
N ILE G 267 -28.81 -11.89 18.70
CA ILE G 267 -29.72 -12.77 19.41
C ILE G 267 -30.06 -12.15 20.75
N CYS G 268 -31.35 -12.06 21.06
CA CYS G 268 -31.84 -11.44 22.29
C CYS G 268 -32.85 -12.38 22.94
N PRO G 269 -32.39 -13.49 23.51
CA PRO G 269 -33.31 -14.50 24.03
C PRO G 269 -33.74 -14.27 25.48
N PHE G 270 -33.52 -13.08 26.03
CA PHE G 270 -33.82 -12.82 27.43
C PHE G 270 -35.21 -12.21 27.64
N ARG G 271 -36.05 -12.18 26.61
CA ARG G 271 -37.40 -11.66 26.78
C ARG G 271 -38.21 -12.56 27.72
N GLU G 272 -38.06 -13.88 27.59
CA GLU G 272 -38.82 -14.79 28.44
C GLU G 272 -38.35 -14.76 29.88
N ASP G 273 -37.11 -14.35 30.12
CA ASP G 273 -36.55 -14.38 31.46
C ASP G 273 -37.22 -13.30 32.31
N PRO G 274 -37.90 -13.64 33.40
CA PRO G 274 -38.53 -12.62 34.24
C PRO G 274 -37.56 -12.01 35.25
N ARG G 275 -36.54 -12.77 35.63
CA ARG G 275 -35.54 -12.28 36.57
C ARG G 275 -34.76 -11.10 35.98
N ALA G 276 -34.59 -11.07 34.66
CA ALA G 276 -33.93 -9.93 34.02
C ALA G 276 -34.73 -8.66 34.22
N HIS G 277 -36.04 -8.71 33.97
CA HIS G 277 -36.87 -7.53 34.19
C HIS G 277 -36.97 -7.18 35.68
N GLN G 278 -36.97 -8.20 36.55
CA GLN G 278 -36.98 -7.92 37.98
C GLN G 278 -35.72 -7.17 38.40
N ASN G 279 -34.56 -7.59 37.90
CA ASN G 279 -33.32 -6.88 38.19
C ASN G 279 -33.35 -5.48 37.61
N LEU G 280 -33.88 -5.34 36.39
CA LEU G 280 -33.98 -4.02 35.78
C LEU G 280 -34.81 -3.06 36.62
N TRP G 281 -35.95 -3.55 37.12
CA TRP G 281 -36.76 -2.75 38.03
C TRP G 281 -36.00 -2.43 39.31
N GLN G 282 -35.29 -3.42 39.86
CA GLN G 282 -34.45 -3.17 41.02
C GLN G 282 -33.31 -2.22 40.67
N ALA G 283 -32.68 -2.41 39.52
CA ALA G 283 -31.62 -1.50 39.09
C ALA G 283 -32.14 -0.13 38.72
N ALA G 284 -33.43 -0.01 38.41
CA ALA G 284 -34.01 1.28 38.07
C ALA G 284 -33.96 2.21 39.28
N ARG G 285 -33.62 3.47 39.03
CA ARG G 285 -33.46 4.47 40.07
C ARG G 285 -34.34 5.67 39.79
N LEU G 286 -34.83 6.30 40.87
CA LEU G 286 -35.64 7.49 40.78
C LEU G 286 -34.80 8.71 41.15
N ARG G 287 -34.86 9.74 40.32
CA ARG G 287 -34.06 10.95 40.51
C ARG G 287 -34.99 12.16 40.54
N LEU G 288 -34.78 13.04 41.52
CA LEU G 288 -35.55 14.26 41.67
C LEU G 288 -34.75 15.41 41.08
N LEU G 289 -35.12 15.84 39.88
CA LEU G 289 -34.39 16.91 39.20
C LEU G 289 -34.54 18.23 39.93
N THR G 290 -35.77 18.64 40.24
CA THR G 290 -36.04 19.89 40.92
C THR G 290 -37.11 19.64 41.98
N LEU G 291 -37.60 20.73 42.56
CA LEU G 291 -38.60 20.63 43.63
C LEU G 291 -39.90 20.03 43.12
N GLN G 292 -40.34 20.42 41.92
CA GLN G 292 -41.63 20.02 41.40
C GLN G 292 -41.52 19.13 40.16
N SER G 293 -40.36 18.55 39.91
CA SER G 293 -40.17 17.69 38.75
C SER G 293 -39.37 16.46 39.14
N TRP G 294 -39.57 15.38 38.40
CA TRP G 294 -38.84 14.13 38.61
C TRP G 294 -38.70 13.42 37.28
N LEU G 295 -37.70 12.53 37.21
CA LEU G 295 -37.41 11.80 35.99
C LEU G 295 -37.16 10.33 36.32
N LEU G 296 -37.62 9.44 35.44
CA LEU G 296 -37.39 8.02 35.57
C LEU G 296 -36.28 7.59 34.61
N ASP G 297 -35.25 6.95 35.14
CA ASP G 297 -34.08 6.54 34.36
C ASP G 297 -33.98 5.02 34.35
N ALA G 298 -33.85 4.46 33.15
CA ALA G 298 -33.69 3.02 32.97
C ALA G 298 -33.18 2.76 31.57
N PRO G 299 -32.35 1.73 31.38
CA PRO G 299 -31.86 1.43 30.02
C PRO G 299 -32.97 1.13 29.02
N CYS G 300 -34.06 0.52 29.46
CA CYS G 300 -35.19 0.20 28.60
C CYS G 300 -36.45 0.88 29.13
N SER G 301 -37.39 1.12 28.23
CA SER G 301 -38.64 1.80 28.55
C SER G 301 -39.80 0.82 28.54
N LEU G 302 -40.56 0.79 29.62
CA LEU G 302 -41.74 -0.05 29.76
C LEU G 302 -42.87 0.77 30.36
N PRO G 303 -44.12 0.44 30.05
CA PRO G 303 -45.25 1.15 30.67
C PRO G 303 -45.25 0.96 32.17
N ALA G 304 -45.63 2.02 32.89
CA ALA G 304 -45.64 1.99 34.34
C ALA G 304 -46.54 3.11 34.85
N GLU G 305 -46.79 3.08 36.16
CA GLU G 305 -47.59 4.10 36.83
C GLU G 305 -46.85 4.57 38.07
N ALA G 306 -46.99 5.87 38.38
CA ALA G 306 -46.32 6.47 39.52
C ALA G 306 -47.35 7.20 40.39
N ALA G 307 -47.18 7.07 41.70
CA ALA G 307 -48.06 7.73 42.67
C ALA G 307 -47.24 8.24 43.83
N LEU G 308 -47.72 9.32 44.44
CA LEU G 308 -47.02 9.92 45.57
C LEU G 308 -47.16 9.05 46.81
N CYS G 309 -46.26 9.28 47.77
CA CYS G 309 -46.25 8.49 48.99
C CYS G 309 -45.66 9.34 50.11
N TRP G 310 -45.97 8.95 51.35
CA TRP G 310 -45.51 9.66 52.54
C TRP G 310 -44.79 8.71 53.47
N ARG G 311 -43.61 9.11 53.93
CA ARG G 311 -42.78 8.32 54.82
C ARG G 311 -42.76 8.95 56.20
N ALA G 312 -43.11 8.16 57.21
CA ALA G 312 -43.09 8.64 58.58
C ALA G 312 -41.64 8.76 59.06
N PRO G 313 -41.37 9.69 59.99
CA PRO G 313 -40.01 9.81 60.54
C PRO G 313 -39.57 8.60 61.35
N GLY G 314 -40.49 7.70 61.72
CA GLY G 314 -40.11 6.55 62.52
C GLY G 314 -39.12 5.63 61.81
N GLY G 315 -39.31 5.43 60.51
CA GLY G 315 -38.41 4.56 59.77
C GLY G 315 -39.07 3.77 58.65
N ASP G 316 -38.94 2.45 58.72
CA ASP G 316 -39.40 1.58 57.64
C ASP G 316 -40.88 1.76 57.28
N PRO G 317 -41.83 1.87 58.22
CA PRO G 317 -43.22 2.05 57.80
C PRO G 317 -43.41 3.29 56.95
N CYS G 318 -44.25 3.18 55.93
CA CYS G 318 -44.44 4.24 54.95
C CYS G 318 -45.90 4.22 54.49
N GLN G 319 -46.49 5.41 54.37
CA GLN G 319 -47.92 5.55 54.11
C GLN G 319 -48.17 6.03 52.69
N PRO G 320 -48.86 5.26 51.86
CA PRO G 320 -49.22 5.75 50.52
C PRO G 320 -50.17 6.93 50.58
N LEU G 321 -50.09 7.80 49.57
CA LEU G 321 -50.90 9.01 49.49
C LEU G 321 -52.06 8.87 48.51
N VAL G 322 -52.36 7.66 48.06
CA VAL G 322 -53.47 7.40 47.16
C VAL G 322 -54.50 6.56 47.92
N PRO G 323 -55.75 7.04 48.08
CA PRO G 323 -56.33 8.31 47.60
C PRO G 323 -55.81 9.50 48.41
N PRO G 324 -56.07 10.76 48.02
CA PRO G 324 -56.91 11.23 46.90
C PRO G 324 -56.17 11.34 45.57
N LEU G 325 -54.87 11.04 45.52
CA LEU G 325 -54.15 11.14 44.26
C LEU G 325 -54.47 9.93 43.37
N SER G 326 -54.14 10.07 42.09
CA SER G 326 -54.42 9.05 41.08
C SER G 326 -53.11 8.53 40.50
N TRP G 327 -53.14 7.26 40.09
CA TRP G 327 -51.96 6.63 39.49
C TRP G 327 -51.74 7.19 38.10
N GLU G 328 -50.79 8.11 37.98
CA GLU G 328 -50.48 8.73 36.70
C GLU G 328 -49.56 7.84 35.88
N ASN G 329 -49.86 7.73 34.59
CA ASN G 329 -49.03 6.93 33.69
C ASN G 329 -47.65 7.56 33.55
N VAL G 330 -46.61 6.73 33.64
CA VAL G 330 -45.23 7.19 33.56
C VAL G 330 -44.44 6.20 32.71
N THR G 331 -43.55 6.72 31.87
CA THR G 331 -42.66 5.90 31.06
C THR G 331 -41.22 6.36 31.30
N VAL G 332 -40.28 5.45 31.00
CA VAL G 332 -38.87 5.77 31.16
C VAL G 332 -38.48 6.89 30.21
N ASP G 333 -37.60 7.78 30.68
CA ASP G 333 -37.12 8.94 29.94
C ASP G 333 -38.22 9.94 29.63
N LYS G 334 -39.30 9.93 30.42
CA LYS G 334 -40.37 10.91 30.31
C LYS G 334 -40.39 11.78 31.55
N VAL G 335 -40.41 13.09 31.35
CA VAL G 335 -40.37 14.05 32.45
C VAL G 335 -41.79 14.30 32.93
N LEU G 336 -42.01 14.12 34.23
CA LEU G 336 -43.30 14.37 34.85
C LEU G 336 -43.13 15.42 35.95
N GLU G 337 -44.09 16.34 36.02
CA GLU G 337 -44.07 17.43 36.98
C GLU G 337 -45.17 17.22 38.02
N PHE G 338 -44.79 17.25 39.29
CA PHE G 338 -45.76 17.08 40.36
C PHE G 338 -46.68 18.30 40.43
N PRO G 339 -47.94 18.10 40.81
CA PRO G 339 -48.85 19.25 40.97
C PRO G 339 -48.59 20.06 42.23
N LEU G 340 -47.75 19.58 43.13
CA LEU G 340 -47.46 20.30 44.36
C LEU G 340 -46.66 21.57 44.08
N LEU G 341 -46.92 22.61 44.87
CA LEU G 341 -46.18 23.87 44.76
C LEU G 341 -45.03 23.96 45.74
N LYS G 342 -44.99 23.11 46.77
CA LYS G 342 -43.90 23.11 47.73
C LYS G 342 -43.54 21.67 48.07
N GLY G 343 -42.25 21.43 48.32
CA GLY G 343 -41.76 20.11 48.63
C GLY G 343 -41.68 19.84 50.12
N HIS G 344 -41.45 18.56 50.44
CA HIS G 344 -41.30 18.11 51.82
C HIS G 344 -40.39 16.89 51.81
N PRO G 345 -39.41 16.82 52.73
CA PRO G 345 -38.50 15.67 52.74
C PRO G 345 -39.19 14.34 52.95
N ASN G 346 -40.27 14.31 53.73
CA ASN G 346 -40.97 13.06 54.01
C ASN G 346 -41.75 12.53 52.81
N LEU G 347 -41.94 13.33 51.77
CA LEU G 347 -42.68 12.89 50.60
C LEU G 347 -41.89 11.82 49.84
N CYS G 348 -42.61 10.85 49.28
CA CYS G 348 -42.02 9.77 48.51
C CYS G 348 -42.88 9.50 47.29
N VAL G 349 -42.35 8.70 46.37
CA VAL G 349 -43.05 8.34 45.14
C VAL G 349 -43.11 6.82 45.04
N GLN G 350 -44.30 6.29 44.81
CA GLN G 350 -44.50 4.87 44.59
C GLN G 350 -44.72 4.63 43.10
N VAL G 351 -44.01 3.65 42.54
CA VAL G 351 -44.03 3.37 41.11
C VAL G 351 -44.64 1.99 40.90
N ASN G 352 -45.70 1.92 40.11
CA ASN G 352 -46.37 0.67 39.77
C ASN G 352 -45.96 0.26 38.36
N SER G 353 -45.44 -0.94 38.23
CA SER G 353 -45.06 -1.49 36.93
C SER G 353 -45.75 -2.84 36.75
N SER G 354 -46.44 -2.99 35.63
CA SER G 354 -47.17 -4.23 35.31
C SER G 354 -48.16 -4.58 36.43
N GLU G 355 -48.93 -3.56 36.84
CA GLU G 355 -49.96 -3.70 37.86
C GLU G 355 -49.40 -4.20 39.19
N LYS G 356 -48.18 -3.82 39.52
CA LYS G 356 -47.56 -4.24 40.77
C LYS G 356 -46.50 -3.22 41.17
N LEU G 357 -46.44 -2.95 42.46
CA LEU G 357 -45.45 -2.00 42.99
C LEU G 357 -44.06 -2.63 42.92
N GLN G 358 -43.12 -1.89 42.35
CA GLN G 358 -41.74 -2.35 42.22
C GLN G 358 -40.72 -1.38 42.77
N LEU G 359 -40.96 -0.07 42.64
CA LEU G 359 -40.00 0.94 43.05
C LEU G 359 -40.63 1.88 44.08
N GLN G 360 -39.84 2.24 45.09
CA GLN G 360 -40.28 3.17 46.11
C GLN G 360 -39.04 3.83 46.70
N GLU G 361 -38.86 5.12 46.42
CA GLU G 361 -37.67 5.84 46.82
C GLU G 361 -38.04 7.18 47.43
N CYS G 362 -37.16 7.70 48.29
CA CYS G 362 -37.34 9.01 48.92
C CYS G 362 -36.66 10.04 48.04
N LEU G 363 -37.44 10.63 47.12
CA LEU G 363 -36.87 11.58 46.17
C LEU G 363 -36.37 12.84 46.87
N TRP G 364 -37.14 13.35 47.83
CA TRP G 364 -36.78 14.60 48.50
C TRP G 364 -35.77 14.41 49.62
N ALA G 365 -35.45 13.17 50.00
CA ALA G 365 -34.48 12.95 51.07
C ALA G 365 -33.07 13.35 50.65
N ASP G 366 -32.73 13.17 49.37
CA ASP G 366 -31.38 13.49 48.91
C ASP G 366 -31.10 14.98 48.90
N SER G 367 -32.12 15.82 48.98
CA SER G 367 -31.95 17.27 48.95
C SER G 367 -32.54 17.99 50.14
N LEU G 368 -33.70 17.56 50.63
CA LEU G 368 -34.38 18.22 51.74
C LEU G 368 -34.19 17.48 53.05
N GLY G 369 -33.33 16.47 53.11
CA GLY G 369 -33.11 15.72 54.31
C GLY G 369 -32.36 16.53 55.35
N PRO G 370 -32.38 16.06 56.61
CA PRO G 370 -33.04 14.85 57.13
C PRO G 370 -34.56 15.02 57.25
N LEU G 371 -35.28 13.94 57.53
CA LEU G 371 -36.73 14.00 57.67
C LEU G 371 -37.11 14.80 58.90
N LYS G 372 -38.28 15.43 58.84
CA LYS G 372 -38.80 16.26 59.92
C LYS G 372 -40.08 15.62 60.48
N ASP G 373 -40.24 15.72 61.80
CA ASP G 373 -41.41 15.17 62.48
C ASP G 373 -42.59 16.11 62.25
N ASP G 374 -43.17 16.02 61.05
CA ASP G 374 -44.31 16.83 60.65
C ASP G 374 -45.47 15.94 60.28
N VAL G 375 -46.66 16.31 60.75
CA VAL G 375 -47.86 15.55 60.45
C VAL G 375 -48.47 16.08 59.16
N LEU G 376 -49.27 15.25 58.50
CA LEU G 376 -49.89 15.58 57.23
C LEU G 376 -51.41 15.64 57.41
N LEU G 377 -52.00 16.73 56.94
CA LEU G 377 -53.44 16.94 57.02
C LEU G 377 -54.02 17.03 55.62
N LEU G 378 -55.09 16.28 55.37
CA LEU G 378 -55.75 16.28 54.07
C LEU G 378 -56.84 17.33 54.06
N GLU G 379 -56.89 18.10 52.97
CA GLU G 379 -57.88 19.16 52.81
C GLU G 379 -58.80 18.85 51.64
N THR G 380 -60.06 19.23 51.78
CA THR G 380 -61.08 19.02 50.75
C THR G 380 -62.02 20.21 50.73
N ARG G 381 -62.46 20.59 49.53
CA ARG G 381 -63.41 21.68 49.36
C ARG G 381 -64.52 21.23 48.43
N GLY G 382 -65.72 21.78 48.65
CA GLY G 382 -66.89 21.41 47.89
C GLY G 382 -67.78 22.58 47.55
N PRO G 383 -69.06 22.31 47.33
CA PRO G 383 -69.99 23.37 46.96
C PRO G 383 -70.30 24.29 48.13
N GLN G 384 -70.84 25.47 47.80
CA GLN G 384 -71.21 26.49 48.77
C GLN G 384 -70.02 26.94 49.60
N ASP G 385 -68.84 26.97 48.99
CA ASP G 385 -67.59 27.40 49.62
C ASP G 385 -67.24 26.57 50.85
N ASN G 386 -67.79 25.36 50.96
CA ASN G 386 -67.50 24.49 52.10
C ASN G 386 -66.11 23.88 51.94
N ARG G 387 -65.38 23.83 53.06
CA ARG G 387 -64.04 23.25 53.09
C ARG G 387 -63.98 22.19 54.17
N SER G 388 -63.35 21.06 53.86
CA SER G 388 -63.23 19.94 54.77
C SER G 388 -61.75 19.61 54.98
N LEU G 389 -61.42 19.19 56.20
CA LEU G 389 -60.06 18.86 56.57
C LEU G 389 -60.03 17.50 57.25
N CYS G 390 -59.02 16.71 56.91
CA CYS G 390 -58.84 15.37 57.48
C CYS G 390 -57.37 15.19 57.88
N ALA G 391 -57.15 14.27 58.82
CA ALA G 391 -55.83 13.99 59.35
C ALA G 391 -55.37 12.60 58.93
N LEU G 392 -54.09 12.49 58.60
CA LEU G 392 -53.48 11.22 58.21
C LEU G 392 -52.53 10.77 59.32
N GLU G 393 -52.73 9.54 59.78
CA GLU G 393 -51.95 8.95 60.86
C GLU G 393 -51.53 7.54 60.46
N PRO G 394 -50.43 7.04 61.03
CA PRO G 394 -50.03 5.65 60.75
C PRO G 394 -51.09 4.63 61.12
N SER G 395 -51.88 4.90 62.16
CA SER G 395 -52.93 3.98 62.57
C SER G 395 -54.19 4.08 61.70
N GLY G 396 -54.30 5.11 60.88
CA GLY G 396 -55.46 5.26 60.02
C GLY G 396 -55.69 6.73 59.72
N CYS G 397 -56.83 6.99 59.08
CA CYS G 397 -57.23 8.35 58.70
C CYS G 397 -58.42 8.78 59.56
N THR G 398 -58.30 9.96 60.18
CA THR G 398 -59.34 10.50 61.03
C THR G 398 -59.65 11.94 60.60
N SER G 399 -60.93 12.30 60.65
CA SER G 399 -61.34 13.64 60.30
C SER G 399 -61.07 14.61 61.45
N LEU G 400 -61.04 15.90 61.12
CA LEU G 400 -60.82 16.95 62.10
C LEU G 400 -61.90 18.01 61.99
N PRO G 401 -62.43 18.48 63.13
CA PRO G 401 -62.12 18.07 64.51
C PRO G 401 -62.81 16.77 64.89
N SER G 402 -62.30 16.05 65.89
CA SER G 402 -62.90 14.78 66.30
C SER G 402 -62.62 14.56 67.78
N LYS G 403 -63.42 13.69 68.39
CA LYS G 403 -63.29 13.34 69.79
C LYS G 403 -62.59 12.01 70.01
N ALA G 404 -61.96 11.47 68.96
CA ALA G 404 -61.29 10.19 69.07
C ALA G 404 -60.04 10.29 69.96
N SER G 405 -59.57 9.13 70.40
CA SER G 405 -58.39 9.05 71.27
C SER G 405 -57.08 9.09 70.49
N THR G 406 -57.15 9.21 69.17
CA THR G 406 -55.93 9.25 68.36
C THR G 406 -55.13 10.52 68.65
N ARG G 407 -53.85 10.47 68.29
CA ARG G 407 -52.94 11.58 68.59
C ARG G 407 -53.36 12.86 67.88
N ALA G 408 -53.75 12.75 66.61
CA ALA G 408 -54.14 13.95 65.86
C ALA G 408 -55.47 14.52 66.35
N ALA G 409 -56.40 13.65 66.74
CA ALA G 409 -57.71 14.11 67.17
C ALA G 409 -57.64 14.91 68.47
N ARG G 410 -56.72 14.54 69.36
CA ARG G 410 -56.61 15.24 70.64
C ARG G 410 -56.23 16.70 70.44
N LEU G 411 -55.29 16.98 69.54
CA LEU G 411 -54.84 18.33 69.25
C LEU G 411 -55.39 18.82 67.90
N GLY G 412 -56.61 18.42 67.58
CA GLY G 412 -57.20 18.82 66.31
C GLY G 412 -57.44 20.31 66.21
N GLU G 413 -57.95 20.92 67.28
CA GLU G 413 -58.22 22.36 67.26
C GLU G 413 -56.95 23.17 67.07
N TYR G 414 -55.88 22.78 67.76
CA TYR G 414 -54.60 23.48 67.60
C TYR G 414 -54.06 23.32 66.19
N LEU G 415 -54.19 22.13 65.62
CA LEU G 415 -53.74 21.91 64.24
C LEU G 415 -54.53 22.77 63.27
N LEU G 416 -55.85 22.86 63.45
CA LEU G 416 -56.67 23.70 62.58
C LEU G 416 -56.30 25.17 62.73
N GLN G 417 -56.06 25.62 63.97
CA GLN G 417 -55.66 27.01 64.19
C GLN G 417 -54.32 27.31 63.52
N ASP G 418 -53.36 26.38 63.62
CA ASP G 418 -52.07 26.57 62.96
C ASP G 418 -52.23 26.59 61.44
N LEU G 419 -53.09 25.71 60.91
CA LEU G 419 -53.30 25.67 59.47
C LEU G 419 -53.93 26.97 58.95
N GLN G 420 -54.92 27.49 59.67
CA GLN G 420 -55.59 28.71 59.25
C GLN G 420 -54.75 29.96 59.47
N SER G 421 -53.71 29.88 60.29
CA SER G 421 -52.84 31.03 60.55
C SER G 421 -51.65 31.10 59.61
N GLY G 422 -51.49 30.13 58.71
CA GLY G 422 -50.39 30.12 57.77
C GLY G 422 -49.08 29.58 58.31
N GLN G 423 -49.05 29.12 59.56
CA GLN G 423 -47.82 28.58 60.11
C GLN G 423 -47.42 27.29 59.41
N CYS G 424 -48.39 26.44 59.07
CA CYS G 424 -48.11 25.18 58.42
C CYS G 424 -47.72 25.42 56.95
N LEU G 425 -47.15 24.38 56.35
CA LEU G 425 -46.69 24.42 54.97
C LEU G 425 -47.64 23.63 54.08
N GLN G 426 -48.08 24.24 52.98
CA GLN G 426 -48.98 23.58 52.04
C GLN G 426 -48.16 22.92 50.94
N LEU G 427 -48.54 21.68 50.60
CA LEU G 427 -47.83 20.93 49.56
C LEU G 427 -48.48 21.13 48.19
N TRP G 428 -49.74 20.73 48.05
CA TRP G 428 -50.47 20.89 46.79
C TRP G 428 -51.84 21.49 47.07
N ASP G 429 -52.35 22.23 46.08
CA ASP G 429 -53.63 22.90 46.18
C ASP G 429 -54.47 22.59 44.95
N ASP G 430 -55.79 22.54 45.14
CA ASP G 430 -56.72 22.33 44.05
C ASP G 430 -58.07 22.93 44.43
N ASP G 431 -58.91 23.12 43.43
CA ASP G 431 -60.23 23.72 43.65
C ASP G 431 -61.12 22.86 44.53
N LEU G 432 -60.87 21.55 44.59
CA LEU G 432 -61.67 20.65 45.39
C LEU G 432 -60.96 20.11 46.62
N GLY G 433 -59.68 20.41 46.80
CA GLY G 433 -58.95 19.91 47.95
C GLY G 433 -57.55 20.45 47.98
N ALA G 434 -56.83 20.08 49.04
CA ALA G 434 -55.45 20.53 49.24
C ALA G 434 -54.78 19.58 50.23
N LEU G 435 -53.56 19.92 50.63
CA LEU G 435 -52.80 19.14 51.59
C LEU G 435 -51.82 20.07 52.29
N TRP G 436 -51.63 19.84 53.59
CA TRP G 436 -50.76 20.68 54.40
C TRP G 436 -49.86 19.82 55.28
N ALA G 437 -48.70 20.37 55.62
CA ALA G 437 -47.77 19.74 56.55
C ALA G 437 -47.65 20.63 57.78
N CYS G 438 -47.91 20.06 58.96
CA CYS G 438 -47.94 20.83 60.20
C CYS G 438 -46.77 20.45 61.08
N PRO G 439 -45.96 21.41 61.53
CA PRO G 439 -44.88 21.08 62.46
C PRO G 439 -45.43 20.58 63.79
N MET G 440 -44.65 19.70 64.43
CA MET G 440 -45.07 19.05 65.66
C MET G 440 -44.21 19.39 66.88
N ASP G 441 -42.98 19.87 66.66
CA ASP G 441 -42.06 20.12 67.76
C ASP G 441 -42.60 21.12 68.77
N LYS G 442 -43.55 21.96 68.38
CA LYS G 442 -44.13 22.93 69.30
C LYS G 442 -45.02 22.28 70.36
N TYR G 443 -45.41 21.02 70.18
CA TYR G 443 -46.31 20.34 71.11
C TYR G 443 -45.62 19.34 72.03
N ILE G 444 -44.65 18.59 71.52
CA ILE G 444 -43.95 17.57 72.30
C ILE G 444 -42.53 18.00 72.63
N HIS G 445 -41.74 18.34 71.61
CA HIS G 445 -40.36 18.75 71.81
C HIS G 445 -40.27 20.21 72.23
#